data_3ED1
#
_entry.id   3ED1
#
_cell.length_a   82.717
_cell.length_b   134.142
_cell.length_c   118.872
_cell.angle_alpha   90.00
_cell.angle_beta   105.20
_cell.angle_gamma   90.00
#
_symmetry.space_group_name_H-M   'P 1 21 1'
#
loop_
_entity.id
_entity.type
_entity.pdbx_description
1 polymer 'Gibberellin receptor GID1'
2 non-polymer (4S)-2-METHYL-2,4-PENTANEDIOL
3 non-polymer 'NITRATE ION'
4 non-polymer 'GIBBERELLIN A3'
5 non-polymer 'PHOSPHATE ION'
6 water water
#
_entity_poly.entity_id   1
_entity_poly.type   'polypeptide(L)'
_entity_poly.pdbx_seq_one_letter_code
;AGSDEVNRNECKTVVPLHTWVLISNFKLSYNILRRADGTFERDLGEYLDRRVPANARPLEGVSSFDHIIDQSVGLEVRIY
RAAAEGDAEEGAAAVTRPILEFLTDAPAAEPFPVIIFFHGGSFVHSSASSTIYDSLCRRFVKLSKGVVVSVNYRRAPEHR
YPCAYDDGWTALKWVMSQPFMRSGGDAQARVFLSGDSSGGNIAHHVAVRAADEGVKVCGNILLNAMFGGTERTESERRLD
GKYFVTLQDRDWYWKAYLPEDADRDHPACNPFGPNGRRLGGLPFAKSLIIVSGLDLTCDRQLAYADALREDGHHVKVVQC
ENATVGFYLLPNTVHYHEVMEEISDFLNANLYYGSHHHHHHHHHH
;
_entity_poly.pdbx_strand_id   A,B,C,D,E,F
#
# COMPACT_ATOMS: atom_id res chain seq x y z
N VAL A 14 10.42 5.24 -17.16
CA VAL A 14 10.23 4.01 -16.35
C VAL A 14 8.82 4.05 -15.72
N VAL A 15 8.68 3.37 -14.59
CA VAL A 15 7.45 3.38 -13.84
C VAL A 15 7.62 4.49 -12.80
N PRO A 16 6.65 5.42 -12.69
CA PRO A 16 6.75 6.40 -11.61
C PRO A 16 6.80 5.68 -10.25
N LEU A 17 7.46 6.29 -9.26
CA LEU A 17 7.72 5.59 -8.01
C LEU A 17 6.40 5.23 -7.31
N HIS A 18 5.42 6.14 -7.34
CA HIS A 18 4.18 5.91 -6.61
C HIS A 18 3.39 4.75 -7.24
N THR A 19 3.42 4.67 -8.58
CA THR A 19 2.82 3.55 -9.27
C THR A 19 3.53 2.27 -8.88
N TRP A 20 4.86 2.30 -8.89
CA TRP A 20 5.61 1.11 -8.59
C TRP A 20 5.28 0.61 -7.19
N VAL A 21 5.24 1.53 -6.25
CA VAL A 21 5.01 1.16 -4.86
C VAL A 21 3.55 0.63 -4.70
N LEU A 22 2.58 1.32 -5.28
CA LEU A 22 1.17 0.90 -5.15
C LEU A 22 0.92 -0.46 -5.79
N ILE A 23 1.34 -0.61 -7.06
CA ILE A 23 1.13 -1.90 -7.72
C ILE A 23 1.94 -3.04 -7.11
N SER A 24 3.18 -2.78 -6.67
CA SER A 24 3.91 -3.80 -5.94
C SER A 24 3.24 -4.24 -4.62
N ASN A 25 2.62 -3.30 -3.90
CA ASN A 25 1.91 -3.62 -2.65
C ASN A 25 0.80 -4.64 -2.97
N PHE A 26 0.03 -4.37 -4.02
CA PHE A 26 -0.97 -5.38 -4.47
C PHE A 26 -0.31 -6.71 -4.86
N LYS A 27 0.71 -6.65 -5.69
CA LYS A 27 1.37 -7.89 -6.20
C LYS A 27 1.80 -8.80 -5.03
N LEU A 28 2.46 -8.19 -4.04
CA LEU A 28 3.05 -8.95 -2.94
C LEU A 28 1.98 -9.48 -2.00
N SER A 29 0.92 -8.72 -1.86
CA SER A 29 -0.20 -9.15 -0.99
C SER A 29 -0.86 -10.31 -1.73
N TYR A 30 -1.15 -10.11 -3.03
CA TYR A 30 -1.89 -11.14 -3.77
C TYR A 30 -1.14 -12.44 -3.83
N ASN A 31 0.21 -12.36 -3.88
CA ASN A 31 1.06 -13.57 -3.83
C ASN A 31 0.69 -14.49 -2.68
N ILE A 32 0.33 -13.93 -1.53
CA ILE A 32 0.02 -14.81 -0.40
C ILE A 32 -1.43 -15.30 -0.36
N LEU A 33 -2.28 -14.75 -1.24
CA LEU A 33 -3.70 -15.12 -1.23
C LEU A 33 -4.06 -16.28 -2.17
N ARG A 34 -3.31 -16.40 -3.25
CA ARG A 34 -3.51 -17.51 -4.18
C ARG A 34 -2.94 -18.76 -3.58
N ARG A 35 -3.73 -19.81 -3.47
CA ARG A 35 -3.22 -21.11 -3.02
C ARG A 35 -2.83 -21.98 -4.17
N ALA A 36 -1.81 -22.80 -3.95
CA ALA A 36 -1.33 -23.74 -4.98
C ALA A 36 -2.41 -24.68 -5.46
N ASP A 37 -3.38 -25.01 -4.60
CA ASP A 37 -4.44 -25.94 -5.02
C ASP A 37 -5.61 -25.26 -5.77
N GLY A 38 -5.49 -23.97 -6.04
CA GLY A 38 -6.48 -23.31 -6.88
C GLY A 38 -7.62 -22.74 -6.07
N THR A 39 -7.55 -22.83 -4.73
CA THR A 39 -8.49 -22.13 -3.83
C THR A 39 -7.87 -20.80 -3.42
N PHE A 40 -8.64 -19.98 -2.70
CA PHE A 40 -8.22 -18.60 -2.46
C PHE A 40 -8.39 -18.24 -0.98
N GLU A 41 -7.45 -17.46 -0.44
CA GLU A 41 -7.61 -16.93 0.93
C GLU A 41 -8.61 -15.79 0.98
N ARG A 42 -9.89 -16.12 0.83
CA ARG A 42 -10.91 -15.12 0.62
C ARG A 42 -11.09 -14.21 1.86
N ASP A 43 -11.18 -14.80 3.03
CA ASP A 43 -11.42 -14.00 4.25
C ASP A 43 -10.27 -13.00 4.50
N LEU A 44 -9.04 -13.46 4.32
CA LEU A 44 -7.89 -12.59 4.49
C LEU A 44 -7.85 -11.53 3.39
N GLY A 45 -8.14 -11.93 2.15
CA GLY A 45 -8.29 -10.99 1.02
C GLY A 45 -9.25 -9.87 1.31
N GLU A 46 -10.46 -10.22 1.79
CA GLU A 46 -11.48 -9.22 2.19
C GLU A 46 -10.92 -8.29 3.30
N TYR A 47 -10.24 -8.89 4.26
CA TYR A 47 -9.73 -8.15 5.42
C TYR A 47 -8.63 -7.19 4.97
N LEU A 48 -7.79 -7.61 4.01
CA LEU A 48 -6.65 -6.74 3.60
C LEU A 48 -6.97 -5.70 2.53
N ASP A 49 -8.16 -5.80 1.91
CA ASP A 49 -8.46 -4.88 0.78
C ASP A 49 -8.69 -3.47 1.35
N ARG A 50 -8.30 -2.45 0.60
CA ARG A 50 -8.56 -1.08 1.00
C ARG A 50 -9.87 -0.66 0.36
N ARG A 51 -10.86 -0.36 1.20
CA ARG A 51 -12.21 -0.05 0.73
C ARG A 51 -12.74 1.21 1.40
N VAL A 52 -13.75 1.80 0.75
CA VAL A 52 -14.55 2.89 1.33
C VAL A 52 -16.05 2.65 1.27
N PRO A 53 -16.81 3.26 2.22
CA PRO A 53 -18.26 3.16 2.17
C PRO A 53 -18.86 4.05 1.08
N ALA A 54 -20.11 3.77 0.69
CA ALA A 54 -20.87 4.72 -0.09
C ALA A 54 -21.19 5.92 0.83
N ASN A 55 -21.38 7.11 0.25
CA ASN A 55 -21.78 8.28 1.04
C ASN A 55 -22.66 9.21 0.24
N ALA A 56 -23.89 9.37 0.73
CA ALA A 56 -24.87 10.28 0.13
C ALA A 56 -24.44 11.74 0.17
N ARG A 57 -23.59 12.10 1.11
CA ARG A 57 -23.01 13.44 1.18
C ARG A 57 -21.87 13.55 0.15
N PRO A 58 -21.94 14.54 -0.76
CA PRO A 58 -20.97 14.69 -1.85
C PRO A 58 -19.56 14.95 -1.35
N LEU A 59 -18.59 14.21 -1.88
CA LEU A 59 -17.18 14.53 -1.71
C LEU A 59 -16.69 14.98 -3.07
N GLU A 60 -15.99 16.12 -3.10
CA GLU A 60 -15.61 16.80 -4.34
C GLU A 60 -16.71 16.80 -5.41
N GLY A 61 -17.95 16.95 -4.97
CA GLY A 61 -19.11 17.08 -5.87
C GLY A 61 -19.74 15.80 -6.38
N VAL A 62 -19.33 14.64 -5.84
CA VAL A 62 -19.88 13.34 -6.28
C VAL A 62 -20.41 12.60 -5.06
N SER A 63 -21.61 12.03 -5.20
CA SER A 63 -22.24 11.20 -4.20
C SER A 63 -22.26 9.75 -4.63
N SER A 64 -22.38 8.85 -3.68
CA SER A 64 -22.50 7.44 -3.99
C SER A 64 -23.50 6.75 -3.07
N PHE A 65 -24.06 5.66 -3.59
CA PHE A 65 -25.16 4.91 -2.99
C PHE A 65 -25.01 3.42 -3.32
N ASP A 66 -25.09 2.58 -2.29
CA ASP A 66 -25.10 1.12 -2.48
C ASP A 66 -26.53 0.57 -2.53
N HIS A 67 -26.76 -0.38 -3.44
CA HIS A 67 -28.11 -0.91 -3.68
C HIS A 67 -28.08 -2.34 -4.22
N ILE A 68 -28.87 -3.24 -3.60
CA ILE A 68 -28.96 -4.61 -4.07
C ILE A 68 -29.96 -4.64 -5.22
N ILE A 69 -29.57 -5.23 -6.36
CA ILE A 69 -30.42 -5.20 -7.55
C ILE A 69 -30.94 -6.59 -7.90
N ASP A 70 -30.41 -7.62 -7.26
CA ASP A 70 -30.86 -8.99 -7.47
C ASP A 70 -30.63 -9.79 -6.21
N GLN A 71 -31.70 -9.92 -5.42
CA GLN A 71 -31.65 -10.66 -4.18
C GLN A 71 -31.22 -12.13 -4.32
N SER A 72 -31.68 -12.81 -5.37
CA SER A 72 -31.39 -14.24 -5.55
C SER A 72 -29.89 -14.59 -5.47
N VAL A 73 -29.03 -13.64 -5.83
CA VAL A 73 -27.59 -13.89 -5.77
C VAL A 73 -26.87 -12.83 -4.93
N GLY A 74 -27.64 -12.01 -4.22
CA GLY A 74 -27.07 -10.93 -3.40
C GLY A 74 -26.34 -9.84 -4.19
N LEU A 75 -26.77 -9.60 -5.44
CA LEU A 75 -26.01 -8.72 -6.34
C LEU A 75 -26.18 -7.25 -6.06
N GLU A 76 -25.08 -6.60 -5.69
CA GLU A 76 -25.05 -5.19 -5.30
C GLU A 76 -24.33 -4.28 -6.33
N VAL A 77 -24.78 -3.04 -6.47
CA VAL A 77 -24.09 -2.04 -7.28
C VAL A 77 -23.81 -0.82 -6.43
N ARG A 78 -22.84 0.00 -6.83
CA ARG A 78 -22.67 1.29 -6.22
C ARG A 78 -22.90 2.28 -7.32
N ILE A 79 -23.84 3.19 -7.05
CA ILE A 79 -24.25 4.25 -7.97
C ILE A 79 -23.61 5.57 -7.63
N TYR A 80 -22.98 6.20 -8.62
CA TYR A 80 -22.32 7.50 -8.42
C TYR A 80 -22.96 8.56 -9.31
N ARG A 81 -23.18 9.73 -8.75
CA ARG A 81 -23.76 10.84 -9.51
C ARG A 81 -23.33 12.16 -8.90
N ALA A 82 -23.30 13.21 -9.74
CA ALA A 82 -23.03 14.55 -9.27
C ALA A 82 -24.14 14.99 -8.29
N ALA A 83 -23.74 15.73 -7.24
CA ALA A 83 -24.68 16.25 -6.25
C ALA A 83 -24.23 17.60 -5.72
N PHE A 102 -34.77 8.50 -5.77
CA PHE A 102 -34.17 9.20 -6.91
C PHE A 102 -34.18 8.34 -8.18
N LEU A 103 -34.16 7.02 -7.99
CA LEU A 103 -34.22 6.07 -9.11
C LEU A 103 -35.57 6.17 -9.80
N THR A 104 -36.54 6.74 -9.08
CA THR A 104 -37.90 6.93 -9.55
C THR A 104 -38.07 8.18 -10.42
N ASP A 105 -37.16 9.14 -10.27
CA ASP A 105 -37.20 10.41 -11.02
C ASP A 105 -37.43 10.23 -12.51
N ALA A 106 -38.02 11.26 -13.14
CA ALA A 106 -38.29 11.25 -14.58
C ALA A 106 -36.99 11.24 -15.39
N PRO A 107 -37.01 10.58 -16.56
CA PRO A 107 -35.92 10.70 -17.54
C PRO A 107 -35.48 12.15 -17.78
N ALA A 108 -34.16 12.38 -17.85
CA ALA A 108 -33.63 13.71 -18.15
C ALA A 108 -33.94 14.15 -19.59
N ALA A 109 -34.20 15.45 -19.78
CA ALA A 109 -34.51 15.97 -21.10
C ALA A 109 -33.29 15.86 -22.00
N GLU A 110 -32.14 16.27 -21.45
CA GLU A 110 -30.86 16.25 -22.17
C GLU A 110 -30.12 14.93 -21.95
N PRO A 111 -29.58 14.34 -23.03
CA PRO A 111 -28.84 13.08 -22.95
C PRO A 111 -27.71 13.14 -21.91
N PHE A 112 -27.55 12.07 -21.16
CA PHE A 112 -26.36 11.90 -20.31
C PHE A 112 -25.95 10.44 -20.34
N PRO A 113 -24.64 10.17 -20.21
CA PRO A 113 -24.15 8.78 -20.24
C PRO A 113 -24.37 8.04 -18.94
N VAL A 114 -24.69 6.76 -19.03
CA VAL A 114 -24.62 5.91 -17.87
C VAL A 114 -23.48 4.93 -18.16
N ILE A 115 -22.48 4.98 -17.31
CA ILE A 115 -21.37 4.06 -17.43
C ILE A 115 -21.56 2.94 -16.43
N ILE A 116 -21.75 1.74 -16.96
CA ILE A 116 -21.75 0.53 -16.14
C ILE A 116 -20.32 -0.01 -16.06
N PHE A 117 -19.75 0.01 -14.85
CA PHE A 117 -18.33 -0.29 -14.65
C PHE A 117 -18.15 -1.61 -13.93
N PHE A 118 -17.21 -2.41 -14.40
CA PHE A 118 -16.86 -3.70 -13.81
C PHE A 118 -15.41 -3.62 -13.40
N HIS A 119 -15.16 -3.75 -12.10
CA HIS A 119 -13.80 -3.63 -11.59
C HIS A 119 -12.89 -4.76 -12.05
N GLY A 120 -11.59 -4.45 -12.11
CA GLY A 120 -10.52 -5.44 -12.36
C GLY A 120 -10.22 -6.25 -11.12
N GLY A 121 -9.13 -7.01 -11.14
CA GLY A 121 -8.84 -7.98 -10.07
C GLY A 121 -8.84 -9.41 -10.59
N SER A 122 -8.80 -9.58 -11.93
CA SER A 122 -8.55 -10.89 -12.56
C SER A 122 -9.60 -11.94 -12.22
N PHE A 123 -10.85 -11.46 -12.05
CA PHE A 123 -12.02 -12.28 -11.68
C PHE A 123 -12.12 -12.67 -10.21
N VAL A 124 -11.06 -12.40 -9.46
CA VAL A 124 -10.86 -12.91 -8.08
C VAL A 124 -10.89 -11.81 -6.98
N HIS A 125 -10.26 -10.66 -7.26
CA HIS A 125 -9.98 -9.64 -6.27
C HIS A 125 -10.87 -8.44 -6.43
N SER A 126 -10.83 -7.56 -5.42
CA SER A 126 -11.48 -6.23 -5.46
C SER A 126 -12.98 -6.28 -5.43
N SER A 127 -13.58 -5.10 -5.38
CA SER A 127 -15.00 -4.93 -5.12
C SER A 127 -15.36 -3.53 -5.63
N ALA A 128 -16.63 -3.23 -5.78
CA ALA A 128 -17.02 -1.89 -6.11
C ALA A 128 -16.63 -0.92 -5.01
N SER A 129 -16.44 -1.42 -3.80
CA SER A 129 -16.06 -0.53 -2.69
C SER A 129 -14.53 -0.33 -2.59
N SER A 130 -13.76 -1.07 -3.36
CA SER A 130 -12.29 -0.95 -3.31
C SER A 130 -11.94 0.46 -3.66
N THR A 131 -11.06 1.04 -2.84
CA THR A 131 -10.79 2.49 -2.95
C THR A 131 -10.27 2.86 -4.33
N ILE A 132 -9.38 2.03 -4.93
CA ILE A 132 -8.89 2.35 -6.26
C ILE A 132 -10.01 2.47 -7.29
N TYR A 133 -11.08 1.70 -7.09
CA TYR A 133 -12.21 1.73 -8.05
C TYR A 133 -13.27 2.76 -7.71
N ASP A 134 -13.47 2.97 -6.41
CA ASP A 134 -14.32 4.07 -5.95
C ASP A 134 -13.78 5.40 -6.48
N SER A 135 -12.46 5.57 -6.39
CA SER A 135 -11.79 6.75 -6.89
C SER A 135 -11.97 6.89 -8.41
N LEU A 136 -11.72 5.80 -9.12
CA LEU A 136 -11.84 5.83 -10.60
C LEU A 136 -13.28 6.15 -11.03
N CYS A 137 -14.28 5.56 -10.37
CA CYS A 137 -15.69 5.87 -10.71
C CYS A 137 -16.08 7.33 -10.44
N ARG A 138 -15.67 7.88 -9.30
CA ARG A 138 -15.79 9.31 -9.06
C ARG A 138 -15.17 10.17 -10.20
N ARG A 139 -13.99 9.82 -10.66
CA ARG A 139 -13.34 10.55 -11.75
C ARG A 139 -14.21 10.40 -13.03
N PHE A 140 -14.71 9.20 -13.26
CA PHE A 140 -15.62 8.97 -14.41
C PHE A 140 -16.87 9.85 -14.37
N VAL A 141 -17.47 10.03 -13.19
CA VAL A 141 -18.64 10.97 -13.07
C VAL A 141 -18.26 12.40 -13.45
N LYS A 142 -17.13 12.88 -12.94
CA LYS A 142 -16.69 14.25 -13.21
C LYS A 142 -16.41 14.45 -14.70
N LEU A 143 -15.74 13.46 -15.26
CA LEU A 143 -15.39 13.41 -16.66
C LEU A 143 -16.61 13.36 -17.60
N SER A 144 -17.61 12.54 -17.26
CA SER A 144 -18.73 12.24 -18.12
C SER A 144 -19.92 13.18 -17.95
N LYS A 145 -19.95 13.88 -16.82
CA LYS A 145 -21.16 14.52 -16.33
C LYS A 145 -22.36 13.59 -16.39
N GLY A 146 -22.17 12.34 -15.98
CA GLY A 146 -23.21 11.32 -16.11
C GLY A 146 -23.31 10.52 -14.84
N VAL A 147 -23.75 9.27 -14.98
CA VAL A 147 -23.95 8.40 -13.83
C VAL A 147 -23.04 7.20 -14.03
N VAL A 148 -22.40 6.75 -12.94
CA VAL A 148 -21.62 5.51 -12.96
C VAL A 148 -22.30 4.45 -12.11
N VAL A 149 -22.45 3.24 -12.64
CA VAL A 149 -22.99 2.11 -11.88
C VAL A 149 -21.92 1.03 -11.81
N SER A 150 -21.35 0.87 -10.61
CA SER A 150 -20.21 -0.02 -10.44
C SER A 150 -20.74 -1.33 -9.90
N VAL A 151 -20.46 -2.43 -10.59
CA VAL A 151 -21.13 -3.71 -10.31
C VAL A 151 -20.26 -4.60 -9.43
N ASN A 152 -20.81 -5.04 -8.30
CA ASN A 152 -20.09 -5.95 -7.40
C ASN A 152 -20.27 -7.38 -7.85
N TYR A 153 -19.74 -7.74 -9.02
CA TYR A 153 -20.01 -9.07 -9.53
C TYR A 153 -19.41 -10.19 -8.64
N ARG A 154 -20.04 -11.36 -8.67
CA ARG A 154 -19.54 -12.56 -7.97
C ARG A 154 -18.20 -12.98 -8.55
N ARG A 155 -17.25 -13.31 -7.66
CA ARG A 155 -15.87 -13.53 -8.03
C ARG A 155 -15.47 -14.98 -7.95
N ALA A 156 -14.48 -15.33 -8.77
CA ALA A 156 -13.80 -16.63 -8.70
C ALA A 156 -12.82 -16.66 -7.51
N PRO A 157 -12.38 -17.86 -7.09
CA PRO A 157 -12.79 -19.19 -7.60
C PRO A 157 -14.10 -19.70 -7.05
N GLU A 158 -14.69 -19.00 -6.08
CA GLU A 158 -15.93 -19.54 -5.48
C GLU A 158 -17.06 -19.55 -6.49
N HIS A 159 -17.10 -18.54 -7.36
CA HIS A 159 -18.11 -18.38 -8.38
C HIS A 159 -17.39 -18.36 -9.73
N ARG A 160 -17.53 -19.48 -10.43
CA ARG A 160 -16.90 -19.69 -11.70
C ARG A 160 -17.77 -19.16 -12.86
N TYR A 161 -17.19 -19.15 -14.05
CA TYR A 161 -17.93 -18.92 -15.28
C TYR A 161 -19.28 -19.67 -15.21
N PRO A 162 -20.39 -19.03 -15.62
CA PRO A 162 -20.50 -17.70 -16.18
C PRO A 162 -21.02 -16.67 -15.19
N CYS A 163 -20.83 -16.85 -13.88
CA CYS A 163 -21.51 -15.99 -12.88
C CYS A 163 -21.24 -14.50 -13.07
N ALA A 164 -19.99 -14.13 -13.30
CA ALA A 164 -19.67 -12.71 -13.45
C ALA A 164 -20.40 -12.12 -14.69
N TYR A 165 -20.44 -12.90 -15.78
CA TYR A 165 -21.20 -12.47 -16.97
C TYR A 165 -22.70 -12.33 -16.67
N ASP A 166 -23.25 -13.31 -15.95
CA ASP A 166 -24.66 -13.25 -15.54
C ASP A 166 -24.94 -11.99 -14.78
N ASP A 167 -24.06 -11.67 -13.82
CA ASP A 167 -24.25 -10.46 -13.02
C ASP A 167 -24.17 -9.20 -13.85
N GLY A 168 -23.27 -9.16 -14.83
CA GLY A 168 -23.19 -7.97 -15.71
C GLY A 168 -24.47 -7.82 -16.55
N TRP A 169 -25.01 -8.94 -17.03
CA TRP A 169 -26.27 -8.90 -17.78
C TRP A 169 -27.42 -8.42 -16.89
N THR A 170 -27.51 -9.00 -15.70
CA THR A 170 -28.47 -8.53 -14.69
C THR A 170 -28.38 -7.02 -14.47
N ALA A 171 -27.16 -6.47 -14.38
CA ALA A 171 -26.98 -5.04 -14.11
C ALA A 171 -27.35 -4.21 -15.33
N LEU A 172 -27.02 -4.68 -16.52
CA LEU A 172 -27.45 -3.95 -17.71
C LEU A 172 -28.98 -3.83 -17.77
N LYS A 173 -29.68 -4.94 -17.55
CA LYS A 173 -31.16 -4.93 -17.66
C LYS A 173 -31.74 -4.04 -16.59
N TRP A 174 -31.15 -4.08 -15.40
CA TRP A 174 -31.66 -3.25 -14.30
C TRP A 174 -31.52 -1.77 -14.63
N VAL A 175 -30.36 -1.39 -15.14
CA VAL A 175 -30.12 0.01 -15.46
C VAL A 175 -31.14 0.49 -16.48
N MET A 176 -31.37 -0.31 -17.52
CA MET A 176 -32.27 0.07 -18.61
C MET A 176 -33.70 0.31 -18.14
N SER A 177 -34.08 -0.40 -17.07
CA SER A 177 -35.44 -0.36 -16.54
C SER A 177 -35.73 0.83 -15.59
N GLN A 178 -34.69 1.55 -15.15
CA GLN A 178 -34.89 2.67 -14.19
C GLN A 178 -35.16 3.96 -14.93
N PRO A 179 -36.29 4.63 -14.59
CA PRO A 179 -36.64 5.92 -15.19
C PRO A 179 -35.52 6.96 -15.04
N PHE A 180 -34.91 7.00 -13.84
CA PHE A 180 -33.81 7.92 -13.57
C PHE A 180 -32.62 7.81 -14.57
N MET A 181 -32.31 6.59 -15.01
CA MET A 181 -31.15 6.33 -15.89
C MET A 181 -31.36 6.77 -17.34
N ARG A 182 -32.63 7.05 -17.68
CA ARG A 182 -33.05 7.38 -19.06
C ARG A 182 -32.92 8.86 -19.36
N SER A 183 -32.69 9.20 -20.62
CA SER A 183 -32.49 10.59 -21.02
C SER A 183 -32.66 10.83 -22.54
N GLY A 184 -32.74 12.10 -22.90
CA GLY A 184 -32.87 12.52 -24.30
C GLY A 184 -34.30 12.41 -24.84
N GLY A 185 -34.44 12.64 -26.14
CA GLY A 185 -35.73 12.63 -26.81
C GLY A 185 -36.45 11.30 -26.68
N ASP A 186 -35.77 10.22 -27.09
CA ASP A 186 -36.30 8.86 -27.04
C ASP A 186 -36.39 8.23 -25.63
N ALA A 187 -36.09 9.02 -24.60
CA ALA A 187 -36.09 8.56 -23.20
C ALA A 187 -35.59 7.12 -23.04
N GLN A 188 -34.30 6.92 -23.29
CA GLN A 188 -33.69 5.63 -23.06
C GLN A 188 -32.38 5.83 -22.30
N ALA A 189 -31.98 4.82 -21.52
CA ALA A 189 -30.67 4.84 -20.87
C ALA A 189 -29.58 4.81 -21.93
N ARG A 190 -28.71 5.82 -21.94
CA ARG A 190 -27.56 5.81 -22.84
C ARG A 190 -26.35 5.11 -22.19
N VAL A 191 -26.29 3.81 -22.38
CA VAL A 191 -25.37 2.95 -21.62
C VAL A 191 -24.00 2.76 -22.28
N PHE A 192 -22.94 2.89 -21.48
CA PHE A 192 -21.61 2.48 -21.90
C PHE A 192 -21.20 1.37 -20.94
N LEU A 193 -20.64 0.28 -21.46
CA LEU A 193 -20.14 -0.79 -20.59
C LEU A 193 -18.65 -0.57 -20.50
N SER A 194 -18.09 -0.63 -19.29
CA SER A 194 -16.66 -0.31 -19.11
C SER A 194 -16.05 -1.25 -18.08
N GLY A 195 -14.75 -1.52 -18.18
CA GLY A 195 -14.11 -2.30 -17.10
C GLY A 195 -12.64 -2.37 -17.40
N ASP A 196 -11.83 -2.59 -16.35
CA ASP A 196 -10.42 -2.89 -16.54
C ASP A 196 -10.16 -4.35 -16.21
N SER A 197 -9.06 -4.91 -16.75
CA SER A 197 -8.64 -6.27 -16.40
C SER A 197 -9.86 -7.20 -16.64
N SER A 198 -10.14 -8.13 -15.72
CA SER A 198 -11.32 -8.99 -15.82
C SER A 198 -12.61 -8.23 -16.10
N GLY A 199 -12.77 -7.03 -15.54
CA GLY A 199 -13.92 -6.20 -15.86
C GLY A 199 -14.07 -5.81 -17.32
N GLY A 200 -12.97 -5.62 -18.04
CA GLY A 200 -13.07 -5.37 -19.50
C GLY A 200 -13.58 -6.63 -20.23
N ASN A 201 -13.08 -7.78 -19.82
CA ASN A 201 -13.61 -9.05 -20.34
C ASN A 201 -15.12 -9.18 -20.13
N ILE A 202 -15.56 -8.90 -18.91
CA ILE A 202 -16.99 -8.93 -18.60
C ILE A 202 -17.76 -7.94 -19.47
N ALA A 203 -17.27 -6.70 -19.59
CA ALA A 203 -17.96 -5.69 -20.38
C ALA A 203 -18.18 -6.23 -21.78
N HIS A 204 -17.15 -6.87 -22.36
CA HIS A 204 -17.26 -7.45 -23.72
C HIS A 204 -18.39 -8.47 -23.82
N HIS A 205 -18.46 -9.39 -22.85
CA HIS A 205 -19.42 -10.52 -22.97
C HIS A 205 -20.83 -10.04 -22.77
N VAL A 206 -20.97 -9.06 -21.89
CA VAL A 206 -22.26 -8.43 -21.70
C VAL A 206 -22.69 -7.69 -22.97
N ALA A 207 -21.73 -7.01 -23.61
CA ALA A 207 -21.99 -6.29 -24.87
C ALA A 207 -22.44 -7.24 -26.01
N VAL A 208 -21.81 -8.40 -26.07
CA VAL A 208 -22.18 -9.45 -27.06
C VAL A 208 -23.59 -9.91 -26.79
N ARG A 209 -23.89 -10.22 -25.54
CA ARG A 209 -25.23 -10.64 -25.17
C ARG A 209 -26.28 -9.58 -25.51
N ALA A 210 -25.95 -8.31 -25.28
CA ALA A 210 -26.80 -7.19 -25.62
C ALA A 210 -27.08 -7.16 -27.14
N ALA A 211 -26.04 -7.37 -27.93
CA ALA A 211 -26.17 -7.31 -29.39
C ALA A 211 -27.04 -8.48 -29.89
N ASP A 212 -26.84 -9.67 -29.32
CA ASP A 212 -27.71 -10.82 -29.59
C ASP A 212 -29.18 -10.59 -29.25
N GLU A 213 -29.45 -9.81 -28.21
CA GLU A 213 -30.83 -9.52 -27.80
C GLU A 213 -31.39 -8.19 -28.28
N GLY A 214 -30.64 -7.48 -29.11
CA GLY A 214 -31.09 -6.22 -29.69
C GLY A 214 -31.20 -5.08 -28.68
N VAL A 215 -30.48 -5.22 -27.57
CA VAL A 215 -30.36 -4.17 -26.55
C VAL A 215 -29.25 -3.19 -26.98
N LYS A 216 -29.56 -1.89 -27.01
CA LYS A 216 -28.62 -0.91 -27.54
C LYS A 216 -27.60 -0.52 -26.47
N VAL A 217 -26.33 -0.71 -26.79
CA VAL A 217 -25.20 -0.21 -25.97
C VAL A 217 -24.49 0.87 -26.77
N CYS A 218 -24.32 2.06 -26.18
CA CYS A 218 -23.67 3.15 -26.90
C CYS A 218 -22.18 2.97 -27.13
N GLY A 219 -21.48 2.30 -26.22
CA GLY A 219 -20.07 2.10 -26.44
C GLY A 219 -19.53 1.22 -25.35
N ASN A 220 -18.43 0.54 -25.65
CA ASN A 220 -17.69 -0.18 -24.61
C ASN A 220 -16.37 0.56 -24.37
N ILE A 221 -15.96 0.63 -23.09
CA ILE A 221 -14.68 1.25 -22.77
C ILE A 221 -13.83 0.26 -21.98
N LEU A 222 -12.80 -0.28 -22.63
CA LEU A 222 -12.05 -1.41 -22.11
C LEU A 222 -10.68 -0.91 -21.73
N LEU A 223 -10.30 -1.11 -20.47
CA LEU A 223 -8.94 -0.74 -20.06
C LEU A 223 -8.13 -1.97 -19.71
N ASN A 224 -7.14 -2.31 -20.54
CA ASN A 224 -6.38 -3.54 -20.32
C ASN A 224 -7.33 -4.73 -20.07
N ALA A 225 -8.34 -4.87 -20.95
CA ALA A 225 -9.26 -6.03 -20.94
C ALA A 225 -8.48 -7.32 -20.91
N MET A 226 -8.97 -8.24 -20.08
CA MET A 226 -8.24 -9.46 -19.83
C MET A 226 -8.68 -10.56 -20.81
N PHE A 227 -7.75 -11.00 -21.68
CA PHE A 227 -8.02 -12.13 -22.59
C PHE A 227 -6.82 -13.03 -22.53
N GLY A 228 -6.98 -14.27 -23.01
CA GLY A 228 -5.97 -15.30 -22.86
C GLY A 228 -6.08 -16.34 -23.98
N GLY A 229 -5.24 -17.38 -23.90
CA GLY A 229 -5.19 -18.45 -24.92
C GLY A 229 -4.21 -19.51 -24.48
N THR A 230 -4.32 -20.71 -25.05
CA THR A 230 -3.43 -21.78 -24.63
C THR A 230 -1.98 -21.49 -24.99
N GLU A 231 -1.73 -20.96 -26.18
CA GLU A 231 -0.35 -20.59 -26.58
C GLU A 231 0.07 -19.23 -26.03
N ARG A 232 1.36 -19.00 -25.89
CA ARG A 232 1.86 -17.67 -25.51
C ARG A 232 2.02 -16.81 -26.73
N THR A 233 1.79 -15.51 -26.55
CA THR A 233 2.08 -14.55 -27.60
C THR A 233 3.49 -14.06 -27.38
N GLU A 234 4.04 -13.35 -28.37
CA GLU A 234 5.34 -12.70 -28.20
C GLU A 234 5.37 -11.78 -26.96
N SER A 235 4.38 -10.92 -26.82
CA SER A 235 4.39 -9.98 -25.68
C SER A 235 4.38 -10.71 -24.35
N GLU A 236 3.67 -11.84 -24.29
CA GLU A 236 3.61 -12.63 -23.08
C GLU A 236 4.99 -13.14 -22.66
N ARG A 237 5.72 -13.72 -23.62
CA ARG A 237 7.05 -14.24 -23.35
C ARG A 237 8.05 -13.12 -23.02
N ARG A 238 8.02 -12.04 -23.78
CA ARG A 238 8.92 -10.91 -23.59
C ARG A 238 8.69 -10.11 -22.28
N LEU A 239 7.43 -9.89 -21.90
CA LEU A 239 7.14 -8.99 -20.76
C LEU A 239 6.89 -9.74 -19.43
N ASP A 240 6.80 -11.06 -19.50
CA ASP A 240 6.60 -11.89 -18.33
C ASP A 240 7.52 -11.50 -17.17
N GLY A 241 6.95 -11.15 -16.03
CA GLY A 241 7.79 -10.85 -14.86
C GLY A 241 8.44 -9.47 -14.80
N LYS A 242 8.34 -8.68 -15.88
CA LYS A 242 9.09 -7.41 -15.96
C LYS A 242 8.41 -6.20 -15.37
N TYR A 243 7.07 -6.24 -15.42
CA TYR A 243 6.23 -5.13 -14.94
C TYR A 243 5.04 -5.67 -14.18
N PHE A 244 5.32 -6.28 -13.02
CA PHE A 244 4.33 -6.69 -12.00
C PHE A 244 3.67 -8.02 -12.34
N VAL A 245 3.21 -8.16 -13.57
CA VAL A 245 2.40 -9.33 -13.94
C VAL A 245 3.30 -10.52 -14.35
N THR A 246 2.91 -11.71 -13.92
CA THR A 246 3.63 -12.93 -14.33
C THR A 246 2.68 -13.85 -15.08
N LEU A 247 3.22 -14.65 -16.01
CA LEU A 247 2.36 -15.66 -16.67
C LEU A 247 1.82 -16.66 -15.65
N GLN A 248 2.59 -16.94 -14.60
CA GLN A 248 2.16 -17.92 -13.63
C GLN A 248 0.88 -17.43 -12.94
N ASP A 249 0.84 -16.13 -12.59
CA ASP A 249 -0.39 -15.62 -12.00
C ASP A 249 -1.54 -15.49 -13.03
N ARG A 250 -1.26 -15.07 -14.27
CA ARG A 250 -2.34 -15.02 -15.28
C ARG A 250 -2.97 -16.40 -15.45
N ASP A 251 -2.11 -17.42 -15.58
CA ASP A 251 -2.62 -18.78 -15.70
C ASP A 251 -3.49 -19.16 -14.52
N TRP A 252 -3.06 -18.79 -13.31
CA TRP A 252 -3.80 -19.10 -12.07
C TRP A 252 -5.21 -18.51 -12.08
N TYR A 253 -5.32 -17.24 -12.45
CA TYR A 253 -6.63 -16.58 -12.48
C TYR A 253 -7.59 -17.16 -13.53
N TRP A 254 -7.05 -17.47 -14.70
CA TRP A 254 -7.89 -18.14 -15.72
C TRP A 254 -8.36 -19.49 -15.21
N LYS A 255 -7.47 -20.23 -14.58
CA LYS A 255 -7.85 -21.52 -14.01
C LYS A 255 -8.96 -21.33 -12.97
N ALA A 256 -8.87 -20.25 -12.20
CA ALA A 256 -9.85 -19.97 -11.13
C ALA A 256 -11.25 -19.63 -11.59
N TYR A 257 -11.34 -18.95 -12.74
CA TYR A 257 -12.64 -18.48 -13.26
C TYR A 257 -13.26 -19.48 -14.24
N LEU A 258 -12.44 -20.11 -15.07
CA LEU A 258 -12.97 -20.97 -16.16
C LEU A 258 -13.51 -22.30 -15.56
N PRO A 259 -14.43 -22.97 -16.29
CA PRO A 259 -14.88 -24.27 -15.76
C PRO A 259 -13.72 -25.21 -15.43
N GLU A 260 -13.92 -26.09 -14.46
CA GLU A 260 -12.85 -27.02 -14.09
C GLU A 260 -12.34 -27.87 -15.26
N ASP A 261 -13.21 -28.22 -16.19
CA ASP A 261 -12.77 -29.04 -17.33
C ASP A 261 -12.20 -28.26 -18.52
N ALA A 262 -12.06 -26.93 -18.40
CA ALA A 262 -11.76 -26.08 -19.56
C ALA A 262 -10.28 -25.70 -19.64
N ASP A 263 -9.89 -25.11 -20.77
CA ASP A 263 -8.55 -24.51 -20.86
C ASP A 263 -8.60 -23.08 -21.40
N ARG A 264 -7.44 -22.48 -21.66
CA ARG A 264 -7.45 -21.03 -21.99
C ARG A 264 -7.98 -20.72 -23.40
N ASP A 265 -8.26 -21.77 -24.18
CA ASP A 265 -8.99 -21.55 -25.47
C ASP A 265 -10.52 -21.64 -25.30
N HIS A 266 -10.99 -21.72 -24.07
CA HIS A 266 -12.42 -21.53 -23.81
C HIS A 266 -12.78 -20.14 -24.34
N PRO A 267 -13.96 -19.99 -24.99
CA PRO A 267 -14.31 -18.68 -25.57
C PRO A 267 -14.47 -17.53 -24.57
N ALA A 268 -14.70 -17.83 -23.29
CA ALA A 268 -14.78 -16.77 -22.25
C ALA A 268 -13.43 -16.07 -22.20
N CYS A 269 -12.39 -16.89 -22.30
CA CYS A 269 -11.01 -16.44 -22.23
C CYS A 269 -10.48 -15.93 -23.58
N ASN A 270 -10.78 -16.67 -24.65
CA ASN A 270 -10.18 -16.44 -25.98
C ASN A 270 -11.34 -16.32 -26.98
N PRO A 271 -12.07 -15.19 -26.96
CA PRO A 271 -13.34 -15.07 -27.69
C PRO A 271 -13.26 -15.20 -29.22
N PHE A 272 -12.09 -14.95 -29.81
CA PHE A 272 -11.83 -15.14 -31.26
C PHE A 272 -10.77 -16.19 -31.56
N GLY A 273 -10.54 -17.10 -30.62
CA GLY A 273 -9.57 -18.18 -30.81
C GLY A 273 -10.26 -19.39 -31.46
N PRO A 274 -9.61 -20.57 -31.37
CA PRO A 274 -10.14 -21.76 -32.07
C PRO A 274 -11.58 -22.13 -31.72
N ASN A 275 -12.03 -21.78 -30.51
CA ASN A 275 -13.43 -22.03 -30.15
C ASN A 275 -14.31 -20.80 -30.14
N GLY A 276 -13.82 -19.75 -30.80
CA GLY A 276 -14.46 -18.46 -30.77
C GLY A 276 -15.67 -18.28 -31.67
N ARG A 277 -16.15 -17.05 -31.70
CA ARG A 277 -17.34 -16.71 -32.47
C ARG A 277 -17.15 -15.33 -33.06
N ARG A 278 -17.28 -15.19 -34.37
CA ARG A 278 -17.18 -13.90 -34.99
C ARG A 278 -18.49 -13.13 -34.79
N LEU A 279 -18.40 -11.80 -34.84
CA LEU A 279 -19.50 -10.94 -34.46
C LEU A 279 -20.07 -10.13 -35.64
N GLY A 280 -19.65 -10.47 -36.86
CA GLY A 280 -20.20 -9.86 -38.07
C GLY A 280 -21.71 -9.84 -38.05
N GLY A 281 -22.31 -8.70 -38.37
CA GLY A 281 -23.76 -8.58 -38.49
C GLY A 281 -24.52 -8.19 -37.24
N LEU A 282 -23.87 -8.22 -36.07
CA LEU A 282 -24.57 -7.93 -34.83
C LEU A 282 -24.57 -6.42 -34.61
N PRO A 283 -25.61 -5.90 -33.95
CA PRO A 283 -25.61 -4.48 -33.62
C PRO A 283 -24.69 -4.21 -32.41
N PHE A 284 -23.41 -4.55 -32.56
CA PHE A 284 -22.41 -4.46 -31.47
C PHE A 284 -21.99 -3.02 -31.22
N ALA A 285 -21.76 -2.72 -29.93
CA ALA A 285 -21.31 -1.42 -29.47
C ALA A 285 -20.03 -0.95 -30.16
N LYS A 286 -19.88 0.36 -30.36
CA LYS A 286 -18.58 0.94 -30.73
C LYS A 286 -17.62 0.74 -29.53
N SER A 287 -16.31 0.61 -29.77
CA SER A 287 -15.35 0.30 -28.69
C SER A 287 -14.23 1.32 -28.62
N LEU A 288 -13.87 1.65 -27.38
CA LEU A 288 -12.67 2.43 -27.08
C LEU A 288 -11.82 1.45 -26.32
N ILE A 289 -10.68 1.09 -26.88
CA ILE A 289 -9.88 0.00 -26.36
C ILE A 289 -8.54 0.55 -25.94
N ILE A 290 -8.34 0.60 -24.63
CA ILE A 290 -7.14 1.19 -24.09
C ILE A 290 -6.16 0.09 -23.66
N VAL A 291 -4.94 0.19 -24.16
CA VAL A 291 -3.94 -0.89 -24.02
C VAL A 291 -2.61 -0.35 -23.49
N SER A 292 -2.13 -0.89 -22.37
CA SER A 292 -0.79 -0.63 -21.86
C SER A 292 0.27 -1.41 -22.65
N GLY A 293 1.25 -0.70 -23.19
CA GLY A 293 2.33 -1.39 -23.91
C GLY A 293 3.15 -2.29 -23.01
N LEU A 294 3.16 -2.02 -21.68
CA LEU A 294 3.92 -2.86 -20.77
C LEU A 294 3.09 -3.88 -20.01
N ASP A 295 1.87 -4.11 -20.49
CA ASP A 295 1.01 -5.21 -20.04
C ASP A 295 1.36 -6.35 -20.99
N LEU A 296 1.84 -7.45 -20.41
CA LEU A 296 2.27 -8.62 -21.21
C LEU A 296 1.19 -9.24 -22.13
N THR A 297 -0.08 -8.94 -21.88
CA THR A 297 -1.15 -9.43 -22.76
C THR A 297 -1.50 -8.38 -23.83
N CYS A 298 -0.68 -7.35 -24.03
CA CYS A 298 -1.03 -6.34 -25.06
C CYS A 298 -1.33 -6.94 -26.45
N ASP A 299 -0.55 -7.95 -26.86
CA ASP A 299 -0.75 -8.60 -28.18
C ASP A 299 -2.19 -9.06 -28.36
N ARG A 300 -2.72 -9.70 -27.31
CA ARG A 300 -4.09 -10.25 -27.32
C ARG A 300 -5.16 -9.18 -27.40
N GLN A 301 -4.90 -8.06 -26.71
CA GLN A 301 -5.80 -6.94 -26.74
C GLN A 301 -5.87 -6.31 -28.12
N LEU A 302 -4.73 -6.20 -28.77
CA LEU A 302 -4.69 -5.59 -30.10
C LEU A 302 -5.30 -6.50 -31.16
N ALA A 303 -5.07 -7.81 -31.02
CA ALA A 303 -5.66 -8.84 -31.90
C ALA A 303 -7.19 -8.88 -31.68
N TYR A 304 -7.63 -8.73 -30.43
CA TYR A 304 -9.05 -8.53 -30.11
C TYR A 304 -9.65 -7.34 -30.87
N ALA A 305 -9.02 -6.18 -30.76
CA ALA A 305 -9.43 -5.00 -31.49
C ALA A 305 -9.44 -5.27 -33.02
N ASP A 306 -8.39 -5.92 -33.52
CA ASP A 306 -8.28 -6.23 -34.96
C ASP A 306 -9.48 -7.08 -35.42
N ALA A 307 -9.84 -8.08 -34.61
CA ALA A 307 -10.97 -8.95 -34.92
C ALA A 307 -12.31 -8.19 -34.99
N LEU A 308 -12.56 -7.30 -34.01
CA LEU A 308 -13.72 -6.45 -34.05
C LEU A 308 -13.81 -5.63 -35.33
N ARG A 309 -12.68 -5.06 -35.76
CA ARG A 309 -12.66 -4.29 -37.01
C ARG A 309 -12.97 -5.18 -38.21
N GLU A 310 -12.26 -6.31 -38.27
CA GLU A 310 -12.49 -7.35 -39.26
C GLU A 310 -13.96 -7.74 -39.39
N ASP A 311 -14.69 -7.73 -38.26
CA ASP A 311 -16.12 -8.02 -38.24
C ASP A 311 -17.02 -6.82 -38.55
N GLY A 312 -16.43 -5.70 -38.89
CA GLY A 312 -17.19 -4.53 -39.36
C GLY A 312 -17.61 -3.56 -38.26
N HIS A 313 -17.03 -3.71 -37.08
CA HIS A 313 -17.45 -2.84 -35.97
C HIS A 313 -16.49 -1.71 -35.80
N HIS A 314 -16.96 -0.64 -35.18
CA HIS A 314 -16.12 0.53 -35.04
C HIS A 314 -15.23 0.39 -33.80
N VAL A 315 -13.91 0.57 -33.96
CA VAL A 315 -12.95 0.46 -32.86
C VAL A 315 -11.98 1.65 -32.88
N LYS A 316 -11.72 2.22 -31.70
CA LYS A 316 -10.63 3.18 -31.52
C LYS A 316 -9.68 2.57 -30.48
N VAL A 317 -8.42 2.40 -30.84
CA VAL A 317 -7.44 1.79 -29.97
C VAL A 317 -6.53 2.93 -29.47
N VAL A 318 -6.29 2.97 -28.16
CA VAL A 318 -5.34 3.94 -27.60
C VAL A 318 -4.22 3.12 -27.00
N GLN A 319 -3.08 3.08 -27.67
CA GLN A 319 -1.93 2.35 -27.13
C GLN A 319 -1.08 3.28 -26.27
N CYS A 320 -0.89 2.91 -25.01
CA CYS A 320 -0.09 3.73 -24.10
C CYS A 320 1.22 3.01 -23.92
N GLU A 321 2.19 3.34 -24.77
CA GLU A 321 3.40 2.50 -24.89
C GLU A 321 4.23 2.37 -23.62
N ASN A 322 4.28 3.44 -22.85
CA ASN A 322 5.09 3.52 -21.63
C ASN A 322 4.35 3.11 -20.36
N ALA A 323 3.10 2.66 -20.51
CA ALA A 323 2.26 2.39 -19.34
C ALA A 323 2.26 0.93 -18.90
N THR A 324 2.19 0.72 -17.58
CA THR A 324 2.10 -0.60 -16.99
C THR A 324 0.62 -0.84 -16.71
N VAL A 325 0.28 -2.01 -16.19
CA VAL A 325 -1.07 -2.24 -15.71
C VAL A 325 -1.33 -1.17 -14.65
N GLY A 326 -2.60 -0.85 -14.44
CA GLY A 326 -2.99 0.05 -13.36
C GLY A 326 -2.76 1.54 -13.56
N PHE A 327 -2.18 1.96 -14.69
CA PHE A 327 -1.78 3.38 -14.83
C PHE A 327 -2.93 4.35 -14.69
N TYR A 328 -4.15 3.89 -15.01
CA TYR A 328 -5.36 4.73 -14.96
C TYR A 328 -5.80 4.98 -13.50
N LEU A 329 -5.08 4.40 -12.56
CA LEU A 329 -5.47 4.50 -11.13
C LEU A 329 -4.84 5.66 -10.36
N LEU A 330 -3.75 6.21 -10.90
CA LEU A 330 -2.97 7.29 -10.28
C LEU A 330 -2.81 8.40 -11.31
N PRO A 331 -3.09 9.67 -10.92
CA PRO A 331 -3.03 10.78 -11.90
C PRO A 331 -1.60 11.30 -12.09
N ASN A 332 -0.71 10.44 -12.53
CA ASN A 332 0.70 10.75 -12.41
C ASN A 332 1.51 10.44 -13.65
N THR A 333 0.85 10.29 -14.81
CA THR A 333 1.59 10.10 -16.08
C THR A 333 0.83 10.81 -17.16
N VAL A 334 1.50 11.06 -18.28
CA VAL A 334 0.84 11.64 -19.46
C VAL A 334 -0.25 10.68 -19.92
N HIS A 335 0.01 9.37 -19.83
CA HIS A 335 -0.94 8.37 -20.32
C HIS A 335 -2.26 8.45 -19.54
N TYR A 336 -2.16 8.68 -18.23
CA TYR A 336 -3.34 8.90 -17.44
C TYR A 336 -4.20 10.02 -18.01
N HIS A 337 -3.60 11.19 -18.22
CA HIS A 337 -4.32 12.35 -18.72
C HIS A 337 -4.88 12.13 -20.12
N GLU A 338 -4.05 11.55 -20.97
CA GLU A 338 -4.42 11.26 -22.35
C GLU A 338 -5.68 10.38 -22.38
N VAL A 339 -5.66 9.34 -21.54
CA VAL A 339 -6.75 8.39 -21.56
C VAL A 339 -8.03 8.99 -20.97
N MET A 340 -7.93 9.80 -19.92
CA MET A 340 -9.15 10.43 -19.41
C MET A 340 -9.76 11.31 -20.51
N GLU A 341 -8.91 11.95 -21.32
CA GLU A 341 -9.43 12.79 -22.38
C GLU A 341 -10.04 11.92 -23.49
N GLU A 342 -9.39 10.82 -23.82
CA GLU A 342 -9.95 9.95 -24.89
C GLU A 342 -11.30 9.43 -24.42
N ILE A 343 -11.42 9.12 -23.14
CA ILE A 343 -12.70 8.61 -22.57
C ILE A 343 -13.79 9.66 -22.65
N SER A 344 -13.47 10.88 -22.26
CA SER A 344 -14.46 11.97 -22.37
C SER A 344 -14.90 12.20 -23.83
N ASP A 345 -13.95 12.21 -24.78
CA ASP A 345 -14.27 12.41 -26.19
C ASP A 345 -15.17 11.29 -26.74
N PHE A 346 -14.85 10.04 -26.36
CA PHE A 346 -15.62 8.87 -26.81
C PHE A 346 -17.07 8.93 -26.30
N LEU A 347 -17.24 9.29 -25.03
CA LEU A 347 -18.56 9.45 -24.44
C LEU A 347 -19.38 10.52 -25.16
N ASN A 348 -18.75 11.67 -25.37
CA ASN A 348 -19.38 12.80 -26.06
C ASN A 348 -19.76 12.44 -27.49
N ALA A 349 -18.90 11.69 -28.17
CA ALA A 349 -19.12 11.37 -29.57
C ALA A 349 -20.21 10.33 -29.80
N ASN A 350 -20.53 9.58 -28.76
CA ASN A 350 -21.40 8.40 -28.86
C ASN A 350 -22.68 8.50 -28.05
N LEU A 351 -22.91 9.68 -27.47
CA LEU A 351 -24.08 9.96 -26.68
C LEU A 351 -25.34 10.16 -27.52
N TYR A 352 -25.20 10.62 -28.76
CA TYR A 352 -26.37 10.88 -29.64
C TYR A 352 -26.32 10.08 -30.94
N THR B 13 18.93 -6.33 1.18
CA THR B 13 18.96 -4.84 1.03
C THR B 13 18.60 -4.12 2.35
N VAL B 14 18.96 -4.77 3.46
CA VAL B 14 18.63 -4.36 4.85
C VAL B 14 17.13 -4.40 5.16
N VAL B 15 16.36 -3.65 4.38
CA VAL B 15 14.92 -3.59 4.59
C VAL B 15 14.22 -4.66 3.74
N PRO B 16 13.40 -5.54 4.35
CA PRO B 16 12.64 -6.52 3.57
C PRO B 16 11.80 -5.79 2.52
N LEU B 17 11.65 -6.40 1.33
CA LEU B 17 10.94 -5.73 0.25
C LEU B 17 9.50 -5.34 0.63
N HIS B 18 8.75 -6.23 1.29
CA HIS B 18 7.36 -5.90 1.62
C HIS B 18 7.28 -4.72 2.59
N THR B 19 8.22 -4.65 3.52
CA THR B 19 8.31 -3.49 4.43
C THR B 19 8.57 -2.20 3.69
N TRP B 20 9.59 -2.21 2.84
CA TRP B 20 9.94 -1.05 2.06
C TRP B 20 8.71 -0.60 1.28
N VAL B 21 8.00 -1.55 0.68
CA VAL B 21 6.86 -1.20 -0.16
C VAL B 21 5.73 -0.62 0.68
N LEU B 22 5.42 -1.29 1.79
CA LEU B 22 4.29 -0.84 2.60
C LEU B 22 4.59 0.51 3.24
N ILE B 23 5.76 0.66 3.85
CA ILE B 23 6.04 1.96 4.50
C ILE B 23 6.22 3.09 3.49
N SER B 24 6.87 2.81 2.35
CA SER B 24 6.91 3.81 1.27
C SER B 24 5.52 4.24 0.84
N ASN B 25 4.56 3.32 0.80
CA ASN B 25 3.21 3.71 0.39
C ASN B 25 2.63 4.75 1.30
N PHE B 26 2.79 4.52 2.61
CA PHE B 26 2.44 5.53 3.60
C PHE B 26 3.25 6.82 3.42
N LYS B 27 4.58 6.73 3.37
CA LYS B 27 5.43 7.94 3.15
C LYS B 27 4.92 8.82 2.00
N LEU B 28 4.74 8.19 0.84
CA LEU B 28 4.37 8.94 -0.36
C LEU B 28 2.98 9.53 -0.23
N SER B 29 2.05 8.78 0.36
CA SER B 29 0.68 9.28 0.58
C SER B 29 0.71 10.49 1.52
N TYR B 30 1.40 10.33 2.63
CA TYR B 30 1.44 11.42 3.65
C TYR B 30 2.15 12.67 3.18
N ASN B 31 3.16 12.54 2.30
CA ASN B 31 3.72 13.72 1.62
C ASN B 31 2.63 14.62 1.00
N ILE B 32 1.56 14.02 0.51
CA ILE B 32 0.50 14.74 -0.22
C ILE B 32 -0.47 15.42 0.77
N LEU B 33 -0.62 14.84 1.96
CA LEU B 33 -1.62 15.26 2.95
C LEU B 33 -1.14 16.41 3.88
N ARG B 34 0.16 16.47 4.15
CA ARG B 34 0.73 17.61 4.91
C ARG B 34 0.73 18.90 4.06
N ARG B 35 0.11 19.99 4.54
CA ARG B 35 0.23 21.27 3.82
C ARG B 35 1.33 22.09 4.47
N ALA B 36 1.99 22.92 3.67
CA ALA B 36 3.13 23.74 4.10
C ALA B 36 2.72 24.72 5.19
N ASP B 37 1.44 25.08 5.23
CA ASP B 37 0.99 26.06 6.23
C ASP B 37 0.66 25.42 7.57
N GLY B 38 0.88 24.11 7.71
CA GLY B 38 0.69 23.42 8.99
C GLY B 38 -0.72 22.90 9.13
N THR B 39 -1.56 23.07 8.10
CA THR B 39 -2.90 22.46 8.11
C THR B 39 -2.85 21.10 7.37
N PHE B 40 -3.93 20.35 7.40
CA PHE B 40 -3.87 18.95 6.91
C PHE B 40 -5.02 18.59 5.96
N GLU B 41 -4.73 17.76 4.96
CA GLU B 41 -5.78 17.30 4.04
C GLU B 41 -6.57 16.17 4.67
N ARG B 42 -7.42 16.54 5.64
CA ARG B 42 -8.10 15.58 6.50
C ARG B 42 -9.10 14.73 5.74
N ASP B 43 -9.92 15.37 4.92
CA ASP B 43 -10.96 14.59 4.23
C ASP B 43 -10.32 13.60 3.28
N LEU B 44 -9.26 14.03 2.60
CA LEU B 44 -8.54 13.09 1.67
C LEU B 44 -7.83 11.98 2.44
N GLY B 45 -7.24 12.33 3.58
CA GLY B 45 -6.58 11.34 4.45
C GLY B 45 -7.55 10.30 4.90
N GLU B 46 -8.74 10.74 5.34
CA GLU B 46 -9.80 9.85 5.77
C GLU B 46 -10.23 8.92 4.61
N TYR B 47 -10.37 9.51 3.42
CA TYR B 47 -10.73 8.70 2.25
C TYR B 47 -9.68 7.66 1.86
N LEU B 48 -8.40 7.98 2.04
CA LEU B 48 -7.33 7.13 1.56
C LEU B 48 -6.86 6.09 2.57
N ASP B 49 -7.22 6.27 3.84
CA ASP B 49 -6.74 5.33 4.84
C ASP B 49 -7.29 3.93 4.60
N ARG B 50 -6.47 2.94 4.90
CA ARG B 50 -6.97 1.58 4.81
C ARG B 50 -7.51 1.15 6.16
N ARG B 51 -8.82 0.86 6.21
CA ARG B 51 -9.51 0.57 7.46
C ARG B 51 -10.41 -0.66 7.38
N VAL B 52 -10.70 -1.25 8.55
CA VAL B 52 -11.61 -2.39 8.64
C VAL B 52 -12.66 -2.12 9.70
N PRO B 53 -13.88 -2.63 9.50
CA PRO B 53 -14.88 -2.44 10.55
C PRO B 53 -14.63 -3.41 11.71
N ALA B 54 -15.33 -3.16 12.82
CA ALA B 54 -15.34 -4.11 13.92
C ALA B 54 -16.25 -5.27 13.49
N ASN B 55 -16.07 -6.44 14.08
CA ASN B 55 -16.92 -7.58 13.75
C ASN B 55 -16.99 -8.57 14.90
N ALA B 56 -18.22 -8.82 15.38
CA ALA B 56 -18.46 -9.84 16.42
C ALA B 56 -18.11 -11.27 15.98
N ARG B 57 -18.31 -11.57 14.70
CA ARG B 57 -17.89 -12.86 14.16
C ARG B 57 -16.36 -12.95 14.19
N PRO B 58 -15.82 -13.99 14.85
CA PRO B 58 -14.38 -14.19 15.02
C PRO B 58 -13.60 -14.42 13.72
N LEU B 59 -12.47 -13.73 13.59
CA LEU B 59 -11.53 -13.98 12.51
C LEU B 59 -10.24 -14.46 13.15
N GLU B 60 -9.76 -15.61 12.67
CA GLU B 60 -8.61 -16.32 13.28
C GLU B 60 -8.66 -16.31 14.82
N GLY B 61 -9.87 -16.45 15.37
CA GLY B 61 -10.03 -16.59 16.81
C GLY B 61 -10.30 -15.34 17.63
N VAL B 62 -10.33 -14.18 16.98
CA VAL B 62 -10.49 -12.89 17.70
C VAL B 62 -11.70 -12.14 17.17
N SER B 63 -12.45 -11.53 18.10
CA SER B 63 -13.59 -10.65 17.83
C SER B 63 -13.33 -9.20 18.23
N SER B 64 -14.06 -8.26 17.63
CA SER B 64 -13.91 -6.83 17.94
C SER B 64 -15.25 -6.11 17.96
N PHE B 65 -15.33 -5.04 18.74
CA PHE B 65 -16.54 -4.28 18.92
C PHE B 65 -16.18 -2.83 19.11
N ASP B 66 -16.81 -1.95 18.35
CA ASP B 66 -16.68 -0.50 18.56
C ASP B 66 -17.67 0.00 19.60
N HIS B 67 -17.23 0.93 20.44
CA HIS B 67 -18.04 1.43 21.55
C HIS B 67 -17.65 2.86 21.89
N ILE B 68 -18.65 3.72 22.02
CA ILE B 68 -18.40 5.11 22.40
C ILE B 68 -18.29 5.17 23.92
N ILE B 69 -17.27 5.86 24.41
CA ILE B 69 -17.04 5.96 25.86
C ILE B 69 -17.19 7.39 26.40
N ASP B 70 -17.35 8.37 25.51
CA ASP B 70 -17.49 9.78 25.90
C ASP B 70 -18.13 10.65 24.79
N GLN B 71 -19.42 10.93 24.93
CA GLN B 71 -20.18 11.71 23.94
C GLN B 71 -19.75 13.18 23.83
N SER B 72 -19.51 13.83 24.97
CA SER B 72 -19.00 15.20 24.97
C SER B 72 -17.90 15.45 23.91
N VAL B 73 -16.99 14.49 23.74
CA VAL B 73 -15.96 14.60 22.69
C VAL B 73 -16.04 13.55 21.55
N GLY B 74 -17.07 12.69 21.58
CA GLY B 74 -17.26 11.64 20.58
C GLY B 74 -16.19 10.54 20.58
N LEU B 75 -15.62 10.26 21.75
CA LEU B 75 -14.51 9.33 21.88
C LEU B 75 -14.92 7.87 21.79
N GLU B 76 -14.33 7.14 20.84
CA GLU B 76 -14.67 5.75 20.59
C GLU B 76 -13.47 4.85 20.89
N VAL B 77 -13.74 3.61 21.28
CA VAL B 77 -12.69 2.58 21.35
C VAL B 77 -13.11 1.35 20.57
N ARG B 78 -12.13 0.53 20.21
CA ARG B 78 -12.39 -0.78 19.66
C ARG B 78 -11.83 -1.81 20.61
N ILE B 79 -12.72 -2.70 21.06
CA ILE B 79 -12.36 -3.73 22.02
C ILE B 79 -12.18 -5.02 21.29
N TYR B 80 -11.06 -5.70 21.57
CA TYR B 80 -10.74 -6.98 20.96
C TYR B 80 -10.66 -8.04 22.05
N ARG B 81 -11.22 -9.22 21.76
CA ARG B 81 -11.12 -10.40 22.65
C ARG B 81 -11.21 -11.72 21.89
N ALA B 82 -10.74 -12.79 22.55
CA ALA B 82 -10.81 -14.12 21.98
C ALA B 82 -12.25 -14.60 22.05
N ALA B 83 -12.71 -15.18 20.94
CA ALA B 83 -14.10 -15.65 20.82
C ALA B 83 -14.28 -16.66 19.68
N PHE B 102 -21.61 -8.16 27.43
CA PHE B 102 -20.28 -8.59 27.85
C PHE B 102 -19.60 -7.61 28.79
N LEU B 103 -19.76 -6.31 28.53
CA LEU B 103 -19.12 -5.25 29.33
C LEU B 103 -19.55 -5.28 30.81
N THR B 104 -20.61 -6.06 31.09
CA THR B 104 -21.10 -6.27 32.46
C THR B 104 -20.99 -7.73 32.92
N ASP B 105 -20.08 -8.48 32.32
CA ASP B 105 -19.75 -9.81 32.83
C ASP B 105 -19.01 -9.67 34.16
N ALA B 106 -18.98 -10.75 34.94
CA ALA B 106 -18.31 -10.76 36.23
C ALA B 106 -16.81 -10.94 36.05
N PRO B 107 -15.99 -10.19 36.83
CA PRO B 107 -14.53 -10.32 36.81
C PRO B 107 -14.05 -11.77 36.70
N ALA B 108 -13.02 -12.01 35.89
CA ALA B 108 -12.47 -13.36 35.71
C ALA B 108 -11.75 -13.82 36.98
N ALA B 109 -11.83 -15.11 37.25
CA ALA B 109 -11.18 -15.69 38.42
C ALA B 109 -9.67 -15.58 38.24
N GLU B 110 -9.20 -16.09 37.09
CA GLU B 110 -7.80 -16.00 36.69
C GLU B 110 -7.46 -14.59 36.19
N PRO B 111 -6.27 -14.08 36.56
CA PRO B 111 -5.83 -12.79 36.05
C PRO B 111 -5.72 -12.79 34.51
N PHE B 112 -6.01 -11.65 33.88
CA PHE B 112 -5.74 -11.46 32.44
C PHE B 112 -5.40 -10.00 32.17
N PRO B 113 -4.49 -9.75 31.22
CA PRO B 113 -4.12 -8.37 30.97
C PRO B 113 -5.12 -7.62 30.08
N VAL B 114 -5.30 -6.35 30.38
CA VAL B 114 -6.04 -5.44 29.53
C VAL B 114 -5.01 -4.47 28.98
N ILE B 115 -4.83 -4.50 27.65
CA ILE B 115 -3.86 -3.60 27.02
C ILE B 115 -4.62 -2.43 26.41
N ILE B 116 -4.38 -1.24 26.93
CA ILE B 116 -4.94 -0.04 26.32
C ILE B 116 -3.91 0.42 25.28
N PHE B 117 -4.33 0.39 24.02
CA PHE B 117 -3.43 0.66 22.90
C PHE B 117 -3.76 2.00 22.23
N PHE B 118 -2.73 2.82 21.96
CA PHE B 118 -2.88 4.06 21.23
C PHE B 118 -2.10 3.93 19.92
N HIS B 119 -2.82 4.01 18.79
CA HIS B 119 -2.14 3.89 17.48
C HIS B 119 -1.09 5.00 17.23
N GLY B 120 -0.12 4.70 16.35
CA GLY B 120 0.85 5.69 15.90
C GLY B 120 0.28 6.55 14.79
N GLY B 121 1.13 7.17 14.00
CA GLY B 121 0.62 8.16 13.03
C GLY B 121 1.01 9.60 13.35
N SER B 122 1.98 9.77 14.26
CA SER B 122 2.60 11.07 14.56
C SER B 122 1.61 12.16 15.02
N PHE B 123 0.58 11.73 15.77
CA PHE B 123 -0.55 12.56 16.28
C PHE B 123 -1.61 12.95 15.26
N VAL B 124 -1.34 12.70 13.97
CA VAL B 124 -2.15 13.30 12.87
C VAL B 124 -2.90 12.20 12.11
N HIS B 125 -2.22 11.06 11.90
CA HIS B 125 -2.72 9.99 11.00
C HIS B 125 -3.32 8.81 11.76
N SER B 126 -4.07 7.99 11.03
CA SER B 126 -4.53 6.66 11.43
C SER B 126 -5.67 6.68 12.44
N SER B 127 -6.15 5.49 12.78
CA SER B 127 -7.38 5.29 13.51
C SER B 127 -7.34 3.94 14.21
N ALA B 128 -8.18 3.74 15.22
CA ALA B 128 -8.33 2.40 15.79
C ALA B 128 -8.79 1.42 14.71
N SER B 129 -9.51 1.93 13.71
CA SER B 129 -9.97 1.08 12.61
C SER B 129 -8.94 0.86 11.50
N SER B 130 -7.79 1.55 11.57
CA SER B 130 -6.75 1.36 10.53
C SER B 130 -6.30 -0.07 10.51
N THR B 131 -6.27 -0.68 9.33
CA THR B 131 -5.97 -2.09 9.23
C THR B 131 -4.63 -2.51 9.87
N ILE B 132 -3.60 -1.70 9.70
CA ILE B 132 -2.29 -2.02 10.31
C ILE B 132 -2.45 -2.14 11.84
N TYR B 133 -3.32 -1.32 12.42
CA TYR B 133 -3.46 -1.31 13.90
C TYR B 133 -4.48 -2.34 14.36
N ASP B 134 -5.50 -2.57 13.54
CA ASP B 134 -6.50 -3.62 13.81
C ASP B 134 -5.78 -4.97 13.84
N SER B 135 -4.88 -5.19 12.89
CA SER B 135 -4.10 -6.40 12.82
C SER B 135 -3.12 -6.57 14.01
N LEU B 136 -2.40 -5.50 14.36
CA LEU B 136 -1.51 -5.54 15.52
C LEU B 136 -2.30 -5.89 16.80
N CYS B 137 -3.44 -5.23 16.99
CA CYS B 137 -4.27 -5.47 18.20
C CYS B 137 -4.76 -6.91 18.28
N ARG B 138 -5.14 -7.47 17.13
CA ARG B 138 -5.54 -8.88 17.07
C ARG B 138 -4.40 -9.78 17.47
N ARG B 139 -3.19 -9.44 16.99
CA ARG B 139 -1.99 -10.18 17.43
C ARG B 139 -1.73 -10.05 18.92
N PHE B 140 -1.95 -8.86 19.46
CA PHE B 140 -1.78 -8.65 20.91
C PHE B 140 -2.76 -9.50 21.75
N VAL B 141 -4.02 -9.62 21.32
CA VAL B 141 -4.94 -10.59 21.95
C VAL B 141 -4.39 -12.04 21.92
N LYS B 142 -4.00 -12.53 20.74
CA LYS B 142 -3.46 -13.92 20.67
C LYS B 142 -2.27 -14.11 21.61
N LEU B 143 -1.35 -13.15 21.55
CA LEU B 143 -0.16 -13.08 22.39
C LEU B 143 -0.43 -13.09 23.89
N SER B 144 -1.35 -12.24 24.31
CA SER B 144 -1.57 -11.89 25.69
C SER B 144 -2.63 -12.76 26.40
N LYS B 145 -3.45 -13.48 25.63
CA LYS B 145 -4.71 -14.05 26.13
C LYS B 145 -5.50 -13.04 26.99
N GLY B 146 -5.50 -11.79 26.57
CA GLY B 146 -6.15 -10.74 27.34
C GLY B 146 -7.12 -10.00 26.48
N VAL B 147 -7.31 -8.73 26.81
CA VAL B 147 -8.27 -7.89 26.13
C VAL B 147 -7.52 -6.67 25.65
N VAL B 148 -7.79 -6.25 24.41
CA VAL B 148 -7.18 -5.01 23.92
C VAL B 148 -8.26 -3.96 23.71
N VAL B 149 -8.01 -2.76 24.22
CA VAL B 149 -8.85 -1.59 24.06
C VAL B 149 -8.04 -0.56 23.24
N SER B 150 -8.38 -0.47 21.96
CA SER B 150 -7.70 0.47 21.08
C SER B 150 -8.45 1.80 21.05
N VAL B 151 -7.75 2.86 21.42
CA VAL B 151 -8.35 4.16 21.60
C VAL B 151 -8.30 5.05 20.37
N ASN B 152 -9.48 5.48 19.93
CA ASN B 152 -9.58 6.35 18.77
C ASN B 152 -9.44 7.80 19.19
N TYR B 153 -8.23 8.18 19.60
CA TYR B 153 -7.99 9.50 20.17
C TYR B 153 -8.10 10.65 19.14
N ARG B 154 -8.45 11.83 19.61
CA ARG B 154 -8.55 13.01 18.76
C ARG B 154 -7.18 13.41 18.22
N ARG B 155 -7.14 13.78 16.94
CA ARG B 155 -5.87 13.99 16.26
C ARG B 155 -5.61 15.45 15.95
N ALA B 156 -4.34 15.79 15.84
CA ALA B 156 -3.87 17.07 15.37
C ALA B 156 -3.86 17.08 13.81
N PRO B 157 -3.68 18.24 13.16
CA PRO B 157 -3.59 19.57 13.77
C PRO B 157 -4.92 20.13 14.29
N GLU B 158 -6.06 19.46 14.05
CA GLU B 158 -7.37 20.02 14.42
C GLU B 158 -7.57 19.99 15.92
N HIS B 159 -7.09 18.93 16.56
CA HIS B 159 -7.09 18.84 18.02
C HIS B 159 -5.64 18.86 18.50
N ARG B 160 -5.20 19.97 19.07
CA ARG B 160 -3.82 20.09 19.54
C ARG B 160 -3.67 19.55 20.97
N TYR B 161 -2.43 19.53 21.46
CA TYR B 161 -2.17 19.30 22.89
C TYR B 161 -3.22 20.07 23.72
N PRO B 162 -3.75 19.47 24.81
CA PRO B 162 -3.53 18.12 25.33
C PRO B 162 -4.62 17.12 24.99
N CYS B 163 -5.35 17.31 23.88
CA CYS B 163 -6.52 16.46 23.58
C CYS B 163 -6.24 14.97 23.56
N ALA B 164 -5.18 14.56 22.85
CA ALA B 164 -4.87 13.14 22.75
C ALA B 164 -4.64 12.55 24.16
N TYR B 165 -3.88 13.26 24.99
CA TYR B 165 -3.60 12.83 26.38
C TYR B 165 -4.88 12.79 27.24
N ASP B 166 -5.71 13.83 27.12
CA ASP B 166 -7.04 13.78 27.79
C ASP B 166 -7.81 12.53 27.41
N ASP B 167 -7.84 12.18 26.11
CA ASP B 167 -8.57 10.99 25.66
C ASP B 167 -8.02 9.69 26.22
N GLY B 168 -6.70 9.61 26.35
CA GLY B 168 -6.09 8.40 26.94
C GLY B 168 -6.48 8.25 28.42
N TRP B 169 -6.55 9.38 29.12
CA TRP B 169 -6.94 9.39 30.54
C TRP B 169 -8.40 8.93 30.65
N THR B 170 -9.26 9.52 29.81
CA THR B 170 -10.66 9.10 29.75
C THR B 170 -10.80 7.60 29.51
N ALA B 171 -9.92 7.05 28.68
CA ALA B 171 -10.02 5.65 28.33
C ALA B 171 -9.56 4.78 29.50
N LEU B 172 -8.49 5.20 30.14
CA LEU B 172 -7.99 4.44 31.27
C LEU B 172 -9.06 4.41 32.36
N LYS B 173 -9.59 5.57 32.72
CA LYS B 173 -10.64 5.66 33.74
C LYS B 173 -11.83 4.82 33.36
N TRP B 174 -12.23 4.90 32.09
CA TRP B 174 -13.31 4.05 31.59
C TRP B 174 -13.00 2.57 31.78
N VAL B 175 -11.79 2.14 31.41
CA VAL B 175 -11.42 0.74 31.59
C VAL B 175 -11.46 0.38 33.09
N MET B 176 -10.90 1.26 33.94
CA MET B 176 -10.88 1.05 35.40
C MET B 176 -12.29 0.82 35.94
N SER B 177 -13.25 1.59 35.41
CA SER B 177 -14.64 1.51 35.86
C SER B 177 -15.51 0.39 35.25
N GLN B 178 -14.90 -0.62 34.63
CA GLN B 178 -15.69 -1.70 33.96
C GLN B 178 -15.54 -3.08 34.59
N PRO B 179 -16.66 -3.62 35.12
CA PRO B 179 -16.68 -4.95 35.74
C PRO B 179 -15.89 -6.01 34.95
N PHE B 180 -16.20 -6.17 33.66
CA PHE B 180 -15.61 -7.23 32.82
C PHE B 180 -14.10 -7.15 32.63
N MET B 181 -13.53 -5.95 32.79
CA MET B 181 -12.10 -5.73 32.59
C MET B 181 -11.29 -6.22 33.79
N ARG B 182 -11.99 -6.49 34.90
CA ARG B 182 -11.36 -6.89 36.15
C ARG B 182 -11.12 -8.40 36.25
N SER B 183 -10.02 -8.80 36.89
CA SER B 183 -9.64 -10.21 36.96
C SER B 183 -9.00 -10.59 38.31
N ALA B 189 -8.50 -4.93 37.60
CA ALA B 189 -8.22 -4.83 36.14
C ALA B 189 -6.74 -4.58 35.90
N ARG B 190 -6.04 -5.60 35.41
CA ARG B 190 -4.60 -5.53 35.19
C ARG B 190 -4.23 -4.81 33.87
N VAL B 191 -4.09 -3.48 33.96
CA VAL B 191 -3.96 -2.60 32.80
C VAL B 191 -2.51 -2.32 32.38
N PHE B 192 -2.23 -2.51 31.08
CA PHE B 192 -0.99 -2.05 30.48
C PHE B 192 -1.32 -0.94 29.48
N LEU B 193 -0.47 0.07 29.41
CA LEU B 193 -0.63 1.13 28.45
C LEU B 193 0.43 0.90 27.38
N SER B 194 0.01 0.98 26.12
CA SER B 194 0.86 0.60 24.98
C SER B 194 0.61 1.56 23.82
N GLY B 195 1.63 1.84 23.04
CA GLY B 195 1.34 2.52 21.76
C GLY B 195 2.62 2.62 21.00
N ASP B 196 2.51 2.82 19.68
CA ASP B 196 3.70 3.10 18.86
C ASP B 196 3.75 4.54 18.41
N SER B 197 4.93 5.04 18.08
CA SER B 197 5.01 6.39 17.53
C SER B 197 4.35 7.36 18.54
N SER B 198 3.50 8.27 18.05
CA SER B 198 2.74 9.17 18.91
C SER B 198 1.99 8.43 20.01
N GLY B 199 1.49 7.24 19.72
CA GLY B 199 0.78 6.45 20.71
C GLY B 199 1.66 6.05 21.90
N GLY B 200 2.95 5.85 21.64
CA GLY B 200 3.91 5.56 22.73
C GLY B 200 4.11 6.78 23.63
N ASN B 201 4.17 7.95 23.01
CA ASN B 201 4.19 9.23 23.75
C ASN B 201 2.95 9.39 24.64
N ILE B 202 1.77 9.13 24.07
CA ILE B 202 0.51 9.23 24.82
C ILE B 202 0.51 8.26 25.98
N ALA B 203 0.88 7.00 25.72
CA ALA B 203 1.01 6.01 26.78
C ALA B 203 1.89 6.53 27.96
N HIS B 204 3.04 7.12 27.66
CA HIS B 204 3.89 7.69 28.70
C HIS B 204 3.13 8.73 29.53
N HIS B 205 2.51 9.69 28.86
CA HIS B 205 1.83 10.76 29.58
C HIS B 205 0.63 10.28 30.39
N VAL B 206 -0.16 9.36 29.86
CA VAL B 206 -1.25 8.78 30.62
C VAL B 206 -0.71 7.98 31.82
N ALA B 207 0.47 7.37 31.66
CA ALA B 207 1.08 6.62 32.77
C ALA B 207 1.52 7.55 33.92
N VAL B 208 2.12 8.69 33.56
CA VAL B 208 2.53 9.71 34.53
C VAL B 208 1.32 10.21 35.31
N ARG B 209 0.23 10.50 34.59
CA ARG B 209 -1.01 10.93 35.23
C ARG B 209 -1.57 9.88 36.20
N ALA B 210 -1.58 8.61 35.77
CA ALA B 210 -2.02 7.51 36.61
C ALA B 210 -1.20 7.47 37.90
N ALA B 211 0.12 7.67 37.76
CA ALA B 211 1.04 7.65 38.89
C ALA B 211 0.76 8.81 39.87
N ASP B 212 0.60 10.02 39.32
CA ASP B 212 0.24 11.19 40.11
C ASP B 212 -1.10 11.05 40.84
N GLU B 213 -1.97 10.18 40.35
CA GLU B 213 -3.34 10.10 40.87
C GLU B 213 -3.63 8.79 41.57
N GLY B 214 -2.57 8.02 41.82
CA GLY B 214 -2.68 6.72 42.48
C GLY B 214 -3.49 5.68 41.73
N VAL B 215 -3.34 5.65 40.39
CA VAL B 215 -3.93 4.58 39.58
C VAL B 215 -2.82 3.60 39.18
N LYS B 216 -3.06 2.32 39.48
CA LYS B 216 -2.09 1.24 39.26
C LYS B 216 -2.09 0.81 37.78
N VAL B 217 -0.91 0.82 37.18
CA VAL B 217 -0.73 0.35 35.80
C VAL B 217 0.36 -0.70 35.84
N CYS B 218 0.04 -1.93 35.43
CA CYS B 218 0.97 -3.04 35.50
C CYS B 218 2.22 -2.87 34.63
N GLY B 219 2.15 -2.07 33.57
CA GLY B 219 3.32 -1.90 32.70
C GLY B 219 3.01 -1.01 31.52
N ASN B 220 4.05 -0.39 30.97
CA ASN B 220 3.96 0.36 29.70
C ASN B 220 4.69 -0.40 28.59
N ILE B 221 4.12 -0.39 27.39
CA ILE B 221 4.77 -1.06 26.26
C ILE B 221 4.91 -0.03 25.13
N LEU B 222 6.13 0.45 24.91
CA LEU B 222 6.37 1.54 23.96
C LEU B 222 7.14 1.06 22.75
N LEU B 223 6.56 1.29 21.57
CA LEU B 223 7.16 0.85 20.32
C LEU B 223 7.52 2.06 19.53
N ASN B 224 8.83 2.35 19.43
CA ASN B 224 9.29 3.56 18.78
C ASN B 224 8.52 4.79 19.24
N ALA B 225 8.38 4.91 20.56
CA ALA B 225 7.70 6.07 21.16
C ALA B 225 8.26 7.38 20.63
N MET B 226 7.36 8.30 20.31
CA MET B 226 7.73 9.54 19.70
C MET B 226 8.09 10.64 20.73
N PHE B 227 9.35 11.06 20.72
CA PHE B 227 9.82 12.19 21.56
C PHE B 227 10.68 13.09 20.71
N GLY B 228 10.83 14.34 21.13
CA GLY B 228 11.66 15.27 20.40
C GLY B 228 12.34 16.29 21.29
N GLY B 229 12.90 17.32 20.67
CA GLY B 229 13.50 18.46 21.36
C GLY B 229 13.99 19.46 20.33
N THR B 230 14.40 20.65 20.79
CA THR B 230 14.88 21.71 19.90
C THR B 230 16.19 21.37 19.20
N GLU B 231 17.15 20.77 19.91
CA GLU B 231 18.43 20.41 19.28
C GLU B 231 18.35 19.04 18.58
N ARG B 232 19.18 18.82 17.57
CA ARG B 232 19.26 17.52 16.91
C ARG B 232 20.17 16.57 17.67
N THR B 233 19.79 15.30 17.73
CA THR B 233 20.67 14.30 18.30
C THR B 233 21.54 13.79 17.17
N GLU B 234 22.53 12.96 17.52
CA GLU B 234 23.43 12.40 16.52
C GLU B 234 22.66 11.52 15.53
N SER B 235 21.81 10.65 16.08
CA SER B 235 21.02 9.73 15.25
C SER B 235 20.09 10.46 14.29
N GLU B 236 19.51 11.58 14.74
CA GLU B 236 18.68 12.40 13.84
C GLU B 236 19.42 12.92 12.61
N ARG B 237 20.64 13.43 12.80
CA ARG B 237 21.42 13.96 11.66
C ARG B 237 21.91 12.82 10.77
N ARG B 238 22.34 11.73 11.40
CA ARG B 238 22.83 10.56 10.70
C ARG B 238 21.78 9.82 9.86
N LEU B 239 20.60 9.60 10.43
CA LEU B 239 19.57 8.75 9.81
C LEU B 239 18.49 9.50 9.01
N ASP B 240 18.51 10.83 9.08
CA ASP B 240 17.55 11.69 8.40
C ASP B 240 17.46 11.28 6.93
N GLY B 241 16.25 10.95 6.50
CA GLY B 241 16.01 10.58 5.11
C GLY B 241 16.50 9.21 4.64
N LYS B 242 17.17 8.45 5.50
CA LYS B 242 17.75 7.16 5.11
C LYS B 242 16.75 6.03 5.11
N TYR B 243 15.81 6.09 6.04
CA TYR B 243 14.88 5.01 6.25
C TYR B 243 13.48 5.55 6.49
N PHE B 244 12.89 6.13 5.44
CA PHE B 244 11.51 6.62 5.37
C PHE B 244 11.27 7.95 6.07
N VAL B 245 11.84 8.13 7.24
CA VAL B 245 11.49 9.29 8.08
C VAL B 245 12.45 10.42 7.78
N THR B 246 11.90 11.63 7.74
CA THR B 246 12.70 12.84 7.56
C THR B 246 12.50 13.80 8.74
N LEU B 247 13.54 14.55 9.06
CA LEU B 247 13.39 15.54 10.11
C LEU B 247 12.37 16.59 9.75
N GLN B 248 12.28 16.90 8.47
CA GLN B 248 11.29 17.85 8.00
C GLN B 248 9.89 17.39 8.41
N ASP B 249 9.56 16.11 8.23
CA ASP B 249 8.23 15.67 8.64
C ASP B 249 8.10 15.58 10.17
N ARG B 250 9.17 15.11 10.86
CA ARG B 250 9.17 15.05 12.34
C ARG B 250 8.80 16.44 12.87
N ASP B 251 9.50 17.46 12.37
CA ASP B 251 9.26 18.84 12.78
C ASP B 251 7.83 19.23 12.50
N TRP B 252 7.33 18.86 11.31
CA TRP B 252 5.96 19.21 10.91
C TRP B 252 4.94 18.65 11.90
N TYR B 253 5.07 17.37 12.27
CA TYR B 253 4.08 16.74 13.19
C TYR B 253 4.12 17.31 14.62
N TRP B 254 5.31 17.56 15.11
CA TRP B 254 5.46 18.26 16.40
C TRP B 254 4.78 19.63 16.35
N LYS B 255 5.08 20.41 15.31
CA LYS B 255 4.41 21.69 15.14
C LYS B 255 2.88 21.53 15.07
N ALA B 256 2.40 20.46 14.44
CA ALA B 256 0.95 20.19 14.33
C ALA B 256 0.24 19.89 15.64
N TYR B 257 0.91 19.16 16.55
CA TYR B 257 0.34 18.76 17.83
C TYR B 257 0.63 19.78 18.98
N LEU B 258 1.82 20.38 18.99
CA LEU B 258 2.20 21.27 20.11
C LEU B 258 1.37 22.56 20.00
N PRO B 259 1.14 23.25 21.15
CA PRO B 259 0.47 24.56 21.11
C PRO B 259 1.15 25.44 20.11
N GLU B 260 0.40 26.33 19.46
CA GLU B 260 0.95 27.17 18.38
C GLU B 260 2.15 28.04 18.83
N ASP B 261 2.19 28.36 20.11
CA ASP B 261 3.23 29.21 20.69
C ASP B 261 4.48 28.43 21.16
N ALA B 262 4.41 27.09 21.09
CA ALA B 262 5.39 26.21 21.76
C ALA B 262 6.53 25.84 20.83
N ASP B 263 7.59 25.28 21.41
CA ASP B 263 8.65 24.65 20.62
C ASP B 263 8.87 23.19 21.06
N ARG B 264 9.83 22.49 20.48
CA ARG B 264 9.98 21.04 20.73
C ARG B 264 10.59 20.74 22.11
N ASP B 265 10.92 21.79 22.86
CA ASP B 265 11.30 21.58 24.26
C ASP B 265 10.12 21.70 25.18
N HIS B 266 8.93 21.83 24.61
CA HIS B 266 7.71 21.66 25.39
C HIS B 266 7.73 20.27 26.06
N PRO B 267 7.28 20.16 27.33
CA PRO B 267 7.39 18.87 28.02
C PRO B 267 6.61 17.72 27.36
N ALA B 268 5.59 18.03 26.57
CA ALA B 268 4.85 16.96 25.86
C ALA B 268 5.79 16.23 24.91
N CYS B 269 6.61 17.00 24.24
CA CYS B 269 7.58 16.54 23.26
C CYS B 269 8.88 16.02 23.92
N ASN B 270 9.37 16.77 24.92
CA ASN B 270 10.69 16.56 25.51
C ASN B 270 10.52 16.42 27.03
N PRO B 271 9.96 15.28 27.50
CA PRO B 271 9.48 15.19 28.88
C PRO B 271 10.58 15.28 29.96
N PHE B 272 11.82 14.95 29.61
CA PHE B 272 12.94 15.06 30.54
C PHE B 272 13.94 16.11 30.05
N GLY B 273 13.46 17.05 29.25
CA GLY B 273 14.31 18.13 28.73
C GLY B 273 14.24 19.33 29.63
N PRO B 274 14.71 20.50 29.14
CA PRO B 274 14.87 21.67 30.04
C PRO B 274 13.57 22.16 30.66
N ASN B 275 12.42 21.76 30.11
CA ASN B 275 11.15 22.18 30.69
C ASN B 275 10.43 20.97 31.26
N GLY B 276 11.17 19.88 31.40
CA GLY B 276 10.60 18.61 31.80
C GLY B 276 10.41 18.53 33.29
N ARG B 277 10.14 17.33 33.77
CA ARG B 277 9.79 17.08 35.15
C ARG B 277 10.36 15.72 35.48
N ARG B 278 11.10 15.61 36.57
CA ARG B 278 11.57 14.28 36.98
C ARG B 278 10.43 13.50 37.62
N LEU B 279 10.56 12.18 37.63
CA LEU B 279 9.48 11.31 38.09
C LEU B 279 9.87 10.50 39.33
N GLY B 280 10.98 10.88 39.96
CA GLY B 280 11.45 10.21 41.18
C GLY B 280 10.35 10.15 42.22
N GLY B 281 10.17 8.98 42.84
CA GLY B 281 9.22 8.85 43.94
C GLY B 281 7.79 8.49 43.58
N LEU B 282 7.45 8.53 42.29
CA LEU B 282 6.10 8.16 41.86
C LEU B 282 5.99 6.66 41.74
N PRO B 283 4.80 6.09 41.99
CA PRO B 283 4.60 4.67 41.71
C PRO B 283 4.41 4.47 40.18
N PHE B 284 5.42 4.85 39.40
CA PHE B 284 5.36 4.76 37.93
C PHE B 284 5.45 3.32 37.42
N ALA B 285 4.62 2.98 36.42
CA ALA B 285 4.62 1.66 35.78
C ALA B 285 6.04 1.18 35.40
N LYS B 286 6.26 -0.13 35.42
CA LYS B 286 7.47 -0.66 34.78
C LYS B 286 7.31 -0.49 33.28
N SER B 287 8.43 -0.39 32.56
CA SER B 287 8.41 -0.06 31.13
C SER B 287 9.12 -1.10 30.28
N LEU B 288 8.49 -1.48 29.16
CA LEU B 288 9.18 -2.22 28.11
C LEU B 288 9.32 -1.27 26.93
N ILE B 289 10.55 -0.94 26.61
CA ILE B 289 10.82 0.12 25.65
C ILE B 289 11.49 -0.51 24.43
N ILE B 290 10.73 -0.56 23.33
CA ILE B 290 11.21 -1.17 22.08
C ILE B 290 11.73 -0.08 21.13
N VAL B 291 12.98 -0.21 20.68
CA VAL B 291 13.61 0.85 19.88
C VAL B 291 14.19 0.29 18.56
N SER B 292 13.72 0.84 17.44
CA SER B 292 14.35 0.60 16.13
C SER B 292 15.65 1.37 15.98
N GLY B 293 16.74 0.65 15.73
CA GLY B 293 18.02 1.31 15.54
C GLY B 293 18.05 2.17 14.29
N LEU B 294 17.16 1.91 13.33
CA LEU B 294 17.16 2.71 12.09
C LEU B 294 16.05 3.75 12.10
N ASP B 295 15.48 3.99 13.28
CA ASP B 295 14.56 5.10 13.51
C ASP B 295 15.48 6.23 13.95
N LEU B 296 15.44 7.34 13.21
CA LEU B 296 16.34 8.46 13.46
C LEU B 296 16.21 9.07 14.84
N THR B 297 15.13 8.73 15.57
CA THR B 297 14.92 9.26 16.91
C THR B 297 15.38 8.28 18.01
N CYS B 298 16.12 7.25 17.63
CA CYS B 298 16.55 6.23 18.59
C CYS B 298 17.32 6.83 19.77
N ASP B 299 18.19 7.82 19.53
CA ASP B 299 18.93 8.48 20.63
C ASP B 299 18.01 8.98 21.74
N ARG B 300 16.94 9.69 21.35
CA ARG B 300 15.95 10.21 22.31
C ARG B 300 15.20 9.15 23.08
N GLN B 301 14.87 8.04 22.42
CA GLN B 301 14.19 6.93 23.06
C GLN B 301 15.09 6.26 24.10
N LEU B 302 16.38 6.10 23.79
CA LEU B 302 17.35 5.54 24.76
C LEU B 302 17.57 6.52 25.93
N ALA B 303 17.63 7.82 25.60
CA ALA B 303 17.75 8.86 26.62
C ALA B 303 16.54 8.86 27.54
N TYR B 304 15.35 8.67 26.95
CA TYR B 304 14.13 8.56 27.72
C TYR B 304 14.20 7.36 28.67
N ALA B 305 14.70 6.23 28.18
CA ALA B 305 14.78 5.02 29.00
C ALA B 305 15.72 5.26 30.22
N ASP B 306 16.85 5.92 29.97
CA ASP B 306 17.84 6.19 30.99
C ASP B 306 17.32 7.15 32.07
N ALA B 307 16.53 8.15 31.66
CA ALA B 307 15.89 9.08 32.59
C ALA B 307 14.97 8.37 33.55
N LEU B 308 14.18 7.44 33.03
CA LEU B 308 13.30 6.60 33.82
C LEU B 308 14.10 5.81 34.86
N ARG B 309 15.14 5.13 34.40
CA ARG B 309 16.10 4.42 35.27
C ARG B 309 16.62 5.35 36.39
N GLU B 310 17.16 6.51 35.97
CA GLU B 310 17.74 7.53 36.87
C GLU B 310 16.75 8.03 37.89
N ASP B 311 15.46 8.00 37.54
CA ASP B 311 14.40 8.35 38.46
C ASP B 311 13.96 7.18 39.34
N GLY B 312 14.71 6.09 39.31
CA GLY B 312 14.41 4.94 40.16
C GLY B 312 13.31 4.01 39.70
N HIS B 313 12.98 4.06 38.40
CA HIS B 313 11.95 3.18 37.84
C HIS B 313 12.55 2.02 37.06
N HIS B 314 11.72 1.01 36.83
CA HIS B 314 12.18 -0.22 36.19
C HIS B 314 11.88 -0.20 34.69
N VAL B 315 12.91 -0.45 33.89
CA VAL B 315 12.89 -0.38 32.43
C VAL B 315 13.59 -1.61 31.83
N LYS B 316 12.97 -2.18 30.80
CA LYS B 316 13.61 -3.18 29.96
C LYS B 316 13.62 -2.58 28.54
N VAL B 317 14.81 -2.38 27.97
CA VAL B 317 14.94 -1.81 26.64
C VAL B 317 15.25 -2.92 25.65
N VAL B 318 14.51 -2.96 24.54
CA VAL B 318 14.80 -3.92 23.48
C VAL B 318 15.27 -3.12 22.25
N GLN B 319 16.57 -3.15 21.96
CA GLN B 319 17.13 -2.42 20.85
C GLN B 319 17.19 -3.34 19.65
N CYS B 320 16.57 -2.92 18.55
CA CYS B 320 16.46 -3.77 17.39
C CYS B 320 17.30 -3.11 16.30
N GLU B 321 18.59 -3.46 16.27
CA GLU B 321 19.57 -2.68 15.50
C GLU B 321 19.26 -2.56 14.00
N ASN B 322 18.70 -3.62 13.43
CA ASN B 322 18.43 -3.67 11.99
C ASN B 322 17.02 -3.24 11.59
N ALA B 323 16.25 -2.75 12.55
CA ALA B 323 14.84 -2.43 12.34
C ALA B 323 14.57 -0.97 11.99
N THR B 324 13.64 -0.76 11.04
CA THR B 324 13.15 0.55 10.69
C THR B 324 11.89 0.80 11.50
N VAL B 325 11.32 2.00 11.37
CA VAL B 325 9.97 2.23 11.86
C VAL B 325 9.04 1.19 11.26
N GLY B 326 7.94 0.91 11.94
CA GLY B 326 6.89 0.02 11.40
C GLY B 326 7.18 -1.49 11.36
N PHE B 327 8.37 -1.92 11.79
CA PHE B 327 8.76 -3.32 11.67
C PHE B 327 7.82 -4.33 12.35
N TYR B 328 7.11 -3.86 13.39
CA TYR B 328 6.22 -4.69 14.20
C TYR B 328 4.87 -4.89 13.51
N LEU B 329 4.69 -4.27 12.34
CA LEU B 329 3.46 -4.39 11.56
C LEU B 329 3.50 -5.54 10.54
N LEU B 330 4.67 -6.10 10.25
CA LEU B 330 4.76 -7.21 9.30
C LEU B 330 5.59 -8.33 9.90
N PRO B 331 5.11 -9.59 9.79
CA PRO B 331 5.84 -10.70 10.42
C PRO B 331 6.95 -11.25 9.55
N ASN B 332 7.92 -10.42 9.20
CA ASN B 332 8.91 -10.75 8.20
C ASN B 332 10.36 -10.44 8.60
N THR B 333 10.61 -10.27 9.90
CA THR B 333 11.98 -10.08 10.35
C THR B 333 12.20 -10.79 11.67
N VAL B 334 13.47 -11.08 11.98
CA VAL B 334 13.84 -11.66 13.25
C VAL B 334 13.39 -10.69 14.36
N HIS B 335 13.63 -9.39 14.17
CA HIS B 335 13.20 -8.39 15.14
C HIS B 335 11.72 -8.45 15.47
N TYR B 336 10.85 -8.68 14.47
CA TYR B 336 9.42 -8.85 14.72
C TYR B 336 9.15 -9.96 15.75
N HIS B 337 9.74 -11.14 15.54
CA HIS B 337 9.47 -12.28 16.40
C HIS B 337 10.08 -12.02 17.76
N GLU B 338 11.27 -11.44 17.75
CA GLU B 338 11.96 -11.13 18.98
C GLU B 338 11.07 -10.25 19.88
N VAL B 339 10.54 -9.19 19.30
CA VAL B 339 9.67 -8.25 20.01
C VAL B 339 8.36 -8.86 20.52
N MET B 340 7.70 -9.69 19.71
CA MET B 340 6.45 -10.31 20.16
C MET B 340 6.68 -11.21 21.37
N GLU B 341 7.82 -11.87 21.38
CA GLU B 341 8.19 -12.69 22.53
C GLU B 341 8.47 -11.83 23.77
N GLU B 342 9.21 -10.74 23.59
CA GLU B 342 9.47 -9.81 24.69
C GLU B 342 8.18 -9.23 25.26
N ILE B 343 7.19 -8.99 24.40
CA ILE B 343 5.92 -8.45 24.84
C ILE B 343 5.15 -9.51 25.63
N SER B 344 5.14 -10.72 25.11
CA SER B 344 4.50 -11.81 25.83
C SER B 344 5.16 -12.03 27.21
N ASP B 345 6.50 -12.06 27.26
CA ASP B 345 7.24 -12.22 28.53
C ASP B 345 6.95 -11.11 29.53
N PHE B 346 6.87 -9.88 29.02
CA PHE B 346 6.59 -8.70 29.84
C PHE B 346 5.20 -8.78 30.46
N LEU B 347 4.18 -9.13 29.67
CA LEU B 347 2.81 -9.21 30.18
C LEU B 347 2.68 -10.33 31.23
N ASN B 348 3.33 -11.47 30.98
CA ASN B 348 3.32 -12.58 31.92
C ASN B 348 3.96 -12.21 33.26
N ALA B 349 5.15 -11.60 33.18
CA ALA B 349 5.91 -11.26 34.35
C ALA B 349 5.23 -10.21 35.25
N ASN B 350 4.29 -9.46 34.69
CA ASN B 350 3.71 -8.33 35.41
C ASN B 350 2.21 -8.44 35.67
N LEU B 351 1.67 -9.61 35.39
CA LEU B 351 0.24 -9.89 35.55
C LEU B 351 -0.10 -10.22 37.01
N VAL C 15 -21.92 42.83 -20.92
CA VAL C 15 -20.59 43.02 -20.27
C VAL C 15 -19.51 43.23 -21.34
N PRO C 16 -18.80 44.35 -21.27
CA PRO C 16 -17.70 44.67 -22.19
C PRO C 16 -16.63 43.56 -22.14
N LEU C 17 -16.05 43.21 -23.28
CA LEU C 17 -15.17 42.06 -23.37
C LEU C 17 -14.00 42.13 -22.38
N HIS C 18 -13.37 43.32 -22.28
CA HIS C 18 -12.18 43.48 -21.43
C HIS C 18 -12.57 43.26 -19.95
N THR C 19 -13.77 43.71 -19.57
CA THR C 19 -14.27 43.48 -18.20
C THR C 19 -14.51 42.00 -17.97
N TRP C 20 -15.13 41.33 -18.93
CA TRP C 20 -15.42 39.93 -18.78
C TRP C 20 -14.13 39.14 -18.60
N VAL C 21 -13.13 39.49 -19.38
CA VAL C 21 -11.88 38.74 -19.36
C VAL C 21 -11.19 39.00 -18.03
N LEU C 22 -11.10 40.28 -17.65
CA LEU C 22 -10.40 40.64 -16.43
C LEU C 22 -11.04 39.98 -15.20
N ILE C 23 -12.33 40.16 -15.05
CA ILE C 23 -13.00 39.60 -13.86
C ILE C 23 -13.05 38.07 -13.87
N SER C 24 -13.25 37.47 -15.04
CA SER C 24 -13.19 36.02 -15.13
C SER C 24 -11.82 35.47 -14.71
N ASN C 25 -10.75 36.20 -15.07
CA ASN C 25 -9.40 35.79 -14.70
C ASN C 25 -9.28 35.72 -13.16
N PHE C 26 -9.81 36.74 -12.48
CA PHE C 26 -9.85 36.75 -11.02
C PHE C 26 -10.71 35.60 -10.51
N LYS C 27 -11.91 35.45 -11.07
CA LYS C 27 -12.83 34.41 -10.62
C LYS C 27 -12.22 33.01 -10.71
N LEU C 28 -11.69 32.69 -11.89
CA LEU C 28 -11.08 31.37 -12.09
C LEU C 28 -9.83 31.11 -11.23
N SER C 29 -9.00 32.13 -10.99
CA SER C 29 -7.85 32.01 -10.06
C SER C 29 -8.35 31.79 -8.64
N TYR C 30 -9.35 32.58 -8.22
CA TYR C 30 -9.80 32.56 -6.80
C TYR C 30 -10.48 31.23 -6.45
N ASN C 31 -11.12 30.61 -7.45
CA ASN C 31 -11.73 29.28 -7.28
C ASN C 31 -10.75 28.27 -6.71
N ILE C 32 -9.48 28.34 -7.13
CA ILE C 32 -8.52 27.34 -6.68
C ILE C 32 -7.82 27.74 -5.36
N LEU C 33 -7.97 28.99 -4.95
CA LEU C 33 -7.37 29.46 -3.70
C LEU C 33 -8.24 29.19 -2.44
N ARG C 34 -9.56 29.13 -2.61
CA ARG C 34 -10.43 28.85 -1.47
C ARG C 34 -10.40 27.38 -1.16
N ARG C 35 -10.08 26.96 0.07
CA ARG C 35 -10.17 25.55 0.39
C ARG C 35 -11.48 25.22 1.03
N ALA C 36 -11.99 24.02 0.72
CA ALA C 36 -13.27 23.56 1.26
C ALA C 36 -13.30 23.62 2.77
N ASP C 37 -12.15 23.43 3.43
CA ASP C 37 -12.10 23.46 4.91
C ASP C 37 -12.13 24.87 5.49
N GLY C 38 -12.25 25.88 4.62
CA GLY C 38 -12.31 27.26 5.07
C GLY C 38 -10.97 27.92 5.31
N THR C 39 -9.88 27.22 4.99
CA THR C 39 -8.55 27.85 5.02
C THR C 39 -8.23 28.33 3.60
N PHE C 40 -7.11 29.02 3.42
CA PHE C 40 -6.83 29.71 2.17
C PHE C 40 -5.41 29.49 1.66
N GLU C 41 -5.28 29.39 0.33
CA GLU C 41 -3.99 29.22 -0.34
C GLU C 41 -3.23 30.54 -0.36
N ARG C 42 -2.74 30.97 0.81
CA ARG C 42 -2.25 32.34 0.94
C ARG C 42 -0.97 32.55 0.13
N ASP C 43 -0.02 31.62 0.25
CA ASP C 43 1.27 31.78 -0.45
C ASP C 43 1.05 31.85 -1.98
N LEU C 44 0.20 30.96 -2.49
CA LEU C 44 -0.16 30.93 -3.92
C LEU C 44 -0.90 32.22 -4.34
N GLY C 45 -1.86 32.64 -3.52
CA GLY C 45 -2.57 33.92 -3.73
C GLY C 45 -1.66 35.10 -3.86
N GLU C 46 -0.72 35.22 -2.92
CA GLU C 46 0.27 36.29 -2.98
C GLU C 46 1.13 36.20 -4.26
N TYR C 47 1.55 34.99 -4.60
CA TYR C 47 2.39 34.74 -5.78
C TYR C 47 1.66 35.14 -7.09
N LEU C 48 0.38 34.83 -7.15
CA LEU C 48 -0.42 35.06 -8.39
C LEU C 48 -1.06 36.46 -8.53
N ASP C 49 -1.06 37.22 -7.44
CA ASP C 49 -1.67 38.57 -7.50
C ASP C 49 -0.86 39.48 -8.41
N ARG C 50 -1.51 40.40 -9.08
CA ARG C 50 -0.78 41.33 -9.92
C ARG C 50 -0.61 42.61 -9.14
N ARG C 51 0.65 43.00 -8.91
CA ARG C 51 0.97 44.14 -8.02
C ARG C 51 2.07 44.99 -8.62
N VAL C 52 2.18 46.22 -8.10
CA VAL C 52 3.22 47.18 -8.53
C VAL C 52 3.90 47.80 -7.32
N PRO C 53 5.18 48.19 -7.46
CA PRO C 53 5.91 48.85 -6.39
C PRO C 53 5.42 50.30 -6.25
N ALA C 54 5.63 50.90 -5.08
CA ALA C 54 5.49 52.34 -4.91
C ALA C 54 6.61 53.01 -5.70
N ASN C 55 6.44 54.29 -6.05
CA ASN C 55 7.50 54.97 -6.82
C ASN C 55 7.45 56.50 -6.70
N ALA C 56 8.53 57.04 -6.15
CA ALA C 56 8.70 58.49 -6.03
C ALA C 56 8.60 59.22 -7.38
N ARG C 57 9.18 58.65 -8.44
CA ARG C 57 9.05 59.22 -9.80
C ARG C 57 7.59 59.18 -10.24
N PRO C 58 7.03 60.33 -10.68
CA PRO C 58 5.62 60.36 -11.06
C PRO C 58 5.31 59.60 -12.35
N LEU C 59 4.19 58.91 -12.37
CA LEU C 59 3.70 58.34 -13.61
C LEU C 59 2.39 59.06 -13.89
N GLU C 60 2.26 59.61 -15.10
CA GLU C 60 1.17 60.54 -15.46
C GLU C 60 0.72 61.46 -14.30
N GLY C 61 1.70 62.11 -13.66
CA GLY C 61 1.43 63.12 -12.65
C GLY C 61 1.30 62.69 -11.20
N VAL C 62 1.31 61.39 -10.94
CA VAL C 62 1.10 60.88 -9.56
C VAL C 62 2.30 60.08 -9.02
N SER C 63 2.66 60.33 -7.78
CA SER C 63 3.71 59.58 -7.10
C SER C 63 3.15 58.78 -5.93
N SER C 64 3.87 57.75 -5.47
CA SER C 64 3.43 56.93 -4.34
C SER C 64 4.56 56.56 -3.40
N PHE C 65 4.22 56.25 -2.17
CA PHE C 65 5.19 55.97 -1.11
C PHE C 65 4.60 54.95 -0.15
N ASP C 66 5.34 53.87 0.09
CA ASP C 66 4.94 52.89 1.09
C ASP C 66 5.48 53.30 2.43
N HIS C 67 4.68 53.08 3.45
CA HIS C 67 4.98 53.57 4.78
C HIS C 67 4.34 52.71 5.87
N ILE C 68 5.15 52.19 6.79
CA ILE C 68 4.63 51.43 7.93
C ILE C 68 4.06 52.41 8.97
N ILE C 69 2.80 52.24 9.34
CA ILE C 69 2.18 53.17 10.26
C ILE C 69 2.00 52.52 11.64
N ASP C 70 2.34 51.23 11.72
CA ASP C 70 2.21 50.46 12.96
C ASP C 70 3.12 49.19 12.92
N GLN C 71 4.27 49.28 13.59
CA GLN C 71 5.27 48.18 13.61
C GLN C 71 4.79 46.94 14.40
N SER C 72 4.03 47.19 15.47
CA SER C 72 3.41 46.15 16.28
C SER C 72 2.65 45.07 15.49
N VAL C 73 2.08 45.48 14.35
CA VAL C 73 1.17 44.65 13.57
C VAL C 73 1.68 44.56 12.13
N GLY C 74 2.77 45.30 11.84
CA GLY C 74 3.28 45.46 10.49
C GLY C 74 2.25 46.08 9.55
N LEU C 75 1.55 47.10 10.02
CA LEU C 75 0.52 47.76 9.20
C LEU C 75 1.13 48.78 8.27
N GLU C 76 0.89 48.62 6.97
CA GLU C 76 1.45 49.51 5.97
C GLU C 76 0.35 50.24 5.17
N VAL C 77 0.67 51.43 4.68
CA VAL C 77 -0.19 52.16 3.75
C VAL C 77 0.62 52.55 2.52
N ARG C 78 -0.06 52.81 1.42
CA ARG C 78 0.59 53.40 0.27
C ARG C 78 -0.05 54.77 0.09
N ILE C 79 0.80 55.80 0.03
CA ILE C 79 0.36 57.21 -0.03
C ILE C 79 0.55 57.68 -1.44
N TYR C 80 -0.50 58.28 -1.99
CA TYR C 80 -0.45 58.81 -3.35
C TYR C 80 -0.63 60.35 -3.32
N ARG C 81 0.14 61.06 -4.14
CA ARG C 81 0.10 62.52 -4.20
C ARG C 81 0.39 63.00 -5.63
N ALA C 82 -0.02 64.24 -5.95
CA ALA C 82 0.16 64.79 -7.30
C ALA C 82 1.62 65.15 -7.63
N PHE C 112 -7.68 70.61 0.91
CA PHE C 112 -7.65 69.42 0.05
C PHE C 112 -8.18 68.16 0.73
N PRO C 113 -8.77 67.23 -0.05
CA PRO C 113 -9.27 65.99 0.58
C PRO C 113 -8.16 64.94 0.79
N VAL C 114 -8.24 64.21 1.89
CA VAL C 114 -7.45 63.01 2.10
C VAL C 114 -8.42 61.82 2.04
N ILE C 115 -8.30 61.00 0.99
CA ILE C 115 -9.15 59.81 0.88
C ILE C 115 -8.39 58.60 1.42
N ILE C 116 -8.87 58.06 2.53
CA ILE C 116 -8.37 56.81 3.08
C ILE C 116 -9.13 55.69 2.37
N PHE C 117 -8.39 54.88 1.61
CA PHE C 117 -9.01 53.85 0.80
C PHE C 117 -8.71 52.41 1.29
N PHE C 118 -9.75 51.57 1.26
CA PHE C 118 -9.67 50.16 1.67
C PHE C 118 -10.03 49.27 0.48
N HIS C 119 -9.05 48.54 -0.03
CA HIS C 119 -9.24 47.68 -1.21
C HIS C 119 -10.29 46.63 -0.98
N GLY C 120 -10.90 46.18 -2.07
CA GLY C 120 -11.87 45.07 -2.04
C GLY C 120 -11.12 43.75 -2.09
N GLY C 121 -11.83 42.66 -2.40
CA GLY C 121 -11.25 41.30 -2.25
C GLY C 121 -11.92 40.45 -1.20
N SER C 122 -13.11 40.88 -0.76
CA SER C 122 -13.96 40.08 0.15
C SER C 122 -13.29 39.68 1.49
N PHE C 123 -12.47 40.59 2.01
CA PHE C 123 -11.69 40.41 3.27
C PHE C 123 -10.46 39.49 3.14
N VAL C 124 -10.34 38.80 2.00
CA VAL C 124 -9.36 37.72 1.86
C VAL C 124 -8.28 38.07 0.81
N HIS C 125 -8.67 38.72 -0.28
CA HIS C 125 -7.76 38.95 -1.41
C HIS C 125 -7.23 40.37 -1.50
N SER C 126 -6.19 40.52 -2.30
CA SER C 126 -5.63 41.82 -2.76
C SER C 126 -4.85 42.56 -1.68
N SER C 127 -4.26 43.67 -2.10
CA SER C 127 -3.41 44.47 -1.26
C SER C 127 -3.42 45.89 -1.81
N ALA C 128 -2.82 46.82 -1.07
CA ALA C 128 -2.70 48.20 -1.57
C ALA C 128 -1.80 48.26 -2.78
N SER C 129 -0.87 47.30 -2.87
CA SER C 129 0.00 47.21 -4.02
C SER C 129 -0.66 46.54 -5.22
N SER C 130 -1.86 45.97 -5.07
CA SER C 130 -2.53 45.30 -6.20
C SER C 130 -2.77 46.31 -7.32
N THR C 131 -2.37 45.97 -8.54
CA THR C 131 -2.44 46.90 -9.67
C THR C 131 -3.83 47.51 -9.91
N ILE C 132 -4.88 46.70 -9.84
CA ILE C 132 -6.24 47.26 -9.99
C ILE C 132 -6.50 48.38 -9.00
N TYR C 133 -5.98 48.25 -7.78
CA TYR C 133 -6.20 49.25 -6.73
C TYR C 133 -5.19 50.39 -6.75
N ASP C 134 -3.94 50.11 -7.13
CA ASP C 134 -2.97 51.19 -7.33
C ASP C 134 -3.50 52.11 -8.44
N SER C 135 -4.07 51.50 -9.48
CA SER C 135 -4.53 52.28 -10.62
C SER C 135 -5.76 53.11 -10.23
N LEU C 136 -6.64 52.54 -9.42
CA LEU C 136 -7.83 53.24 -8.90
C LEU C 136 -7.45 54.41 -7.99
N CYS C 137 -6.50 54.17 -7.10
CA CYS C 137 -6.00 55.23 -6.24
C CYS C 137 -5.35 56.37 -7.04
N ARG C 138 -4.55 56.05 -8.06
CA ARG C 138 -3.98 57.07 -8.97
C ARG C 138 -5.08 57.95 -9.63
N ARG C 139 -6.14 57.29 -10.15
CA ARG C 139 -7.34 57.98 -10.70
C ARG C 139 -8.00 58.89 -9.68
N PHE C 140 -8.08 58.41 -8.44
CA PHE C 140 -8.64 59.20 -7.35
C PHE C 140 -7.84 60.47 -7.02
N VAL C 141 -6.50 60.40 -7.07
CA VAL C 141 -5.64 61.58 -6.88
C VAL C 141 -5.90 62.62 -7.97
N LYS C 142 -5.96 62.15 -9.22
CA LYS C 142 -6.14 63.01 -10.38
C LYS C 142 -7.49 63.70 -10.36
N LEU C 143 -8.52 62.98 -9.92
CA LEU C 143 -9.86 63.57 -9.86
C LEU C 143 -10.11 64.34 -8.57
N SER C 144 -9.31 64.10 -7.53
CA SER C 144 -9.57 64.78 -6.26
C SER C 144 -8.66 65.99 -6.03
N LYS C 145 -7.52 66.03 -6.71
CA LYS C 145 -6.41 66.95 -6.39
C LYS C 145 -6.17 66.90 -4.88
N GLY C 146 -6.17 65.67 -4.37
CA GLY C 146 -5.98 65.43 -2.95
C GLY C 146 -4.95 64.34 -2.76
N VAL C 147 -4.94 63.77 -1.55
CA VAL C 147 -4.02 62.69 -1.17
C VAL C 147 -4.83 61.40 -0.96
N VAL C 148 -4.29 60.27 -1.44
CA VAL C 148 -4.94 58.98 -1.19
C VAL C 148 -4.04 58.12 -0.30
N VAL C 149 -4.63 57.56 0.74
CA VAL C 149 -3.92 56.69 1.67
C VAL C 149 -4.57 55.32 1.62
N SER C 150 -3.96 54.39 0.89
CA SER C 150 -4.51 53.05 0.70
C SER C 150 -3.98 52.13 1.79
N VAL C 151 -4.88 51.55 2.56
CA VAL C 151 -4.51 50.79 3.72
C VAL C 151 -4.35 49.28 3.43
N ASN C 152 -3.18 48.74 3.75
CA ASN C 152 -2.92 47.30 3.60
C ASN C 152 -3.41 46.55 4.80
N TYR C 153 -4.72 46.52 5.00
CA TYR C 153 -5.32 45.88 6.17
C TYR C 153 -5.07 44.39 6.25
N ARG C 154 -5.04 43.86 7.49
CA ARG C 154 -4.89 42.42 7.73
C ARG C 154 -6.11 41.68 7.21
N ARG C 155 -5.86 40.54 6.55
CA ARG C 155 -6.90 39.82 5.82
C ARG C 155 -7.28 38.47 6.42
N ALA C 156 -8.55 38.13 6.27
CA ALA C 156 -9.03 36.81 6.60
C ALA C 156 -8.55 35.76 5.57
N PRO C 157 -8.67 34.46 5.89
CA PRO C 157 -9.14 33.86 7.16
C PRO C 157 -8.07 33.86 8.25
N GLU C 158 -6.85 34.29 7.94
CA GLU C 158 -5.76 34.29 8.93
C GLU C 158 -6.00 35.32 10.05
N HIS C 159 -6.63 36.44 9.69
CA HIS C 159 -6.91 37.49 10.64
C HIS C 159 -8.39 37.73 10.51
N ARG C 160 -9.14 37.17 11.44
CA ARG C 160 -10.58 37.32 11.45
C ARG C 160 -11.03 38.67 12.07
N TYR C 161 -12.33 38.85 12.08
CA TYR C 161 -12.96 40.01 12.71
C TYR C 161 -12.39 40.14 14.13
N PRO C 162 -12.12 41.37 14.59
CA PRO C 162 -12.20 42.65 13.91
C PRO C 162 -10.88 43.27 13.47
N CYS C 163 -9.87 42.46 13.16
CA CYS C 163 -8.58 42.99 12.72
C CYS C 163 -8.63 44.02 11.58
N ALA C 164 -9.40 43.74 10.52
CA ALA C 164 -9.47 44.69 9.41
C ALA C 164 -10.00 46.07 9.89
N TYR C 165 -11.06 46.03 10.68
CA TYR C 165 -11.62 47.25 11.29
C TYR C 165 -10.62 48.00 12.21
N ASP C 166 -9.86 47.25 13.03
CA ASP C 166 -8.84 47.86 13.90
C ASP C 166 -7.78 48.54 13.08
N ASP C 167 -7.39 47.90 11.98
CA ASP C 167 -6.38 48.51 11.11
C ASP C 167 -6.91 49.76 10.43
N GLY C 168 -8.20 49.75 10.13
CA GLY C 168 -8.79 50.96 9.53
C GLY C 168 -8.82 52.09 10.55
N TRP C 169 -9.13 51.77 11.79
CA TRP C 169 -9.12 52.77 12.88
C TRP C 169 -7.70 53.35 13.05
N THR C 170 -6.70 52.47 13.10
CA THR C 170 -5.31 52.89 13.17
C THR C 170 -4.92 53.82 12.03
N ALA C 171 -5.38 53.52 10.82
CA ALA C 171 -5.04 54.34 9.68
C ALA C 171 -5.66 55.73 9.81
N LEU C 172 -6.90 55.77 10.30
CA LEU C 172 -7.59 57.05 10.42
C LEU C 172 -6.83 57.95 11.41
N LYS C 173 -6.62 57.46 12.63
CA LYS C 173 -5.87 58.17 13.68
C LYS C 173 -4.49 58.62 13.19
N TRP C 174 -3.80 57.75 12.45
CA TRP C 174 -2.52 58.12 11.89
C TRP C 174 -2.65 59.31 10.96
N VAL C 175 -3.62 59.28 10.05
CA VAL C 175 -3.76 60.33 9.03
C VAL C 175 -3.98 61.67 9.74
N MET C 176 -4.86 61.66 10.75
CA MET C 176 -5.15 62.83 11.59
C MET C 176 -3.86 63.46 12.12
N SER C 177 -2.98 62.62 12.65
CA SER C 177 -1.71 63.04 13.26
C SER C 177 -0.70 63.71 12.33
N GLN C 178 -0.82 63.53 11.02
CA GLN C 178 0.23 64.04 10.12
C GLN C 178 0.01 65.49 9.65
N PRO C 179 1.01 66.36 9.92
CA PRO C 179 0.99 67.77 9.47
C PRO C 179 0.81 67.88 7.95
N PHE C 180 1.49 67.00 7.22
CA PHE C 180 1.38 66.96 5.75
C PHE C 180 -0.04 66.72 5.25
N MET C 181 -0.82 65.96 6.03
CA MET C 181 -2.21 65.63 5.66
C MET C 181 -3.17 66.82 5.84
N ARG C 182 -2.83 67.72 6.77
CA ARG C 182 -3.55 68.97 6.97
C ARG C 182 -3.02 70.00 5.98
N ALA C 189 -7.05 67.97 8.73
CA ALA C 189 -7.18 67.07 7.58
C ALA C 189 -8.66 66.89 7.13
N ARG C 190 -8.91 67.08 5.83
CA ARG C 190 -10.25 66.91 5.29
C ARG C 190 -10.42 65.47 4.74
N VAL C 191 -10.87 64.58 5.61
CA VAL C 191 -10.81 63.14 5.37
C VAL C 191 -12.10 62.45 4.88
N PHE C 192 -11.94 61.64 3.84
CA PHE C 192 -13.02 60.80 3.35
C PHE C 192 -12.59 59.34 3.50
N LEU C 193 -13.53 58.47 3.82
CA LEU C 193 -13.24 57.03 3.88
C LEU C 193 -13.94 56.37 2.72
N SER C 194 -13.24 55.43 2.06
CA SER C 194 -13.71 54.85 0.84
C SER C 194 -13.25 53.37 0.78
N GLY C 195 -14.07 52.51 0.20
CA GLY C 195 -13.62 51.14 -0.12
C GLY C 195 -14.60 50.53 -1.08
N ASP C 196 -14.15 49.54 -1.86
CA ASP C 196 -15.05 48.68 -2.61
C ASP C 196 -15.15 47.32 -1.97
N SER C 197 -16.24 46.59 -2.23
CA SER C 197 -16.40 45.25 -1.68
C SER C 197 -16.15 45.32 -0.15
N SER C 198 -15.38 44.40 0.40
CA SER C 198 -15.06 44.38 1.82
C SER C 198 -14.50 45.73 2.33
N GLY C 199 -13.77 46.45 1.50
CA GLY C 199 -13.23 47.76 1.90
C GLY C 199 -14.32 48.78 2.17
N GLY C 200 -15.43 48.67 1.45
CA GLY C 200 -16.62 49.50 1.72
C GLY C 200 -17.25 49.17 3.06
N ASN C 201 -17.32 47.88 3.39
CA ASN C 201 -17.77 47.45 4.70
C ASN C 201 -16.84 47.98 5.79
N ILE C 202 -15.52 47.88 5.56
CA ILE C 202 -14.54 48.42 6.48
C ILE C 202 -14.77 49.93 6.65
N ALA C 203 -14.95 50.65 5.55
CA ALA C 203 -15.11 52.12 5.61
C ALA C 203 -16.29 52.51 6.50
N HIS C 204 -17.39 51.77 6.36
CA HIS C 204 -18.57 51.96 7.19
C HIS C 204 -18.25 51.82 8.68
N HIS C 205 -17.63 50.71 9.09
CA HIS C 205 -17.39 50.48 10.52
C HIS C 205 -16.38 51.48 11.08
N VAL C 206 -15.39 51.86 10.28
CA VAL C 206 -14.44 52.90 10.69
C VAL C 206 -15.16 54.25 10.86
N ALA C 207 -16.07 54.55 9.94
CA ALA C 207 -16.88 55.79 10.00
C ALA C 207 -17.75 55.84 11.25
N VAL C 208 -18.33 54.69 11.63
CA VAL C 208 -19.13 54.56 12.84
C VAL C 208 -18.31 54.81 14.09
N ARG C 209 -17.18 54.13 14.20
CA ARG C 209 -16.31 54.34 15.34
C ARG C 209 -15.81 55.78 15.40
N ALA C 210 -15.54 56.40 14.24
CA ALA C 210 -15.11 57.79 14.23
C ALA C 210 -16.22 58.70 14.78
N ALA C 211 -17.46 58.43 14.38
CA ALA C 211 -18.62 59.14 14.91
C ALA C 211 -18.76 59.02 16.42
N ASP C 212 -18.74 57.78 16.93
CA ASP C 212 -18.80 57.48 18.36
C ASP C 212 -17.77 58.24 19.18
N GLU C 213 -16.59 58.45 18.60
CA GLU C 213 -15.46 58.97 19.32
C GLU C 213 -15.27 60.45 19.05
N GLY C 214 -16.17 61.03 18.27
CA GLY C 214 -16.08 62.44 17.92
C GLY C 214 -14.88 62.77 17.05
N VAL C 215 -14.59 61.91 16.09
CA VAL C 215 -13.61 62.22 15.06
C VAL C 215 -14.44 62.53 13.81
N LYS C 216 -14.16 63.67 13.19
CA LYS C 216 -14.96 64.10 12.03
C LYS C 216 -14.48 63.57 10.67
N VAL C 217 -15.34 62.77 10.05
CA VAL C 217 -15.14 62.31 8.67
C VAL C 217 -16.08 63.13 7.78
N CYS C 218 -15.54 63.79 6.76
CA CYS C 218 -16.32 64.52 5.76
C CYS C 218 -17.32 63.65 4.98
N GLY C 219 -16.89 62.45 4.56
CA GLY C 219 -17.75 61.61 3.74
C GLY C 219 -17.25 60.20 3.45
N ASN C 220 -18.19 59.28 3.29
CA ASN C 220 -17.91 57.89 2.89
C ASN C 220 -18.20 57.66 1.40
N ILE C 221 -17.25 57.04 0.71
CA ILE C 221 -17.46 56.65 -0.69
C ILE C 221 -17.45 55.10 -0.78
N LEU C 222 -18.63 54.49 -0.89
CA LEU C 222 -18.77 53.03 -0.97
C LEU C 222 -19.08 52.52 -2.38
N LEU C 223 -18.27 51.56 -2.85
CA LEU C 223 -18.41 51.02 -4.20
C LEU C 223 -18.72 49.56 -4.02
N ASN C 224 -19.97 49.17 -4.27
CA ASN C 224 -20.38 47.79 -4.00
C ASN C 224 -19.93 47.30 -2.61
N ALA C 225 -20.21 48.10 -1.59
CA ALA C 225 -19.89 47.71 -0.22
C ALA C 225 -20.50 46.34 0.15
N MET C 226 -19.72 45.55 0.87
CA MET C 226 -20.04 44.16 1.10
C MET C 226 -20.79 43.98 2.38
N PHE C 227 -22.07 43.59 2.25
CA PHE C 227 -22.95 43.32 3.40
C PHE C 227 -23.69 42.02 3.12
N GLY C 228 -24.19 41.40 4.18
CA GLY C 228 -24.94 40.18 4.03
C GLY C 228 -25.93 39.89 5.13
N GLY C 229 -26.41 38.67 5.17
CA GLY C 229 -27.31 38.24 6.25
C GLY C 229 -27.66 36.78 6.09
N THR C 230 -28.31 36.20 7.08
CA THR C 230 -28.62 34.78 7.08
C THR C 230 -29.61 34.38 6.00
N GLU C 231 -30.58 35.25 5.69
CA GLU C 231 -31.57 34.93 4.65
C GLU C 231 -31.09 35.43 3.29
N ARG C 232 -31.71 34.93 2.24
CA ARG C 232 -31.39 35.40 0.92
C ARG C 232 -32.34 36.52 0.54
N THR C 233 -31.81 37.56 -0.10
CA THR C 233 -32.62 38.60 -0.70
C THR C 233 -33.00 38.11 -2.10
N GLU C 234 -33.96 38.81 -2.71
CA GLU C 234 -34.38 38.55 -4.07
C GLU C 234 -33.23 38.67 -5.08
N SER C 235 -32.43 39.72 -4.94
CA SER C 235 -31.33 39.98 -5.88
C SER C 235 -30.30 38.87 -5.80
N GLU C 236 -30.09 38.35 -4.59
CA GLU C 236 -29.17 37.22 -4.38
C GLU C 236 -29.60 35.98 -5.13
N ARG C 237 -30.89 35.64 -5.00
CA ARG C 237 -31.44 34.45 -5.67
C ARG C 237 -31.51 34.64 -7.18
N ARG C 238 -31.92 35.82 -7.62
CA ARG C 238 -31.99 36.13 -9.04
C ARG C 238 -30.64 36.18 -9.76
N LEU C 239 -29.65 36.80 -9.12
CA LEU C 239 -28.38 37.07 -9.82
C LEU C 239 -27.28 36.06 -9.52
N ASP C 240 -27.53 35.14 -8.60
CA ASP C 240 -26.53 34.11 -8.26
C ASP C 240 -25.95 33.46 -9.52
N GLY C 241 -24.63 33.54 -9.68
CA GLY C 241 -23.92 32.82 -10.76
C GLY C 241 -24.01 33.45 -12.15
N LYS C 242 -24.82 34.49 -12.30
CA LYS C 242 -25.07 35.11 -13.60
C LYS C 242 -23.97 36.10 -14.05
N TYR C 243 -23.37 36.81 -13.09
CA TYR C 243 -22.35 37.81 -13.40
C TYR C 243 -21.18 37.69 -12.42
N PHE C 244 -20.42 36.61 -12.57
CA PHE C 244 -19.15 36.34 -11.87
C PHE C 244 -19.31 35.84 -10.46
N VAL C 245 -20.21 36.46 -9.69
CA VAL C 245 -20.31 36.20 -8.25
C VAL C 245 -21.30 35.07 -7.97
N THR C 246 -20.93 34.19 -7.06
CA THR C 246 -21.83 33.12 -6.60
C THR C 246 -22.10 33.25 -5.13
N LEU C 247 -23.27 32.77 -4.69
CA LEU C 247 -23.59 32.76 -3.26
C LEU C 247 -22.68 31.80 -2.51
N GLN C 248 -22.32 30.69 -3.14
CA GLN C 248 -21.32 29.81 -2.58
C GLN C 248 -20.06 30.57 -2.16
N ASP C 249 -19.50 31.40 -3.05
CA ASP C 249 -18.33 32.17 -2.66
C ASP C 249 -18.62 33.27 -1.65
N ARG C 250 -19.74 33.97 -1.78
CA ARG C 250 -20.11 34.98 -0.80
C ARG C 250 -20.11 34.37 0.62
N ASP C 251 -20.79 33.24 0.76
CA ASP C 251 -20.86 32.51 2.02
C ASP C 251 -19.47 32.15 2.52
N TRP C 252 -18.61 31.69 1.62
CA TRP C 252 -17.24 31.30 2.00
C TRP C 252 -16.51 32.50 2.57
N TYR C 253 -16.59 33.65 1.92
CA TYR C 253 -15.86 34.80 2.42
C TYR C 253 -16.33 35.31 3.77
N TRP C 254 -17.64 35.35 3.96
CA TRP C 254 -18.21 35.72 5.26
C TRP C 254 -17.77 34.75 6.37
N LYS C 255 -17.85 33.46 6.09
CA LYS C 255 -17.32 32.46 7.03
C LYS C 255 -15.82 32.67 7.34
N ALA C 256 -15.04 33.10 6.36
CA ALA C 256 -13.62 33.33 6.58
C ALA C 256 -13.33 34.53 7.46
N TYR C 257 -14.15 35.58 7.37
CA TYR C 257 -13.88 36.82 8.11
C TYR C 257 -14.52 36.83 9.50
N LEU C 258 -15.76 36.33 9.57
CA LEU C 258 -16.54 36.39 10.78
C LEU C 258 -15.99 35.44 11.85
N PRO C 259 -16.25 35.75 13.13
CA PRO C 259 -15.81 34.82 14.18
C PRO C 259 -16.29 33.41 13.86
N GLU C 260 -15.51 32.41 14.28
CA GLU C 260 -15.83 31.03 13.94
C GLU C 260 -17.20 30.55 14.46
N ASP C 261 -17.66 31.12 15.57
CA ASP C 261 -18.97 30.73 16.11
C ASP C 261 -20.13 31.62 15.64
N ALA C 262 -19.86 32.52 14.69
CA ALA C 262 -20.83 33.55 14.29
C ALA C 262 -21.59 33.15 13.03
N ASP C 263 -22.66 33.88 12.72
CA ASP C 263 -23.30 33.72 11.43
C ASP C 263 -23.43 35.05 10.72
N ARG C 264 -24.11 35.05 9.58
CA ARG C 264 -24.18 36.24 8.73
C ARG C 264 -25.08 37.35 9.28
N ASP C 265 -25.72 37.10 10.43
CA ASP C 265 -26.42 38.19 11.13
C ASP C 265 -25.53 38.82 12.20
N HIS C 266 -24.27 38.43 12.26
CA HIS C 266 -23.31 39.19 13.05
C HIS C 266 -23.36 40.63 12.48
N PRO C 267 -23.34 41.66 13.37
CA PRO C 267 -23.42 43.08 12.97
C PRO C 267 -22.32 43.55 11.99
N ALA C 268 -21.18 42.86 11.97
CA ALA C 268 -20.12 43.22 11.06
C ALA C 268 -20.60 43.00 9.62
N CYS C 269 -21.39 41.94 9.44
CA CYS C 269 -21.89 41.50 8.15
C CYS C 269 -23.21 42.20 7.83
N ASN C 270 -24.08 42.23 8.84
CA ASN C 270 -25.45 42.73 8.71
C ASN C 270 -25.70 43.87 9.70
N PRO C 271 -25.15 45.07 9.42
CA PRO C 271 -25.13 46.11 10.46
C PRO C 271 -26.51 46.68 10.86
N PHE C 272 -27.51 46.52 9.99
CA PHE C 272 -28.87 46.97 10.31
C PHE C 272 -29.85 45.81 10.42
N GLY C 273 -29.34 44.62 10.69
CA GLY C 273 -30.21 43.49 10.92
C GLY C 273 -30.46 43.23 12.40
N PRO C 274 -30.99 42.03 12.70
CA PRO C 274 -31.42 41.54 14.01
C PRO C 274 -30.50 41.90 15.17
N ASN C 275 -29.21 42.03 14.89
CA ASN C 275 -28.20 42.25 15.91
C ASN C 275 -27.50 43.58 15.74
N GLY C 276 -28.04 44.38 14.82
CA GLY C 276 -27.44 45.66 14.47
C GLY C 276 -27.68 46.79 15.47
N ARG C 277 -27.63 48.01 14.96
CA ARG C 277 -27.59 49.18 15.80
C ARG C 277 -27.96 50.34 14.92
N ARG C 278 -28.88 51.18 15.42
CA ARG C 278 -29.31 52.33 14.67
C ARG C 278 -28.39 53.49 14.97
N LEU C 279 -28.12 54.32 13.97
CA LEU C 279 -27.05 55.31 14.08
C LEU C 279 -27.56 56.75 14.16
N GLY C 280 -28.87 56.85 14.40
CA GLY C 280 -29.50 58.14 14.66
C GLY C 280 -28.94 58.74 15.93
N GLY C 281 -28.43 59.96 15.82
CA GLY C 281 -27.84 60.62 16.95
C GLY C 281 -26.33 60.41 17.04
N LEU C 282 -25.70 60.10 15.89
CA LEU C 282 -24.24 60.18 15.77
C LEU C 282 -23.88 61.16 14.68
N PRO C 283 -22.78 61.89 14.86
CA PRO C 283 -22.29 62.78 13.80
C PRO C 283 -21.64 61.96 12.66
N PHE C 284 -22.45 61.14 12.01
CA PHE C 284 -21.99 60.23 10.93
C PHE C 284 -21.79 60.99 9.63
N ALA C 285 -20.68 60.67 8.97
CA ALA C 285 -20.31 61.21 7.66
C ALA C 285 -21.45 61.16 6.64
N LYS C 286 -21.40 62.08 5.68
CA LYS C 286 -22.23 61.99 4.47
C LYS C 286 -21.82 60.71 3.73
N SER C 287 -22.77 60.02 3.10
CA SER C 287 -22.49 58.81 2.30
C SER C 287 -22.77 58.99 0.81
N LEU C 288 -21.82 58.54 -0.02
CA LEU C 288 -22.02 58.32 -1.46
C LEU C 288 -21.93 56.81 -1.64
N ILE C 289 -23.06 56.21 -2.02
CA ILE C 289 -23.21 54.74 -2.13
C ILE C 289 -23.43 54.32 -3.59
N ILE C 290 -22.43 53.64 -4.14
CA ILE C 290 -22.42 53.26 -5.55
C ILE C 290 -22.74 51.78 -5.61
N VAL C 291 -23.79 51.43 -6.37
CA VAL C 291 -24.39 50.09 -6.35
C VAL C 291 -24.52 49.53 -7.78
N SER C 292 -23.81 48.43 -8.01
CA SER C 292 -23.94 47.72 -9.25
C SER C 292 -25.24 46.96 -9.26
N GLY C 293 -26.05 47.25 -10.29
CA GLY C 293 -27.30 46.56 -10.54
C GLY C 293 -27.13 45.08 -10.80
N LEU C 294 -26.00 44.67 -11.36
CA LEU C 294 -25.78 43.24 -11.62
C LEU C 294 -24.88 42.57 -10.56
N ASP C 295 -24.74 43.21 -9.38
CA ASP C 295 -24.08 42.63 -8.19
C ASP C 295 -25.25 42.01 -7.41
N LEU C 296 -25.19 40.70 -7.18
CA LEU C 296 -26.33 39.97 -6.55
C LEU C 296 -26.67 40.49 -5.15
N THR C 297 -25.78 41.28 -4.55
CA THR C 297 -26.06 41.83 -3.22
C THR C 297 -26.61 43.28 -3.26
N CYS C 298 -27.06 43.75 -4.41
CA CYS C 298 -27.56 45.12 -4.55
C CYS C 298 -28.74 45.42 -3.59
N ASP C 299 -29.63 44.45 -3.39
CA ASP C 299 -30.76 44.66 -2.45
C ASP C 299 -30.27 45.15 -1.10
N ARG C 300 -29.26 44.47 -0.55
CA ARG C 300 -28.70 44.80 0.76
C ARG C 300 -27.96 46.13 0.80
N GLN C 301 -27.32 46.51 -0.30
CA GLN C 301 -26.66 47.79 -0.38
C GLN C 301 -27.71 48.93 -0.32
N LEU C 302 -28.81 48.73 -1.05
CA LEU C 302 -29.92 49.70 -1.06
C LEU C 302 -30.60 49.80 0.30
N ALA C 303 -30.75 48.66 0.97
CA ALA C 303 -31.35 48.61 2.32
C ALA C 303 -30.45 49.32 3.31
N TYR C 304 -29.13 49.11 3.18
CA TYR C 304 -28.18 49.86 3.98
C TYR C 304 -28.34 51.39 3.80
N ALA C 305 -28.43 51.85 2.54
CA ALA C 305 -28.63 53.29 2.29
C ALA C 305 -29.94 53.80 2.88
N ASP C 306 -31.02 53.03 2.68
CA ASP C 306 -32.36 53.35 3.21
C ASP C 306 -32.31 53.49 4.71
N ALA C 307 -31.62 52.57 5.38
CA ALA C 307 -31.52 52.62 6.82
C ALA C 307 -30.76 53.85 7.28
N LEU C 308 -29.70 54.24 6.56
CA LEU C 308 -28.96 55.46 6.92
C LEU C 308 -29.86 56.69 6.80
N ARG C 309 -30.66 56.74 5.73
CA ARG C 309 -31.65 57.80 5.51
C ARG C 309 -32.60 57.85 6.71
N GLU C 310 -33.24 56.72 7.00
CA GLU C 310 -34.14 56.58 8.15
C GLU C 310 -33.51 57.06 9.46
N ASP C 311 -32.20 56.94 9.58
CA ASP C 311 -31.51 57.32 10.80
C ASP C 311 -31.13 58.79 10.82
N GLY C 312 -31.53 59.52 9.78
CA GLY C 312 -31.31 60.96 9.72
C GLY C 312 -30.05 61.41 9.00
N HIS C 313 -29.38 60.49 8.33
CA HIS C 313 -28.07 60.82 7.73
C HIS C 313 -28.17 61.20 6.26
N HIS C 314 -27.15 61.90 5.77
CA HIS C 314 -27.12 62.41 4.42
C HIS C 314 -26.54 61.32 3.48
N VAL C 315 -27.34 60.90 2.50
CA VAL C 315 -27.03 59.77 1.65
C VAL C 315 -27.30 60.14 0.20
N LYS C 316 -26.39 59.76 -0.70
CA LYS C 316 -26.63 59.80 -2.16
C LYS C 316 -26.34 58.42 -2.77
N VAL C 317 -27.35 57.81 -3.37
CA VAL C 317 -27.16 56.52 -4.00
C VAL C 317 -26.95 56.74 -5.49
N VAL C 318 -25.87 56.16 -6.02
CA VAL C 318 -25.72 56.06 -7.46
C VAL C 318 -25.91 54.60 -7.89
N GLN C 319 -27.05 54.31 -8.51
CA GLN C 319 -27.35 52.96 -8.98
C GLN C 319 -26.94 52.83 -10.43
N CYS C 320 -26.08 51.86 -10.68
CA CYS C 320 -25.55 51.64 -11.99
C CYS C 320 -26.16 50.36 -12.53
N GLU C 321 -27.25 50.53 -13.28
CA GLU C 321 -28.12 49.39 -13.60
C GLU C 321 -27.44 48.30 -14.46
N ASN C 322 -26.56 48.70 -15.37
CA ASN C 322 -25.94 47.77 -16.31
C ASN C 322 -24.57 47.28 -15.85
N ALA C 323 -24.15 47.70 -14.64
CA ALA C 323 -22.81 47.42 -14.14
C ALA C 323 -22.71 46.10 -13.38
N THR C 324 -21.63 45.36 -13.65
CA THR C 324 -21.25 44.20 -12.84
C THR C 324 -20.37 44.67 -11.66
N VAL C 325 -20.00 43.75 -10.77
CA VAL C 325 -18.85 44.02 -9.90
C VAL C 325 -17.65 44.44 -10.75
N GLY C 326 -16.80 45.26 -10.15
CA GLY C 326 -15.51 45.60 -10.72
C GLY C 326 -15.52 46.68 -11.78
N PHE C 327 -16.70 47.19 -12.15
CA PHE C 327 -16.83 48.14 -13.30
C PHE C 327 -15.98 49.41 -13.15
N TYR C 328 -15.73 49.81 -11.90
CA TYR C 328 -14.97 51.03 -11.60
C TYR C 328 -13.45 50.84 -11.80
N LEU C 329 -13.05 49.64 -12.21
CA LEU C 329 -11.62 49.27 -12.38
C LEU C 329 -11.10 49.44 -13.80
N LEU C 330 -12.01 49.65 -14.74
CA LEU C 330 -11.65 49.76 -16.14
C LEU C 330 -12.46 50.90 -16.69
N PRO C 331 -11.81 51.81 -17.42
CA PRO C 331 -12.49 53.00 -17.94
C PRO C 331 -13.17 52.71 -19.29
N ASN C 332 -14.17 51.84 -19.30
CA ASN C 332 -14.71 51.27 -20.53
C ASN C 332 -16.25 51.12 -20.57
N THR C 333 -16.96 51.78 -19.67
CA THR C 333 -18.43 51.79 -19.72
C THR C 333 -18.89 53.18 -19.31
N VAL C 334 -20.15 53.50 -19.61
CA VAL C 334 -20.73 54.77 -19.18
C VAL C 334 -20.75 54.87 -17.65
N HIS C 335 -21.07 53.77 -17.00
CA HIS C 335 -21.12 53.74 -15.55
C HIS C 335 -19.79 54.13 -14.90
N TYR C 336 -18.68 53.72 -15.50
CA TYR C 336 -17.38 54.13 -14.98
C TYR C 336 -17.26 55.65 -14.94
N HIS C 337 -17.59 56.30 -16.05
CA HIS C 337 -17.40 57.75 -16.17
C HIS C 337 -18.38 58.44 -15.24
N GLU C 338 -19.61 57.93 -15.22
CA GLU C 338 -20.64 58.47 -14.35
C GLU C 338 -20.19 58.51 -12.90
N VAL C 339 -19.70 57.38 -12.41
CA VAL C 339 -19.25 57.26 -11.02
C VAL C 339 -18.03 58.15 -10.73
N MET C 340 -17.08 58.23 -11.66
CA MET C 340 -15.90 59.10 -11.45
C MET C 340 -16.34 60.55 -11.31
N GLU C 341 -17.33 60.93 -12.11
CA GLU C 341 -17.86 62.29 -12.01
C GLU C 341 -18.61 62.50 -10.70
N GLU C 342 -19.46 61.55 -10.32
CA GLU C 342 -20.15 61.59 -9.00
C GLU C 342 -19.21 61.71 -7.80
N ILE C 343 -18.12 60.95 -7.83
CA ILE C 343 -17.10 61.06 -6.78
C ILE C 343 -16.44 62.46 -6.79
N SER C 344 -16.02 62.92 -7.99
CA SER C 344 -15.48 64.27 -8.19
C SER C 344 -16.42 65.30 -7.59
N ASP C 345 -17.67 65.30 -8.06
CA ASP C 345 -18.70 66.19 -7.48
C ASP C 345 -18.78 66.10 -5.97
N PHE C 346 -18.84 64.88 -5.43
CA PHE C 346 -18.98 64.63 -3.97
C PHE C 346 -17.81 65.17 -3.15
N LEU C 347 -16.60 64.99 -3.65
CA LEU C 347 -15.42 65.52 -2.99
C LEU C 347 -15.46 67.06 -3.05
N ASN C 348 -15.64 67.60 -4.27
CA ASN C 348 -15.76 69.05 -4.49
C ASN C 348 -16.85 69.75 -3.70
N ALA C 349 -18.05 69.18 -3.71
CA ALA C 349 -19.17 69.74 -2.94
C ALA C 349 -18.82 69.84 -1.46
N ASN C 350 -17.94 68.92 -1.01
CA ASN C 350 -17.59 68.78 0.40
C ASN C 350 -16.14 69.18 0.71
N VAL D 14 -12.74 24.11 -27.74
CA VAL D 14 -11.36 23.67 -28.15
C VAL D 14 -10.26 24.20 -27.19
N VAL D 15 -10.36 25.47 -26.83
CA VAL D 15 -9.38 26.09 -25.95
C VAL D 15 -9.96 26.05 -24.55
N PRO D 16 -9.21 25.52 -23.55
CA PRO D 16 -9.80 25.53 -22.21
C PRO D 16 -10.11 26.95 -21.79
N LEU D 17 -11.14 27.12 -20.97
CA LEU D 17 -11.62 28.46 -20.61
C LEU D 17 -10.51 29.28 -19.94
N HIS D 18 -9.73 28.69 -19.03
CA HIS D 18 -8.73 29.49 -18.36
C HIS D 18 -7.63 29.97 -19.35
N THR D 19 -7.25 29.12 -20.30
CA THR D 19 -6.30 29.53 -21.35
C THR D 19 -6.87 30.68 -22.16
N TRP D 20 -8.13 30.56 -22.59
CA TRP D 20 -8.75 31.60 -23.38
C TRP D 20 -8.74 32.91 -22.61
N VAL D 21 -9.11 32.86 -21.34
CA VAL D 21 -9.17 34.04 -20.48
C VAL D 21 -7.77 34.69 -20.29
N LEU D 22 -6.77 33.87 -19.93
CA LEU D 22 -5.42 34.37 -19.74
C LEU D 22 -4.82 35.00 -21.03
N ILE D 23 -4.82 34.24 -22.12
CA ILE D 23 -4.16 34.73 -23.37
C ILE D 23 -4.97 35.91 -23.94
N SER D 24 -6.31 35.88 -23.85
CA SER D 24 -7.09 37.04 -24.29
C SER D 24 -6.76 38.29 -23.47
N ASN D 25 -6.51 38.12 -22.16
CA ASN D 25 -6.16 39.25 -21.30
C ASN D 25 -4.85 39.90 -21.81
N PHE D 26 -3.85 39.06 -22.13
CA PHE D 26 -2.61 39.55 -22.78
C PHE D 26 -2.91 40.22 -24.10
N LYS D 27 -3.67 39.55 -24.99
CA LYS D 27 -3.95 40.06 -26.34
C LYS D 27 -4.58 41.45 -26.27
N LEU D 28 -5.61 41.61 -25.43
CA LEU D 28 -6.31 42.91 -25.32
C LEU D 28 -5.45 44.02 -24.71
N SER D 29 -4.67 43.68 -23.68
CA SER D 29 -3.72 44.63 -23.12
C SER D 29 -2.67 45.03 -24.16
N TYR D 30 -2.09 44.05 -24.86
CA TYR D 30 -1.02 44.34 -25.82
C TYR D 30 -1.50 45.22 -26.98
N ASN D 31 -2.76 45.02 -27.41
CA ASN D 31 -3.40 45.88 -28.43
C ASN D 31 -3.21 47.35 -28.12
N ILE D 32 -3.34 47.70 -26.84
CA ILE D 32 -3.26 49.08 -26.39
C ILE D 32 -1.80 49.60 -26.31
N LEU D 33 -0.83 48.69 -26.27
CA LEU D 33 0.58 49.09 -26.05
C LEU D 33 1.35 49.33 -27.34
N ARG D 34 0.99 48.62 -28.41
CA ARG D 34 1.61 48.80 -29.71
C ARG D 34 1.04 50.08 -30.29
N ARG D 35 1.93 51.01 -30.69
CA ARG D 35 1.44 52.22 -31.36
C ARG D 35 1.57 52.04 -32.86
N ALA D 36 0.65 52.65 -33.60
CA ALA D 36 0.55 52.47 -35.04
C ALA D 36 1.85 52.89 -35.76
N ASP D 37 2.57 53.87 -35.22
CA ASP D 37 3.81 54.35 -35.84
C ASP D 37 5.02 53.46 -35.52
N GLY D 38 4.79 52.36 -34.79
CA GLY D 38 5.88 51.40 -34.49
C GLY D 38 6.64 51.65 -33.21
N THR D 39 6.23 52.66 -32.47
CA THR D 39 6.74 52.89 -31.13
C THR D 39 5.85 52.16 -30.11
N PHE D 40 6.24 52.22 -28.84
CA PHE D 40 5.65 51.32 -27.84
C PHE D 40 5.37 52.03 -26.53
N GLU D 41 4.21 51.74 -25.91
CA GLU D 41 3.85 52.32 -24.62
C GLU D 41 4.61 51.58 -23.50
N ARG D 42 5.93 51.83 -23.42
CA ARG D 42 6.80 51.11 -22.47
C ARG D 42 6.40 51.32 -21.02
N ASP D 43 6.23 52.58 -20.62
CA ASP D 43 5.93 52.85 -19.20
C ASP D 43 4.65 52.16 -18.73
N LEU D 44 3.64 52.18 -19.60
CA LEU D 44 2.36 51.54 -19.29
C LEU D 44 2.51 50.01 -19.31
N GLY D 45 3.18 49.49 -20.33
CA GLY D 45 3.52 48.06 -20.41
C GLY D 45 4.16 47.56 -19.11
N GLU D 46 5.17 48.28 -18.62
CA GLU D 46 5.86 47.94 -17.35
C GLU D 46 4.91 48.01 -16.17
N TYR D 47 4.02 49.00 -16.19
CA TYR D 47 3.10 49.19 -15.09
C TYR D 47 2.07 48.05 -15.06
N LEU D 48 1.65 47.56 -16.23
CA LEU D 48 0.59 46.55 -16.33
C LEU D 48 1.04 45.10 -16.32
N ASP D 49 2.34 44.86 -16.49
CA ASP D 49 2.78 43.46 -16.52
C ASP D 49 2.57 42.83 -15.16
N ARG D 50 2.28 41.53 -15.14
CA ARG D 50 2.22 40.80 -13.89
C ARG D 50 3.57 40.15 -13.58
N ARG D 51 4.19 40.62 -12.51
CA ARG D 51 5.56 40.24 -12.12
C ARG D 51 5.63 39.84 -10.67
N VAL D 52 6.65 39.06 -10.31
CA VAL D 52 6.84 38.61 -8.92
C VAL D 52 8.30 38.80 -8.53
N PRO D 53 8.56 39.02 -7.24
CA PRO D 53 9.92 39.25 -6.84
C PRO D 53 10.65 37.92 -6.73
N ALA D 54 11.98 37.95 -6.77
CA ALA D 54 12.78 36.80 -6.41
C ALA D 54 12.64 36.61 -4.91
N ASN D 55 12.93 35.41 -4.41
CA ASN D 55 12.81 35.11 -2.99
C ASN D 55 13.65 33.89 -2.63
N ALA D 56 14.58 34.07 -1.70
CA ALA D 56 15.42 32.97 -1.24
C ALA D 56 14.64 31.93 -0.43
N ARG D 57 13.55 32.36 0.17
CA ARG D 57 12.65 31.46 0.89
C ARG D 57 11.93 30.59 -0.14
N PRO D 58 12.06 29.25 -0.03
CA PRO D 58 11.47 28.33 -1.00
C PRO D 58 9.97 28.47 -1.10
N LEU D 59 9.45 28.43 -2.31
CA LEU D 59 8.01 28.24 -2.51
C LEU D 59 7.80 26.95 -3.28
N GLU D 60 7.04 26.01 -2.69
CA GLU D 60 6.87 24.68 -3.28
C GLU D 60 8.26 24.12 -3.66
N GLY D 61 9.23 24.32 -2.80
CA GLY D 61 10.55 23.66 -2.93
C GLY D 61 11.55 24.34 -3.86
N VAL D 62 11.17 25.48 -4.44
CA VAL D 62 12.11 26.21 -5.32
C VAL D 62 12.36 27.61 -4.80
N SER D 63 13.61 28.07 -4.87
CA SER D 63 14.00 29.44 -4.47
C SER D 63 14.55 30.17 -5.67
N SER D 64 14.59 31.50 -5.62
CA SER D 64 15.09 32.30 -6.72
C SER D 64 15.89 33.49 -6.23
N PHE D 65 16.78 33.98 -7.09
CA PHE D 65 17.75 35.01 -6.79
C PHE D 65 17.96 35.85 -8.01
N ASP D 66 17.81 37.16 -7.88
CA ASP D 66 18.18 38.06 -8.97
C ASP D 66 19.64 38.44 -8.86
N HIS D 67 20.33 38.46 -10.00
CA HIS D 67 21.75 38.80 -10.03
C HIS D 67 22.13 39.58 -11.28
N ILE D 68 22.81 40.72 -11.10
CA ILE D 68 23.36 41.45 -12.25
C ILE D 68 24.69 40.79 -12.70
N ILE D 69 24.75 40.40 -13.97
CA ILE D 69 25.86 39.62 -14.50
C ILE D 69 26.76 40.45 -15.44
N ASP D 70 26.20 41.53 -15.96
CA ASP D 70 26.96 42.55 -16.65
C ASP D 70 26.55 43.92 -16.12
N GLN D 71 27.26 44.33 -15.05
CA GLN D 71 27.03 45.62 -14.37
C GLN D 71 27.37 46.85 -15.23
N SER D 72 27.35 46.67 -16.56
CA SER D 72 27.65 47.74 -17.51
C SER D 72 26.43 48.01 -18.38
N VAL D 73 25.96 46.95 -19.02
CA VAL D 73 24.70 46.94 -19.77
C VAL D 73 23.54 46.73 -18.78
N GLY D 74 23.89 46.61 -17.49
CA GLY D 74 22.93 46.31 -16.44
C GLY D 74 22.14 45.02 -16.69
N LEU D 75 22.80 44.01 -17.26
CA LEU D 75 22.10 42.77 -17.58
C LEU D 75 21.88 41.90 -16.35
N GLU D 76 20.60 41.59 -16.08
CA GLU D 76 20.20 40.84 -14.91
C GLU D 76 19.65 39.47 -15.29
N VAL D 77 19.87 38.46 -14.43
CA VAL D 77 19.27 37.13 -14.66
C VAL D 77 18.56 36.81 -13.39
N ARG D 78 17.57 35.92 -13.46
CA ARG D 78 16.96 35.36 -12.26
C ARG D 78 17.34 33.88 -12.21
N ILE D 79 17.85 33.49 -11.05
CA ILE D 79 18.37 32.11 -10.84
C ILE D 79 17.44 31.33 -9.93
N TYR D 80 17.11 30.12 -10.37
CA TYR D 80 16.21 29.25 -9.65
C TYR D 80 16.93 27.94 -9.32
N ARG D 81 16.65 27.41 -8.15
CA ARG D 81 17.17 26.11 -7.72
C ARG D 81 16.31 25.51 -6.64
N ALA D 82 16.38 24.18 -6.48
CA ALA D 82 15.66 23.54 -5.40
C ALA D 82 16.35 24.00 -4.11
N ALA D 83 15.58 24.27 -3.08
CA ALA D 83 16.14 24.62 -1.77
C ALA D 83 15.17 24.13 -0.73
N ALA D 108 27.41 20.94 -5.45
CA ALA D 108 26.46 19.81 -5.52
C ALA D 108 27.23 18.54 -5.80
N ALA D 109 26.69 17.43 -5.30
CA ALA D 109 27.32 16.13 -5.43
C ALA D 109 27.25 15.58 -6.87
N GLU D 110 26.05 15.52 -7.45
CA GLU D 110 25.85 14.83 -8.74
C GLU D 110 25.65 15.83 -9.88
N PRO D 111 26.13 15.51 -11.11
CA PRO D 111 25.97 16.39 -12.27
C PRO D 111 24.49 16.78 -12.52
N PHE D 112 24.29 18.04 -12.86
CA PHE D 112 22.94 18.59 -13.08
C PHE D 112 22.95 19.51 -14.29
N PRO D 113 21.79 19.63 -14.98
CA PRO D 113 21.66 20.60 -16.07
C PRO D 113 21.44 22.03 -15.55
N VAL D 114 22.01 22.98 -16.28
CA VAL D 114 21.68 24.37 -16.14
C VAL D 114 20.88 24.75 -17.37
N ILE D 115 19.66 25.26 -17.18
CA ILE D 115 18.88 25.63 -18.34
C ILE D 115 18.92 27.16 -18.37
N ILE D 116 19.45 27.72 -19.44
CA ILE D 116 19.42 29.15 -19.62
C ILE D 116 18.17 29.44 -20.43
N PHE D 117 17.28 30.23 -19.85
CA PHE D 117 15.97 30.44 -20.42
C PHE D 117 15.78 31.86 -20.87
N PHE D 118 15.17 32.03 -22.06
CA PHE D 118 14.83 33.33 -22.53
C PHE D 118 13.31 33.41 -22.70
N HIS D 119 12.70 34.37 -22.01
CA HIS D 119 11.24 34.55 -22.05
C HIS D 119 10.72 34.98 -23.44
N GLY D 120 9.45 34.67 -23.70
CA GLY D 120 8.75 35.11 -24.91
C GLY D 120 8.18 36.50 -24.74
N GLY D 121 7.27 36.91 -25.61
CA GLY D 121 6.87 38.32 -25.62
C GLY D 121 7.26 39.04 -26.92
N SER D 122 7.63 38.27 -27.94
CA SER D 122 7.83 38.76 -29.30
C SER D 122 8.91 39.86 -29.44
N PHE D 123 9.91 39.76 -28.56
CA PHE D 123 11.08 40.66 -28.45
C PHE D 123 10.80 41.93 -27.67
N VAL D 124 9.52 42.18 -27.37
CA VAL D 124 9.04 43.48 -26.87
C VAL D 124 8.51 43.40 -25.42
N HIS D 125 7.80 42.32 -25.11
CA HIS D 125 7.10 42.21 -23.83
C HIS D 125 7.81 41.30 -22.85
N SER D 126 7.39 41.41 -21.60
CA SER D 126 7.70 40.44 -20.52
C SER D 126 9.13 40.57 -20.02
N SER D 127 9.42 39.83 -18.96
CA SER D 127 10.63 40.00 -18.18
C SER D 127 10.87 38.66 -17.50
N ALA D 128 12.09 38.47 -17.00
CA ALA D 128 12.37 37.25 -16.22
C ALA D 128 11.50 37.28 -14.95
N SER D 129 11.04 38.46 -14.54
CA SER D 129 10.21 38.53 -13.33
C SER D 129 8.70 38.31 -13.66
N SER D 130 8.36 38.27 -14.94
CA SER D 130 6.97 38.06 -15.34
C SER D 130 6.49 36.76 -14.75
N THR D 131 5.35 36.80 -14.08
CA THR D 131 4.80 35.63 -13.37
C THR D 131 4.65 34.39 -14.26
N ILE D 132 4.15 34.55 -15.48
CA ILE D 132 4.03 33.39 -16.36
C ILE D 132 5.37 32.70 -16.57
N TYR D 133 6.45 33.48 -16.64
CA TYR D 133 7.76 32.87 -16.84
C TYR D 133 8.47 32.47 -15.57
N ASP D 134 8.24 33.20 -14.49
CA ASP D 134 8.77 32.77 -13.18
C ASP D 134 8.21 31.37 -12.88
N SER D 135 6.92 31.18 -13.16
CA SER D 135 6.24 29.91 -12.90
C SER D 135 6.76 28.78 -13.82
N LEU D 136 6.93 29.07 -15.10
CA LEU D 136 7.53 28.08 -16.04
C LEU D 136 8.94 27.67 -15.57
N CYS D 137 9.74 28.64 -15.13
CA CYS D 137 11.12 28.37 -14.70
C CYS D 137 11.10 27.52 -13.43
N ARG D 138 10.16 27.80 -12.52
CA ARG D 138 10.04 26.93 -11.33
C ARG D 138 9.69 25.50 -11.72
N ARG D 139 8.74 25.35 -12.65
CA ARG D 139 8.41 24.02 -13.22
C ARG D 139 9.66 23.33 -13.82
N PHE D 140 10.47 24.10 -14.54
CA PHE D 140 11.69 23.54 -15.17
C PHE D 140 12.69 23.03 -14.12
N VAL D 141 12.82 23.73 -13.01
CA VAL D 141 13.71 23.23 -11.93
C VAL D 141 13.19 21.88 -11.41
N LYS D 142 11.89 21.80 -11.16
CA LYS D 142 11.31 20.55 -10.66
C LYS D 142 11.49 19.39 -11.63
N LEU D 143 11.31 19.65 -12.94
CA LEU D 143 11.43 18.62 -13.96
C LEU D 143 12.89 18.19 -14.16
N SER D 144 13.79 19.17 -14.12
CA SER D 144 15.22 18.97 -14.47
C SER D 144 16.09 18.53 -13.31
N LYS D 145 15.65 18.80 -12.07
CA LYS D 145 16.48 18.72 -10.84
C LYS D 145 17.81 19.49 -11.00
N GLY D 146 17.78 20.56 -11.79
CA GLY D 146 18.94 21.38 -12.05
C GLY D 146 18.71 22.84 -11.67
N VAL D 147 19.40 23.73 -12.39
CA VAL D 147 19.36 25.17 -12.10
C VAL D 147 18.82 25.85 -13.35
N VAL D 148 17.99 26.86 -13.18
CA VAL D 148 17.47 27.62 -14.32
C VAL D 148 17.96 29.03 -14.22
N VAL D 149 18.48 29.55 -15.33
CA VAL D 149 18.94 30.93 -15.38
C VAL D 149 18.08 31.68 -16.38
N SER D 150 17.21 32.53 -15.86
CA SER D 150 16.30 33.24 -16.73
C SER D 150 16.82 34.63 -17.04
N VAL D 151 17.01 34.89 -18.33
CA VAL D 151 17.72 36.09 -18.76
C VAL D 151 16.80 37.28 -19.06
N ASN D 152 17.02 38.40 -18.38
CA ASN D 152 16.27 39.62 -18.66
C ASN D 152 16.91 40.36 -19.83
N TYR D 153 16.80 39.81 -21.03
CA TYR D 153 17.41 40.40 -22.21
C TYR D 153 16.78 41.77 -22.56
N ARG D 154 17.57 42.62 -23.22
CA ARG D 154 17.10 43.96 -23.58
C ARG D 154 16.08 43.81 -24.69
N ARG D 155 15.01 44.60 -24.58
CA ARG D 155 13.85 44.47 -25.46
C ARG D 155 13.70 45.60 -26.48
N ALA D 156 13.18 45.21 -27.64
CA ALA D 156 12.73 46.09 -28.69
C ALA D 156 11.45 46.84 -28.27
N PRO D 157 11.11 47.95 -28.98
CA PRO D 157 11.79 48.53 -30.14
C PRO D 157 13.00 49.39 -29.73
N GLU D 158 13.08 49.66 -28.44
CA GLU D 158 14.07 50.51 -27.81
C GLU D 158 15.48 49.93 -27.94
N HIS D 159 15.57 48.59 -27.99
CA HIS D 159 16.81 47.87 -28.29
C HIS D 159 16.60 46.90 -29.42
N ARG D 160 17.12 47.22 -30.60
CA ARG D 160 16.91 46.37 -31.74
C ARG D 160 17.97 45.29 -31.82
N TYR D 161 17.82 44.44 -32.83
CA TYR D 161 18.86 43.53 -33.22
C TYR D 161 20.24 44.26 -33.21
N PRO D 162 21.32 43.60 -32.70
CA PRO D 162 21.35 42.23 -32.17
C PRO D 162 21.42 42.17 -30.63
N CYS D 163 20.86 43.17 -29.96
CA CYS D 163 21.03 43.33 -28.52
C CYS D 163 20.63 42.09 -27.71
N ALA D 164 19.47 41.51 -28.04
CA ALA D 164 18.96 40.36 -27.28
C ALA D 164 19.90 39.17 -27.46
N TYR D 165 20.43 39.02 -28.67
CA TYR D 165 21.40 37.96 -28.94
C TYR D 165 22.73 38.14 -28.22
N ASP D 166 23.19 39.38 -28.09
CA ASP D 166 24.44 39.67 -27.38
C ASP D 166 24.24 39.35 -25.91
N ASP D 167 23.07 39.71 -25.38
CA ASP D 167 22.73 39.46 -23.99
C ASP D 167 22.69 37.96 -23.66
N GLY D 168 22.22 37.16 -24.62
CA GLY D 168 22.19 35.71 -24.46
C GLY D 168 23.60 35.17 -24.38
N TRP D 169 24.44 35.62 -25.31
CA TRP D 169 25.88 35.30 -25.29
C TRP D 169 26.53 35.66 -23.97
N THR D 170 26.30 36.89 -23.46
CA THR D 170 26.83 37.29 -22.16
C THR D 170 26.43 36.29 -21.06
N ALA D 171 25.15 35.87 -21.10
CA ALA D 171 24.62 34.98 -20.07
C ALA D 171 25.25 33.61 -20.17
N LEU D 172 25.38 33.08 -21.39
CA LEU D 172 26.03 31.79 -21.57
C LEU D 172 27.46 31.78 -21.02
N LYS D 173 28.25 32.77 -21.40
CA LYS D 173 29.66 32.83 -20.98
C LYS D 173 29.72 32.95 -19.48
N TRP D 174 28.85 33.79 -18.91
CA TRP D 174 28.83 33.97 -17.48
C TRP D 174 28.54 32.65 -16.77
N VAL D 175 27.56 31.90 -17.27
CA VAL D 175 27.17 30.63 -16.65
C VAL D 175 28.32 29.63 -16.72
N MET D 176 28.96 29.52 -17.89
CA MET D 176 30.12 28.61 -18.07
C MET D 176 31.24 28.88 -17.07
N SER D 177 31.32 30.12 -16.58
CA SER D 177 32.43 30.57 -15.76
C SER D 177 32.19 30.39 -14.27
N GLN D 178 30.95 30.09 -13.86
CA GLN D 178 30.66 29.97 -12.44
C GLN D 178 30.76 28.53 -11.95
N PRO D 179 31.59 28.31 -10.92
CA PRO D 179 31.71 26.98 -10.32
C PRO D 179 30.39 26.46 -9.72
N PHE D 180 29.50 27.37 -9.33
CA PHE D 180 28.26 26.97 -8.70
C PHE D 180 27.27 26.44 -9.73
N MET D 181 27.55 26.66 -11.02
CA MET D 181 26.70 26.17 -12.12
C MET D 181 27.03 24.75 -12.57
N ARG D 182 27.92 24.08 -11.83
CA ARG D 182 28.24 22.67 -12.14
C ARG D 182 28.49 21.89 -10.88
N SER D 183 28.34 20.57 -10.92
CA SER D 183 28.61 19.79 -9.73
C SER D 183 30.12 19.80 -9.36
N GLY D 184 30.41 19.45 -8.11
CA GLY D 184 31.77 19.43 -7.58
C GLY D 184 32.71 18.55 -8.40
N GLY D 185 32.16 17.51 -9.03
CA GLY D 185 32.95 16.55 -9.79
C GLY D 185 33.04 16.82 -11.29
N ASP D 186 32.42 17.91 -11.75
CA ASP D 186 32.39 18.25 -13.18
C ASP D 186 33.37 19.39 -13.42
N ALA D 187 34.09 19.36 -14.52
CA ALA D 187 34.99 20.47 -14.84
C ALA D 187 34.29 21.57 -15.67
N GLN D 188 33.17 21.22 -16.33
CA GLN D 188 32.36 22.22 -17.07
C GLN D 188 30.83 22.11 -16.77
N ALA D 189 30.12 23.25 -16.85
CA ALA D 189 28.65 23.27 -16.72
C ALA D 189 28.02 22.46 -17.83
N ARG D 190 26.85 21.88 -17.57
CA ARG D 190 26.17 21.13 -18.60
C ARG D 190 24.93 21.96 -18.97
N VAL D 191 25.06 22.73 -20.04
CA VAL D 191 24.10 23.80 -20.34
C VAL D 191 23.08 23.45 -21.42
N PHE D 192 21.82 23.81 -21.17
CA PHE D 192 20.80 23.76 -22.21
C PHE D 192 20.30 25.19 -22.43
N LEU D 193 20.00 25.53 -23.67
CA LEU D 193 19.48 26.85 -24.01
C LEU D 193 18.00 26.62 -24.29
N SER D 194 17.13 27.52 -23.81
CA SER D 194 15.68 27.27 -23.90
C SER D 194 15.00 28.59 -24.09
N GLY D 195 13.86 28.59 -24.75
CA GLY D 195 13.01 29.76 -24.75
C GLY D 195 11.76 29.54 -25.53
N ASP D 196 10.75 30.37 -25.27
CA ASP D 196 9.52 30.34 -26.06
C ASP D 196 9.39 31.61 -26.88
N SER D 197 8.66 31.53 -27.99
CA SER D 197 8.36 32.71 -28.80
C SER D 197 9.71 33.34 -29.20
N SER D 198 9.89 34.64 -28.99
CA SER D 198 11.17 35.32 -29.25
C SER D 198 12.39 34.72 -28.50
N GLY D 199 12.15 34.28 -27.27
CA GLY D 199 13.14 33.51 -26.53
C GLY D 199 13.72 32.28 -27.23
N GLY D 200 12.90 31.55 -27.99
CA GLY D 200 13.36 30.38 -28.73
C GLY D 200 14.24 30.81 -29.90
N ASN D 201 13.88 31.96 -30.48
CA ASN D 201 14.69 32.55 -31.55
C ASN D 201 16.05 32.95 -30.98
N ILE D 202 16.08 33.59 -29.81
CA ILE D 202 17.32 33.95 -29.12
C ILE D 202 18.16 32.69 -28.82
N ALA D 203 17.54 31.68 -28.19
CA ALA D 203 18.24 30.41 -27.94
C ALA D 203 18.92 29.88 -29.19
N HIS D 204 18.22 29.90 -30.32
CA HIS D 204 18.80 29.43 -31.56
C HIS D 204 20.06 30.23 -31.91
N HIS D 205 19.96 31.55 -31.94
CA HIS D 205 21.08 32.40 -32.38
C HIS D 205 22.26 32.30 -31.41
N VAL D 206 21.98 32.18 -30.11
CA VAL D 206 23.01 31.95 -29.13
C VAL D 206 23.72 30.61 -29.28
N ALA D 207 22.95 29.56 -29.61
CA ALA D 207 23.47 28.21 -29.86
C ALA D 207 24.40 28.19 -31.07
N VAL D 208 24.09 29.03 -32.06
CA VAL D 208 24.93 29.22 -33.25
C VAL D 208 26.23 29.90 -32.88
N ARG D 209 26.16 30.97 -32.09
CA ARG D 209 27.38 31.67 -31.67
C ARG D 209 28.28 30.67 -30.89
N ALA D 210 27.67 29.91 -29.96
CA ALA D 210 28.35 28.88 -29.16
C ALA D 210 29.05 27.81 -30.00
N ALA D 211 28.33 27.26 -30.96
CA ALA D 211 28.90 26.32 -31.91
C ALA D 211 30.10 26.95 -32.66
N ASP D 212 29.94 28.16 -33.19
CA ASP D 212 31.04 28.90 -33.84
C ASP D 212 32.31 28.95 -32.98
N GLU D 213 32.16 29.28 -31.72
CA GLU D 213 33.30 29.49 -30.84
C GLU D 213 33.68 28.25 -30.05
N GLY D 214 33.19 27.09 -30.51
CA GLY D 214 33.46 25.80 -29.87
C GLY D 214 33.02 25.63 -28.42
N VAL D 215 32.01 26.40 -28.00
CA VAL D 215 31.40 26.28 -26.65
C VAL D 215 30.29 25.21 -26.69
N LYS D 216 30.40 24.24 -25.77
CA LYS D 216 29.52 23.09 -25.73
C LYS D 216 28.15 23.39 -25.04
N VAL D 217 27.09 23.12 -25.78
CA VAL D 217 25.71 23.24 -25.32
C VAL D 217 25.08 21.88 -25.48
N CYS D 218 24.55 21.31 -24.39
CA CYS D 218 23.99 19.98 -24.40
C CYS D 218 22.71 19.82 -25.20
N GLY D 219 21.99 20.91 -25.43
CA GLY D 219 20.71 20.79 -26.15
C GLY D 219 19.97 22.10 -26.13
N ASN D 220 19.06 22.27 -27.08
CA ASN D 220 18.21 23.45 -27.15
C ASN D 220 16.77 23.00 -26.96
N ILE D 221 16.02 23.78 -26.19
CA ILE D 221 14.60 23.47 -25.95
C ILE D 221 13.75 24.67 -26.41
N LEU D 222 13.08 24.50 -27.56
CA LEU D 222 12.39 25.58 -28.20
C LEU D 222 10.86 25.40 -28.08
N LEU D 223 10.19 26.42 -27.58
CA LEU D 223 8.73 26.33 -27.49
C LEU D 223 8.10 27.40 -28.37
N ASN D 224 7.43 27.00 -29.46
CA ASN D 224 6.89 27.96 -30.43
C ASN D 224 7.89 29.09 -30.73
N ALA D 225 9.11 28.70 -31.00
CA ALA D 225 10.17 29.63 -31.38
C ALA D 225 9.72 30.50 -32.54
N MET D 226 10.06 31.79 -32.44
CA MET D 226 9.54 32.82 -33.32
C MET D 226 10.49 33.00 -34.52
N PHE D 227 9.98 32.60 -35.69
CA PHE D 227 10.64 32.84 -36.99
C PHE D 227 9.63 33.44 -37.96
N GLY D 228 10.14 34.13 -38.98
CA GLY D 228 9.28 34.70 -40.02
C GLY D 228 9.97 34.76 -41.40
N GLY D 229 9.36 35.52 -42.31
CA GLY D 229 9.90 35.70 -43.66
C GLY D 229 9.00 36.66 -44.40
N THR D 230 9.38 37.04 -45.61
CA THR D 230 8.59 37.97 -46.41
C THR D 230 7.30 37.37 -46.95
N GLU D 231 7.33 36.15 -47.50
CA GLU D 231 6.09 35.51 -47.95
C GLU D 231 5.28 34.88 -46.80
N ARG D 232 3.98 34.72 -47.01
CA ARG D 232 3.10 34.05 -46.07
C ARG D 232 3.09 32.56 -46.36
N THR D 233 3.20 31.74 -45.32
CA THR D 233 3.06 30.30 -45.46
C THR D 233 1.58 29.96 -45.39
N GLU D 234 1.23 28.71 -45.67
CA GLU D 234 -0.17 28.28 -45.61
C GLU D 234 -0.77 28.49 -44.21
N SER D 235 -0.05 28.07 -43.16
CA SER D 235 -0.57 28.19 -41.79
C SER D 235 -0.82 29.62 -41.36
N GLU D 236 0.04 30.54 -41.80
CA GLU D 236 -0.13 31.93 -41.51
C GLU D 236 -1.46 32.44 -42.07
N ARG D 237 -1.74 32.09 -43.34
CA ARG D 237 -3.00 32.51 -43.96
C ARG D 237 -4.21 31.87 -43.32
N ARG D 238 -4.14 30.57 -43.10
CA ARG D 238 -5.24 29.81 -42.55
C ARG D 238 -5.63 30.20 -41.10
N LEU D 239 -4.63 30.43 -40.24
CA LEU D 239 -4.85 30.59 -38.79
C LEU D 239 -4.88 32.03 -38.28
N ASP D 240 -4.58 32.98 -39.16
CA ASP D 240 -4.55 34.39 -38.81
C ASP D 240 -5.82 34.83 -38.10
N GLY D 241 -5.66 35.38 -36.91
CA GLY D 241 -6.78 35.89 -36.10
C GLY D 241 -7.70 34.84 -35.52
N LYS D 242 -7.39 33.55 -35.69
CA LYS D 242 -8.28 32.51 -35.21
C LYS D 242 -8.02 32.03 -33.78
N TYR D 243 -6.76 32.14 -33.34
CA TYR D 243 -6.35 31.70 -32.02
C TYR D 243 -5.40 32.72 -31.45
N PHE D 244 -5.97 33.88 -31.13
CA PHE D 244 -5.28 35.00 -30.47
C PHE D 244 -4.36 35.81 -31.39
N VAL D 245 -3.54 35.15 -32.19
CA VAL D 245 -2.45 35.83 -32.88
C VAL D 245 -2.90 36.33 -34.26
N THR D 246 -2.43 37.51 -34.65
CA THR D 246 -2.79 38.08 -35.95
C THR D 246 -1.52 38.32 -36.77
N LEU D 247 -1.63 38.26 -38.10
CA LEU D 247 -0.47 38.60 -38.93
C LEU D 247 -0.04 40.04 -38.73
N GLN D 248 -1.02 40.89 -38.43
CA GLN D 248 -0.76 42.28 -38.21
C GLN D 248 0.19 42.43 -37.02
N ASP D 249 -0.14 41.76 -35.90
CA ASP D 249 0.76 41.87 -34.76
C ASP D 249 2.13 41.20 -35.01
N ARG D 250 2.16 40.06 -35.68
CA ARG D 250 3.44 39.39 -35.99
C ARG D 250 4.34 40.35 -36.77
N ASP D 251 3.76 40.95 -37.81
CA ASP D 251 4.51 41.95 -38.60
C ASP D 251 5.00 43.10 -37.75
N TRP D 252 4.17 43.57 -36.80
CA TRP D 252 4.54 44.69 -35.96
C TRP D 252 5.79 44.37 -35.13
N TYR D 253 5.82 43.18 -34.56
CA TYR D 253 6.97 42.79 -33.71
C TYR D 253 8.25 42.60 -34.52
N TRP D 254 8.14 41.98 -35.69
CA TRP D 254 9.34 41.84 -36.54
C TRP D 254 9.92 43.19 -36.91
N LYS D 255 9.05 44.14 -37.26
CA LYS D 255 9.49 45.51 -37.61
C LYS D 255 10.10 46.18 -36.40
N ALA D 256 9.56 45.91 -35.21
CA ALA D 256 10.08 46.50 -33.99
C ALA D 256 11.49 46.04 -33.61
N TYR D 257 11.80 44.76 -33.87
CA TYR D 257 13.09 44.17 -33.47
C TYR D 257 14.15 44.30 -34.55
N LEU D 258 13.76 44.09 -35.79
CA LEU D 258 14.73 44.08 -36.90
C LEU D 258 15.28 45.49 -37.14
N PRO D 259 16.51 45.59 -37.71
CA PRO D 259 17.06 46.94 -37.93
C PRO D 259 16.10 47.84 -38.70
N GLU D 260 16.19 49.15 -38.47
CA GLU D 260 15.23 50.09 -39.06
C GLU D 260 15.11 50.00 -40.59
N ASP D 261 16.09 49.39 -41.25
CA ASP D 261 16.06 49.27 -42.71
C ASP D 261 15.87 47.86 -43.28
N ALA D 262 15.67 46.88 -42.40
CA ALA D 262 15.56 45.48 -42.83
C ALA D 262 14.13 45.09 -43.16
N ASP D 263 13.96 43.89 -43.69
CA ASP D 263 12.65 43.25 -43.79
C ASP D 263 12.71 41.85 -43.14
N ARG D 264 11.70 41.02 -43.36
CA ARG D 264 11.56 39.75 -42.63
C ARG D 264 12.39 38.61 -43.18
N ASP D 265 13.17 38.92 -44.21
CA ASP D 265 14.13 37.95 -44.74
C ASP D 265 15.53 38.16 -44.18
N HIS D 266 15.68 39.18 -43.33
CA HIS D 266 16.85 39.31 -42.49
C HIS D 266 17.03 37.98 -41.77
N PRO D 267 18.28 37.49 -41.67
CA PRO D 267 18.45 36.14 -41.12
C PRO D 267 18.26 36.04 -39.57
N ALA D 268 18.18 37.16 -38.86
CA ALA D 268 17.68 37.15 -37.47
C ALA D 268 16.26 36.57 -37.46
N CYS D 269 15.46 37.01 -38.41
CA CYS D 269 14.06 36.61 -38.53
C CYS D 269 13.90 35.29 -39.27
N ASN D 270 14.67 35.13 -40.34
CA ASN D 270 14.51 34.03 -41.27
C ASN D 270 15.88 33.36 -41.48
N PRO D 271 16.37 32.60 -40.48
CA PRO D 271 17.77 32.14 -40.47
C PRO D 271 18.16 31.13 -41.57
N PHE D 272 17.17 30.48 -42.17
CA PHE D 272 17.44 29.60 -43.27
C PHE D 272 16.83 30.13 -44.57
N GLY D 273 16.51 31.42 -44.57
CA GLY D 273 15.95 32.08 -45.74
C GLY D 273 17.01 32.47 -46.77
N PRO D 274 16.66 33.41 -47.68
CA PRO D 274 17.55 33.67 -48.80
C PRO D 274 18.82 34.36 -48.34
N ASN D 275 18.72 35.13 -47.25
CA ASN D 275 19.88 35.82 -46.69
C ASN D 275 20.55 35.07 -45.55
N GLY D 276 20.26 33.77 -45.41
CA GLY D 276 20.69 33.01 -44.22
C GLY D 276 21.75 31.94 -44.41
N ARG D 277 22.65 31.83 -43.43
CA ARG D 277 23.73 30.83 -43.46
C ARG D 277 23.23 29.45 -43.08
N ARG D 278 23.57 28.45 -43.89
CA ARG D 278 23.42 27.06 -43.47
C ARG D 278 24.48 26.75 -42.41
N LEU D 279 24.20 25.76 -41.56
CA LEU D 279 24.95 25.57 -40.31
C LEU D 279 25.59 24.17 -40.21
N GLY D 280 25.50 23.40 -41.29
CA GLY D 280 26.13 22.08 -41.37
C GLY D 280 27.62 22.07 -41.00
N GLY D 281 28.09 20.92 -40.55
CA GLY D 281 29.47 20.77 -40.07
C GLY D 281 29.75 21.36 -38.69
N LEU D 282 28.97 22.38 -38.29
CA LEU D 282 29.12 22.97 -36.96
C LEU D 282 28.75 21.94 -35.88
N PRO D 283 29.30 22.10 -34.67
CA PRO D 283 28.90 21.26 -33.53
C PRO D 283 27.67 21.84 -32.83
N PHE D 284 26.57 21.90 -33.57
CA PHE D 284 25.31 22.46 -33.08
C PHE D 284 24.65 21.52 -32.11
N ALA D 285 24.12 22.09 -31.03
CA ALA D 285 23.35 21.34 -30.02
C ALA D 285 22.26 20.47 -30.65
N LYS D 286 21.93 19.36 -30.00
CA LYS D 286 20.71 18.62 -30.33
C LYS D 286 19.51 19.50 -29.95
N SER D 287 18.37 19.31 -30.61
CA SER D 287 17.22 20.22 -30.46
C SER D 287 15.92 19.48 -30.13
N LEU D 288 15.13 20.07 -29.23
CA LEU D 288 13.78 19.63 -28.93
C LEU D 288 12.88 20.79 -29.33
N ILE D 289 12.05 20.57 -30.33
CA ILE D 289 11.31 21.65 -30.96
C ILE D 289 9.83 21.37 -30.75
N ILE D 290 9.20 22.21 -29.94
CA ILE D 290 7.81 21.97 -29.54
C ILE D 290 7.00 22.96 -30.34
N VAL D 291 5.98 22.48 -31.06
CA VAL D 291 5.20 23.31 -31.97
C VAL D 291 3.67 23.24 -31.70
N SER D 292 3.03 24.37 -31.46
CA SER D 292 1.57 24.39 -31.33
C SER D 292 0.95 24.33 -32.72
N GLY D 293 0.07 23.37 -32.94
CA GLY D 293 -0.64 23.24 -34.22
C GLY D 293 -1.51 24.45 -34.56
N LEU D 294 -2.02 25.13 -33.52
CA LEU D 294 -2.86 26.32 -33.71
C LEU D 294 -2.09 27.66 -33.64
N ASP D 295 -0.75 27.59 -33.56
CA ASP D 295 0.11 28.76 -33.73
C ASP D 295 0.26 28.94 -35.25
N LEU D 296 -0.20 30.08 -35.77
CA LEU D 296 -0.18 30.37 -37.23
C LEU D 296 1.22 30.30 -37.90
N THR D 297 2.29 30.31 -37.11
CA THR D 297 3.65 30.18 -37.63
C THR D 297 4.18 28.74 -37.56
N CYS D 298 3.31 27.77 -37.27
CA CYS D 298 3.76 26.39 -37.16
C CYS D 298 4.55 25.90 -38.41
N ASP D 299 4.13 26.30 -39.60
CA ASP D 299 4.89 25.99 -40.84
C ASP D 299 6.36 26.37 -40.78
N ARG D 300 6.65 27.59 -40.33
CA ARG D 300 8.02 28.10 -40.29
C ARG D 300 8.82 27.33 -39.25
N GLN D 301 8.16 26.93 -38.16
CA GLN D 301 8.82 26.14 -37.13
C GLN D 301 9.22 24.75 -37.62
N LEU D 302 8.30 24.05 -38.29
CA LEU D 302 8.60 22.76 -38.88
C LEU D 302 9.64 22.84 -39.99
N ALA D 303 9.63 23.93 -40.77
CA ALA D 303 10.68 24.17 -41.78
C ALA D 303 12.04 24.39 -41.14
N TYR D 304 12.06 25.14 -40.03
CA TYR D 304 13.30 25.38 -39.27
C TYR D 304 13.93 24.06 -38.83
N ALA D 305 13.08 23.12 -38.44
CA ALA D 305 13.47 21.82 -37.92
C ALA D 305 14.02 20.95 -39.04
N ASP D 306 13.31 20.94 -40.16
CA ASP D 306 13.77 20.22 -41.33
C ASP D 306 15.10 20.78 -41.84
N ALA D 307 15.22 22.10 -41.92
CA ALA D 307 16.47 22.78 -42.29
C ALA D 307 17.64 22.36 -41.40
N LEU D 308 17.36 22.28 -40.10
CA LEU D 308 18.33 21.87 -39.11
C LEU D 308 18.82 20.46 -39.40
N ARG D 309 17.91 19.53 -39.64
CA ARG D 309 18.37 18.19 -39.95
C ARG D 309 18.99 18.06 -41.36
N GLU D 310 18.69 19.03 -42.25
CA GLU D 310 19.39 19.14 -43.56
C GLU D 310 20.85 19.54 -43.38
N ASP D 311 21.11 20.36 -42.38
CA ASP D 311 22.46 20.72 -42.00
C ASP D 311 23.15 19.62 -41.19
N GLY D 312 22.57 18.42 -41.17
CA GLY D 312 23.06 17.28 -40.36
C GLY D 312 23.00 17.39 -38.83
N HIS D 313 22.02 18.11 -38.27
CA HIS D 313 21.86 18.14 -36.82
C HIS D 313 20.68 17.30 -36.31
N HIS D 314 20.74 16.88 -35.04
CA HIS D 314 19.70 16.04 -34.42
C HIS D 314 18.55 16.93 -33.87
N VAL D 315 17.34 16.50 -34.18
CA VAL D 315 16.13 17.22 -33.85
C VAL D 315 15.04 16.24 -33.41
N LYS D 316 14.34 16.59 -32.34
CA LYS D 316 13.09 15.90 -31.96
C LYS D 316 11.99 16.93 -32.00
N VAL D 317 10.97 16.68 -32.80
CA VAL D 317 9.88 17.63 -32.99
C VAL D 317 8.66 17.09 -32.28
N VAL D 318 8.10 17.89 -31.37
CA VAL D 318 6.86 17.53 -30.70
C VAL D 318 5.77 18.47 -31.25
N GLN D 319 4.86 17.91 -32.05
CA GLN D 319 3.75 18.69 -32.59
C GLN D 319 2.52 18.48 -31.74
N CYS D 320 1.98 19.58 -31.22
CA CYS D 320 0.82 19.53 -30.34
C CYS D 320 -0.36 20.09 -31.11
N GLU D 321 -1.07 19.20 -31.77
CA GLU D 321 -2.04 19.62 -32.81
C GLU D 321 -3.23 20.43 -32.28
N ASN D 322 -3.62 20.18 -31.03
CA ASN D 322 -4.72 20.91 -30.41
C ASN D 322 -4.31 22.14 -29.61
N ALA D 323 -3.02 22.50 -29.62
CA ALA D 323 -2.50 23.55 -28.77
C ALA D 323 -2.44 24.91 -29.42
N THR D 324 -2.79 25.94 -28.63
CA THR D 324 -2.63 27.31 -29.05
C THR D 324 -1.25 27.78 -28.56
N VAL D 325 -0.89 29.01 -28.89
CA VAL D 325 0.22 29.66 -28.21
C VAL D 325 -0.04 29.65 -26.69
N GLY D 326 1.06 29.62 -25.93
CA GLY D 326 1.00 29.76 -24.47
C GLY D 326 0.51 28.55 -23.70
N PHE D 327 0.26 27.43 -24.39
CA PHE D 327 -0.34 26.26 -23.71
C PHE D 327 0.55 25.72 -22.58
N TYR D 328 1.86 25.86 -22.73
CA TYR D 328 2.88 25.41 -21.71
C TYR D 328 2.87 26.28 -20.44
N LEU D 329 2.07 27.35 -20.43
CA LEU D 329 1.96 28.22 -19.26
C LEU D 329 0.87 27.83 -18.25
N LEU D 330 -0.05 26.95 -18.61
CA LEU D 330 -1.14 26.55 -17.71
C LEU D 330 -1.23 25.04 -17.69
N PRO D 331 -1.28 24.41 -16.49
CA PRO D 331 -1.33 22.94 -16.47
C PRO D 331 -2.73 22.39 -16.65
N ASN D 332 -3.34 22.65 -17.79
CA ASN D 332 -4.75 22.28 -18.00
C ASN D 332 -5.02 21.53 -19.31
N THR D 333 -3.99 21.00 -19.96
CA THR D 333 -4.26 20.22 -21.18
C THR D 333 -3.39 18.99 -21.21
N VAL D 334 -3.74 18.04 -22.06
CA VAL D 334 -2.90 16.88 -22.26
C VAL D 334 -1.55 17.32 -22.83
N HIS D 335 -1.57 18.22 -23.80
CA HIS D 335 -0.33 18.70 -24.43
C HIS D 335 0.65 19.29 -23.42
N TYR D 336 0.15 20.05 -22.46
CA TYR D 336 1.00 20.54 -21.39
C TYR D 336 1.78 19.39 -20.72
N HIS D 337 1.06 18.33 -20.32
CA HIS D 337 1.71 17.22 -19.64
C HIS D 337 2.71 16.48 -20.54
N GLU D 338 2.27 16.26 -21.78
CA GLU D 338 3.10 15.63 -22.79
C GLU D 338 4.41 16.38 -22.90
N VAL D 339 4.32 17.69 -23.00
CA VAL D 339 5.52 18.50 -23.30
C VAL D 339 6.47 18.54 -22.08
N MET D 340 5.91 18.65 -20.88
CA MET D 340 6.78 18.60 -19.69
C MET D 340 7.55 17.26 -19.61
N GLU D 341 6.88 16.16 -19.95
CA GLU D 341 7.54 14.87 -20.00
C GLU D 341 8.64 14.82 -21.07
N GLU D 342 8.33 15.34 -22.27
CA GLU D 342 9.32 15.39 -23.34
C GLU D 342 10.57 16.19 -22.96
N ILE D 343 10.34 17.32 -22.27
CA ILE D 343 11.45 18.14 -21.78
C ILE D 343 12.26 17.36 -20.79
N SER D 344 11.59 16.73 -19.84
CA SER D 344 12.31 15.94 -18.86
C SER D 344 13.13 14.81 -19.51
N ASP D 345 12.54 14.11 -20.46
CA ASP D 345 13.21 13.00 -21.14
C ASP D 345 14.44 13.51 -21.90
N PHE D 346 14.26 14.62 -22.62
CA PHE D 346 15.35 15.30 -23.36
C PHE D 346 16.50 15.72 -22.44
N LEU D 347 16.20 16.39 -21.32
CA LEU D 347 17.24 16.72 -20.33
C LEU D 347 18.02 15.48 -19.86
N ASN D 348 17.30 14.43 -19.51
CA ASN D 348 17.91 13.17 -19.09
C ASN D 348 18.79 12.50 -20.14
N ALA D 349 18.31 12.48 -21.38
CA ALA D 349 18.98 11.80 -22.47
C ALA D 349 20.24 12.54 -22.86
N ASN D 350 20.30 13.84 -22.55
CA ASN D 350 21.36 14.65 -23.08
C ASN D 350 22.27 15.27 -22.04
N LEU D 351 22.02 14.95 -20.77
CA LEU D 351 22.83 15.46 -19.68
C LEU D 351 24.30 15.05 -19.87
N TYR D 352 24.47 13.79 -20.25
CA TYR D 352 25.76 13.15 -20.46
C TYR D 352 25.98 12.95 -21.95
N VAL E 14 9.48 -22.73 29.00
CA VAL E 14 10.87 -22.79 28.45
C VAL E 14 10.87 -23.45 27.07
N VAL E 15 10.36 -24.67 26.98
CA VAL E 15 10.32 -25.39 25.71
C VAL E 15 8.94 -25.23 25.07
N PRO E 16 8.88 -24.77 23.81
CA PRO E 16 7.59 -24.74 23.13
C PRO E 16 6.97 -26.14 23.08
N LEU E 17 5.65 -26.21 23.21
CA LEU E 17 4.94 -27.47 23.28
C LEU E 17 5.27 -28.41 22.09
N HIS E 18 5.26 -27.86 20.87
CA HIS E 18 5.45 -28.69 19.71
C HIS E 18 6.85 -29.23 19.70
N THR E 19 7.81 -28.45 20.20
CA THR E 19 9.19 -28.93 20.23
C THR E 19 9.28 -30.03 21.27
N TRP E 20 8.69 -29.77 22.44
CA TRP E 20 8.68 -30.74 23.53
C TRP E 20 8.11 -32.09 23.06
N VAL E 21 6.97 -32.04 22.37
CA VAL E 21 6.31 -33.24 21.83
C VAL E 21 7.18 -33.95 20.80
N LEU E 22 7.70 -33.22 19.82
CA LEU E 22 8.42 -33.84 18.73
C LEU E 22 9.71 -34.54 19.21
N ILE E 23 10.55 -33.84 19.98
CA ILE E 23 11.82 -34.39 20.45
C ILE E 23 11.57 -35.51 21.46
N SER E 24 10.56 -35.35 22.30
CA SER E 24 10.15 -36.43 23.22
C SER E 24 9.77 -37.70 22.51
N ASN E 25 9.11 -37.55 21.35
CA ASN E 25 8.68 -38.70 20.57
C ASN E 25 9.92 -39.47 20.09
N PHE E 26 10.90 -38.73 19.56
CA PHE E 26 12.21 -39.28 19.24
C PHE E 26 12.86 -39.91 20.45
N LYS E 27 12.88 -39.21 21.58
CA LYS E 27 13.55 -39.71 22.78
C LYS E 27 13.01 -41.05 23.27
N LEU E 28 11.68 -41.13 23.38
CA LEU E 28 11.01 -42.33 23.90
C LEU E 28 11.16 -43.49 22.96
N SER E 29 11.15 -43.21 21.66
CA SER E 29 11.33 -44.24 20.65
C SER E 29 12.77 -44.75 20.66
N TYR E 30 13.73 -43.83 20.77
CA TYR E 30 15.14 -44.21 20.67
C TYR E 30 15.56 -45.01 21.94
N ASN E 31 14.88 -44.77 23.07
CA ASN E 31 15.12 -45.56 24.28
C ASN E 31 15.01 -47.07 24.01
N ILE E 32 14.13 -47.48 23.10
CA ILE E 32 13.88 -48.90 22.86
C ILE E 32 14.75 -49.49 21.73
N LEU E 33 15.43 -48.64 20.97
CA LEU E 33 16.26 -49.12 19.88
C LEU E 33 17.70 -49.43 20.28
N ARG E 34 18.18 -48.75 21.31
CA ARG E 34 19.52 -48.97 21.81
C ARG E 34 19.50 -50.22 22.70
N ARG E 35 20.32 -51.21 22.37
CA ARG E 35 20.39 -52.41 23.21
C ARG E 35 21.48 -52.21 24.28
N ALA E 36 21.29 -52.80 25.47
CA ALA E 36 22.26 -52.65 26.57
C ALA E 36 23.62 -53.19 26.17
N ASP E 37 23.65 -54.10 25.21
CA ASP E 37 24.92 -54.72 24.82
C ASP E 37 25.66 -53.91 23.73
N GLY E 38 25.17 -52.70 23.43
CA GLY E 38 25.82 -51.85 22.43
C GLY E 38 25.45 -52.16 21.00
N THR E 39 24.54 -53.11 20.80
CA THR E 39 24.02 -53.33 19.48
C THR E 39 22.68 -52.54 19.30
N PHE E 40 22.12 -52.56 18.11
CA PHE E 40 21.00 -51.65 17.82
C PHE E 40 19.87 -52.34 17.08
N GLU E 41 18.63 -51.96 17.43
CA GLU E 41 17.44 -52.48 16.74
C GLU E 41 17.29 -51.82 15.39
N ARG E 42 18.12 -52.19 14.42
CA ARG E 42 18.19 -51.47 13.16
C ARG E 42 16.90 -51.64 12.33
N ASP E 43 16.44 -52.87 12.15
CA ASP E 43 15.21 -53.10 11.39
C ASP E 43 14.01 -52.32 11.94
N LEU E 44 13.86 -52.30 13.26
CA LEU E 44 12.77 -51.58 13.91
C LEU E 44 12.99 -50.08 13.75
N GLY E 45 14.24 -49.67 13.83
CA GLY E 45 14.62 -48.25 13.70
C GLY E 45 14.19 -47.78 12.33
N GLU E 46 14.53 -48.58 11.32
CA GLU E 46 14.20 -48.26 9.94
C GLU E 46 12.68 -48.15 9.80
N TYR E 47 11.96 -49.09 10.42
CA TYR E 47 10.52 -49.20 10.25
C TYR E 47 9.80 -48.00 10.85
N LEU E 48 10.33 -47.50 11.97
CA LEU E 48 9.68 -46.44 12.75
C LEU E 48 10.05 -45.01 12.33
N ASP E 49 11.11 -44.86 11.53
CA ASP E 49 11.58 -43.52 11.11
C ASP E 49 10.56 -42.82 10.21
N ARG E 50 10.39 -41.51 10.39
CA ARG E 50 9.51 -40.76 9.50
C ARG E 50 10.35 -40.22 8.35
N ARG E 51 10.06 -40.73 7.16
CA ARG E 51 10.78 -40.46 5.92
C ARG E 51 9.84 -40.08 4.82
N VAL E 52 10.37 -39.36 3.84
CA VAL E 52 9.65 -38.96 2.64
C VAL E 52 10.50 -39.30 1.41
N PRO E 53 9.83 -39.59 0.28
CA PRO E 53 10.59 -39.85 -0.94
C PRO E 53 11.04 -38.54 -1.62
N ALA E 54 11.99 -38.68 -2.53
CA ALA E 54 12.34 -37.57 -3.43
C ALA E 54 11.18 -37.36 -4.39
N ASN E 55 11.01 -36.14 -4.86
CA ASN E 55 10.07 -35.88 -5.91
C ASN E 55 10.58 -34.77 -6.80
N ALA E 56 10.61 -35.06 -8.09
CA ALA E 56 10.98 -34.10 -9.13
C ALA E 56 9.95 -32.98 -9.27
N ARG E 57 8.70 -33.23 -8.86
CA ARG E 57 7.68 -32.19 -8.85
C ARG E 57 7.90 -31.25 -7.67
N PRO E 58 8.05 -29.94 -7.92
CA PRO E 58 8.34 -29.00 -6.84
C PRO E 58 7.23 -29.00 -5.78
N LEU E 59 7.63 -28.87 -4.52
CA LEU E 59 6.71 -28.64 -3.43
C LEU E 59 7.22 -27.36 -2.83
N GLU E 60 6.31 -26.42 -2.56
CA GLU E 60 6.65 -25.07 -2.11
C GLU E 60 7.93 -24.56 -2.81
N GLY E 61 7.99 -24.81 -4.11
CA GLY E 61 9.07 -24.28 -4.94
C GLY E 61 10.40 -25.01 -5.00
N VAL E 62 10.53 -26.13 -4.27
CA VAL E 62 11.79 -26.92 -4.24
C VAL E 62 11.61 -28.37 -4.72
N SER E 63 12.52 -28.81 -5.59
CA SER E 63 12.52 -30.17 -6.14
C SER E 63 13.61 -31.03 -5.48
N SER E 64 13.43 -32.36 -5.50
CA SER E 64 14.43 -33.26 -4.92
C SER E 64 14.66 -34.53 -5.74
N PHE E 65 15.88 -35.05 -5.66
CA PHE E 65 16.35 -36.13 -6.53
C PHE E 65 17.29 -37.08 -5.78
N ASP E 66 16.96 -38.36 -5.77
CA ASP E 66 17.84 -39.35 -5.15
C ASP E 66 18.83 -39.85 -6.18
N HIS E 67 20.06 -40.15 -5.75
CA HIS E 67 21.13 -40.50 -6.68
C HIS E 67 22.30 -41.26 -6.03
N ILE E 68 22.62 -42.43 -6.60
CA ILE E 68 23.74 -43.23 -6.09
C ILE E 68 25.06 -42.69 -6.65
N ILE E 69 25.93 -42.27 -5.74
CA ILE E 69 27.23 -41.70 -6.11
C ILE E 69 28.38 -42.69 -5.94
N ASP E 70 28.15 -43.75 -5.17
CA ASP E 70 29.15 -44.81 -4.98
C ASP E 70 28.50 -46.19 -4.97
N GLN E 71 28.34 -46.76 -6.17
CA GLN E 71 27.76 -48.09 -6.37
C GLN E 71 28.40 -49.19 -5.52
N SER E 72 29.71 -49.07 -5.26
CA SER E 72 30.45 -50.04 -4.45
C SER E 72 29.83 -50.22 -3.06
N VAL E 73 29.70 -49.11 -2.32
CA VAL E 73 29.15 -49.13 -0.95
C VAL E 73 27.66 -48.74 -0.90
N GLY E 74 27.08 -48.47 -2.06
CA GLY E 74 25.67 -48.08 -2.15
C GLY E 74 25.40 -46.71 -1.53
N LEU E 75 26.35 -45.80 -1.71
CA LEU E 75 26.22 -44.44 -1.16
C LEU E 75 25.30 -43.58 -2.00
N GLU E 76 24.37 -42.96 -1.30
CA GLU E 76 23.28 -42.22 -1.90
C GLU E 76 23.32 -40.77 -1.40
N VAL E 77 22.89 -39.84 -2.25
CA VAL E 77 22.67 -38.46 -1.86
C VAL E 77 21.23 -38.05 -2.20
N ARG E 78 20.71 -37.04 -1.49
CA ARG E 78 19.49 -36.39 -1.98
C ARG E 78 19.83 -34.98 -2.39
N ILE E 79 19.50 -34.66 -3.64
CA ILE E 79 19.80 -33.34 -4.21
C ILE E 79 18.52 -32.50 -4.26
N TYR E 80 18.59 -31.30 -3.70
CA TYR E 80 17.50 -30.31 -3.65
C TYR E 80 17.88 -29.04 -4.44
N ARG E 81 16.92 -28.52 -5.19
CA ARG E 81 17.11 -27.30 -5.98
C ARG E 81 15.75 -26.68 -6.26
N ALA E 82 15.76 -25.35 -6.47
CA ALA E 82 14.57 -24.59 -6.86
C ALA E 82 14.07 -24.99 -8.25
N ASP E 105 24.35 -30.44 -16.99
CA ASP E 105 24.08 -29.10 -17.51
C ASP E 105 25.22 -28.12 -17.19
N ALA E 106 25.27 -27.02 -17.96
CA ALA E 106 26.36 -26.03 -17.91
C ALA E 106 26.47 -25.32 -16.57
N PRO E 107 27.72 -25.05 -16.09
CA PRO E 107 27.96 -24.17 -14.93
C PRO E 107 27.17 -22.87 -15.02
N ALA E 108 26.84 -22.28 -13.88
CA ALA E 108 25.82 -21.22 -13.80
C ALA E 108 26.28 -19.81 -14.19
N ALA E 109 27.49 -19.43 -13.78
CA ALA E 109 28.05 -18.09 -14.08
C ALA E 109 27.73 -17.07 -13.02
N GLU E 110 26.49 -17.08 -12.52
CA GLU E 110 26.13 -16.30 -11.35
C GLU E 110 26.34 -17.22 -10.16
N PRO E 111 27.34 -16.91 -9.30
CA PRO E 111 27.69 -17.78 -8.17
C PRO E 111 26.47 -18.20 -7.33
N PHE E 112 26.47 -19.45 -6.90
CA PHE E 112 25.45 -19.99 -5.98
C PHE E 112 26.08 -21.00 -5.03
N PRO E 113 25.60 -21.05 -3.78
CA PRO E 113 26.23 -21.96 -2.83
C PRO E 113 25.76 -23.41 -3.00
N VAL E 114 26.67 -24.36 -2.78
CA VAL E 114 26.33 -25.77 -2.79
C VAL E 114 26.48 -26.25 -1.34
N ILE E 115 25.36 -26.59 -0.70
CA ILE E 115 25.45 -27.01 0.68
C ILE E 115 25.43 -28.54 0.74
N ILE E 116 26.54 -29.10 1.22
CA ILE E 116 26.60 -30.54 1.39
C ILE E 116 26.24 -30.75 2.84
N PHE E 117 25.08 -31.39 3.06
CA PHE E 117 24.54 -31.57 4.42
C PHE E 117 24.66 -32.99 4.92
N PHE E 118 24.99 -33.12 6.19
CA PHE E 118 25.04 -34.40 6.88
C PHE E 118 24.08 -34.41 8.07
N HIS E 119 23.07 -35.27 7.99
CA HIS E 119 22.08 -35.38 9.07
C HIS E 119 22.64 -35.75 10.46
N GLY E 120 21.92 -35.33 11.49
CA GLY E 120 22.17 -35.66 12.89
C GLY E 120 21.61 -37.04 13.20
N GLY E 121 21.51 -37.38 14.47
CA GLY E 121 21.11 -38.74 14.85
C GLY E 121 22.21 -39.52 15.58
N SER E 122 23.33 -38.85 15.88
CA SER E 122 24.42 -39.39 16.72
C SER E 122 25.16 -40.56 16.12
N PHE E 123 25.35 -40.50 14.81
CA PHE E 123 26.03 -41.50 13.95
C PHE E 123 25.18 -42.74 13.66
N VAL E 124 24.07 -42.88 14.38
CA VAL E 124 23.28 -44.12 14.37
C VAL E 124 21.90 -43.99 13.73
N HIS E 125 21.20 -42.90 14.05
CA HIS E 125 19.84 -42.69 13.53
C HIS E 125 19.72 -41.78 12.33
N SER E 126 18.56 -41.84 11.68
CA SER E 126 18.11 -40.92 10.63
C SER E 126 18.71 -41.18 9.25
N SER E 127 18.27 -40.42 8.27
CA SER E 127 18.62 -40.69 6.90
C SER E 127 18.48 -39.38 6.14
N ALA E 128 19.05 -39.30 4.94
CA ALA E 128 18.80 -38.11 4.11
C ALA E 128 17.29 -38.01 3.80
N SER E 129 16.61 -39.14 3.83
CA SER E 129 15.17 -39.19 3.54
C SER E 129 14.30 -38.89 4.76
N SER E 130 14.90 -38.76 5.94
CA SER E 130 14.13 -38.47 7.16
C SER E 130 13.42 -37.11 7.01
N THR E 131 12.14 -37.08 7.35
CA THR E 131 11.32 -35.92 7.04
C THR E 131 11.89 -34.68 7.71
N ILE E 132 12.34 -34.81 8.96
CA ILE E 132 12.92 -33.65 9.65
C ILE E 132 14.08 -33.02 8.87
N TYR E 133 14.86 -33.88 8.19
CA TYR E 133 16.07 -33.41 7.49
C TYR E 133 15.76 -33.01 6.07
N ASP E 134 14.79 -33.70 5.46
CA ASP E 134 14.29 -33.33 4.17
C ASP E 134 13.71 -31.91 4.22
N SER E 135 12.92 -31.63 5.25
CA SER E 135 12.36 -30.29 5.50
C SER E 135 13.44 -29.22 5.74
N LEU E 136 14.44 -29.54 6.57
CA LEU E 136 15.54 -28.61 6.82
C LEU E 136 16.29 -28.28 5.54
N CYS E 137 16.59 -29.30 4.73
CA CYS E 137 17.28 -29.07 3.46
C CYS E 137 16.46 -28.24 2.49
N ARG E 138 15.16 -28.50 2.43
CA ARG E 138 14.26 -27.64 1.66
C ARG E 138 14.36 -26.20 2.14
N ARG E 139 14.40 -26.00 3.46
CA ARG E 139 14.50 -24.63 3.98
C ARG E 139 15.84 -24.00 3.55
N PHE E 140 16.91 -24.78 3.69
CA PHE E 140 18.24 -24.35 3.21
C PHE E 140 18.27 -23.94 1.75
N VAL E 141 17.58 -24.68 0.88
CA VAL E 141 17.50 -24.27 -0.53
C VAL E 141 16.89 -22.87 -0.63
N LYS E 142 15.76 -22.67 0.07
CA LYS E 142 15.04 -21.38 -0.01
C LYS E 142 15.88 -20.25 0.58
N LEU E 143 16.54 -20.48 1.70
CA LEU E 143 17.34 -19.40 2.29
C LEU E 143 18.65 -19.08 1.53
N SER E 144 19.18 -20.05 0.79
CA SER E 144 20.49 -19.90 0.14
C SER E 144 20.37 -19.58 -1.34
N LYS E 145 19.21 -19.86 -1.93
CA LYS E 145 19.02 -19.78 -3.38
C LYS E 145 20.05 -20.65 -4.10
N GLY E 146 20.54 -21.66 -3.40
CA GLY E 146 21.50 -22.60 -3.96
C GLY E 146 20.99 -24.02 -4.09
N VAL E 147 21.94 -24.95 -4.00
CA VAL E 147 21.67 -26.38 -4.11
C VAL E 147 22.06 -27.05 -2.81
N VAL E 148 21.28 -28.06 -2.38
CA VAL E 148 21.66 -28.84 -1.22
C VAL E 148 21.87 -30.30 -1.62
N VAL E 149 22.95 -30.89 -1.10
CA VAL E 149 23.23 -32.30 -1.28
C VAL E 149 23.30 -32.94 0.10
N SER E 150 22.28 -33.74 0.42
CA SER E 150 22.18 -34.36 1.71
C SER E 150 22.72 -35.75 1.54
N VAL E 151 23.65 -36.12 2.41
CA VAL E 151 24.38 -37.35 2.25
C VAL E 151 23.88 -38.47 3.13
N ASN E 152 23.50 -39.56 2.45
CA ASN E 152 23.00 -40.74 3.15
C ASN E 152 24.15 -41.61 3.65
N TYR E 153 24.88 -41.09 4.64
CA TYR E 153 26.09 -41.75 5.12
C TYR E 153 25.85 -43.06 5.86
N ARG E 154 26.81 -44.00 5.73
CA ARG E 154 26.76 -45.28 6.47
C ARG E 154 26.79 -45.04 7.97
N ARG E 155 25.90 -45.70 8.71
CA ARG E 155 25.74 -45.41 10.14
C ARG E 155 26.28 -46.48 11.05
N ALA E 156 26.58 -46.06 12.28
CA ALA E 156 26.92 -46.94 13.39
C ALA E 156 25.68 -47.64 13.95
N PRO E 157 25.87 -48.79 14.66
CA PRO E 157 27.16 -49.46 14.82
C PRO E 157 27.52 -50.49 13.74
N GLU E 158 26.63 -50.73 12.79
CA GLU E 158 26.98 -51.62 11.70
C GLU E 158 28.19 -51.09 10.90
N HIS E 159 28.29 -49.78 10.75
CA HIS E 159 29.47 -49.16 10.13
C HIS E 159 30.11 -48.17 11.10
N ARG E 160 31.23 -48.58 11.67
CA ARG E 160 31.96 -47.77 12.64
C ARG E 160 32.92 -46.82 11.91
N TYR E 161 33.56 -45.95 12.68
CA TYR E 161 34.68 -45.13 12.20
C TYR E 161 35.61 -45.92 11.24
N PRO E 162 36.02 -45.31 10.10
CA PRO E 162 35.76 -43.95 9.61
C PRO E 162 34.74 -43.91 8.46
N CYS E 163 33.82 -44.88 8.43
CA CYS E 163 32.95 -45.04 7.25
C CYS E 163 32.20 -43.75 6.88
N ALA E 164 31.72 -43.05 7.88
CA ALA E 164 30.87 -41.85 7.71
C ALA E 164 31.70 -40.76 7.03
N TYR E 165 32.90 -40.53 7.57
CA TYR E 165 33.87 -39.63 6.95
C TYR E 165 34.22 -40.00 5.48
N ASP E 166 34.49 -41.28 5.22
CA ASP E 166 34.77 -41.73 3.85
C ASP E 166 33.65 -41.27 2.94
N ASP E 167 32.42 -41.49 3.43
CA ASP E 167 31.22 -41.21 2.65
C ASP E 167 31.11 -39.75 2.33
N GLY E 168 31.42 -38.92 3.31
CA GLY E 168 31.40 -37.48 3.11
C GLY E 168 32.46 -37.04 2.10
N TRP E 169 33.63 -37.69 2.17
CA TRP E 169 34.72 -37.35 1.27
C TRP E 169 34.29 -37.71 -0.15
N THR E 170 33.75 -38.91 -0.32
CA THR E 170 33.16 -39.33 -1.58
C THR E 170 32.14 -38.29 -2.07
N ALA E 171 31.29 -37.84 -1.14
CA ALA E 171 30.28 -36.82 -1.43
C ALA E 171 30.89 -35.51 -1.93
N LEU E 172 31.92 -35.04 -1.24
CA LEU E 172 32.65 -33.82 -1.67
C LEU E 172 33.19 -33.96 -3.11
N LYS E 173 33.99 -35.01 -3.33
CA LYS E 173 34.65 -35.16 -4.61
C LYS E 173 33.60 -35.32 -5.70
N TRP E 174 32.47 -35.97 -5.39
CA TRP E 174 31.42 -36.16 -6.38
C TRP E 174 30.80 -34.83 -6.79
N VAL E 175 30.57 -33.95 -5.81
CA VAL E 175 30.00 -32.63 -6.07
C VAL E 175 30.95 -31.81 -6.94
N MET E 176 32.24 -31.85 -6.62
CA MET E 176 33.27 -31.15 -7.39
C MET E 176 33.36 -31.59 -8.85
N SER E 177 33.01 -32.84 -9.13
CA SER E 177 33.06 -33.36 -10.47
C SER E 177 31.79 -33.09 -11.30
N GLN E 178 30.84 -32.33 -10.75
CA GLN E 178 29.59 -32.04 -11.47
C GLN E 178 29.56 -30.66 -12.12
N PRO E 179 29.36 -30.62 -13.45
CA PRO E 179 29.22 -29.36 -14.21
C PRO E 179 28.16 -28.45 -13.61
N PHE E 180 27.01 -29.03 -13.26
CA PHE E 180 25.86 -28.31 -12.66
C PHE E 180 26.24 -27.54 -11.39
N MET E 181 27.04 -28.17 -10.54
CA MET E 181 27.43 -27.60 -9.25
C MET E 181 28.35 -26.39 -9.36
N ARG E 182 29.06 -26.31 -10.48
CA ARG E 182 30.04 -25.23 -10.72
C ARG E 182 29.35 -23.90 -10.99
N SER E 183 29.85 -22.82 -10.40
CA SER E 183 29.28 -21.50 -10.67
C SER E 183 30.30 -20.37 -10.86
N ALA E 187 35.54 -20.60 -12.55
CA ALA E 187 34.18 -21.07 -12.29
C ALA E 187 34.20 -22.47 -11.69
N GLN E 188 33.91 -22.56 -10.39
CA GLN E 188 33.93 -23.83 -9.69
C GLN E 188 32.68 -24.01 -8.79
N ALA E 189 32.59 -25.19 -8.18
CA ALA E 189 31.53 -25.47 -7.21
C ALA E 189 31.85 -24.72 -5.91
N ARG E 190 30.94 -23.83 -5.50
CA ARG E 190 31.10 -23.06 -4.25
C ARG E 190 30.51 -23.81 -3.04
N VAL E 191 31.36 -24.61 -2.40
CA VAL E 191 30.89 -25.66 -1.49
C VAL E 191 30.94 -25.24 -0.01
N PHE E 192 29.83 -25.50 0.70
CA PHE E 192 29.79 -25.36 2.15
C PHE E 192 29.49 -26.74 2.76
N LEU E 193 30.20 -27.09 3.83
CA LEU E 193 29.95 -28.33 4.54
C LEU E 193 29.10 -28.05 5.77
N SER E 194 28.01 -28.79 5.93
CA SER E 194 27.08 -28.50 7.00
C SER E 194 26.58 -29.78 7.68
N GLY E 195 26.25 -29.68 8.96
CA GLY E 195 25.52 -30.77 9.62
C GLY E 195 25.14 -30.49 11.04
N ASP E 196 24.09 -31.16 11.55
CA ASP E 196 23.79 -31.09 12.99
C ASP E 196 24.19 -32.36 13.71
N SER E 197 24.39 -32.24 15.02
CA SER E 197 24.71 -33.40 15.82
C SER E 197 25.91 -34.10 15.15
N SER E 198 25.82 -35.42 14.97
CA SER E 198 26.86 -36.19 14.31
C SER E 198 27.28 -35.65 12.93
N GLY E 199 26.34 -35.02 12.22
CA GLY E 199 26.61 -34.49 10.87
C GLY E 199 27.57 -33.30 10.91
N GLY E 200 27.57 -32.60 12.04
CA GLY E 200 28.47 -31.48 12.29
C GLY E 200 29.89 -32.02 12.40
N ASN E 201 30.04 -33.08 13.19
CA ASN E 201 31.29 -33.81 13.33
C ASN E 201 31.79 -34.28 11.94
N ILE E 202 30.94 -34.96 11.18
CA ILE E 202 31.34 -35.39 9.84
C ILE E 202 31.81 -34.17 9.02
N ALA E 203 31.02 -33.10 9.01
CA ALA E 203 31.38 -31.87 8.30
C ALA E 203 32.82 -31.46 8.64
N HIS E 204 33.12 -31.37 9.94
CA HIS E 204 34.46 -30.99 10.39
C HIS E 204 35.58 -31.83 9.74
N HIS E 205 35.51 -33.15 9.89
CA HIS E 205 36.54 -34.03 9.37
C HIS E 205 36.62 -34.02 7.84
N VAL E 206 35.48 -33.87 7.16
CA VAL E 206 35.52 -33.72 5.71
C VAL E 206 36.28 -32.43 5.36
N ALA E 207 36.08 -31.42 6.19
CA ALA E 207 36.72 -30.11 6.03
C ALA E 207 38.26 -30.24 6.11
N VAL E 208 38.71 -30.98 7.12
CA VAL E 208 40.13 -31.20 7.35
C VAL E 208 40.75 -31.95 6.17
N ARG E 209 40.20 -33.10 5.81
CA ARG E 209 40.65 -33.81 4.62
C ARG E 209 40.72 -32.90 3.37
N ALA E 210 39.74 -32.01 3.21
CA ALA E 210 39.75 -31.04 2.12
C ALA E 210 40.94 -30.07 2.22
N ALA E 211 41.18 -29.54 3.43
CA ALA E 211 42.31 -28.64 3.69
C ALA E 211 43.65 -29.32 3.34
N ASP E 212 43.89 -30.49 3.93
CA ASP E 212 45.08 -31.28 3.64
C ASP E 212 45.27 -31.48 2.14
N GLU E 213 44.22 -31.93 1.46
CA GLU E 213 44.30 -32.17 0.02
C GLU E 213 44.19 -30.89 -0.84
N GLY E 214 44.23 -29.73 -0.20
CA GLY E 214 44.12 -28.42 -0.88
C GLY E 214 42.81 -28.18 -1.62
N VAL E 215 41.72 -28.68 -1.04
CA VAL E 215 40.39 -28.51 -1.63
C VAL E 215 39.69 -27.36 -0.91
N LYS E 216 39.11 -26.44 -1.68
CA LYS E 216 38.53 -25.20 -1.12
C LYS E 216 37.08 -25.35 -0.70
N VAL E 217 36.86 -25.23 0.61
CA VAL E 217 35.53 -25.17 1.17
C VAL E 217 35.22 -23.73 1.59
N CYS E 218 34.23 -23.12 0.94
CA CYS E 218 33.82 -21.74 1.26
C CYS E 218 33.44 -21.52 2.72
N GLY E 219 32.98 -22.58 3.41
CA GLY E 219 32.62 -22.48 4.82
C GLY E 219 31.99 -23.72 5.41
N ASN E 220 32.00 -23.78 6.74
CA ASN E 220 31.39 -24.86 7.52
C ASN E 220 30.22 -24.34 8.36
N ILE E 221 29.05 -24.98 8.24
CA ILE E 221 27.91 -24.60 9.09
C ILE E 221 27.58 -25.78 10.03
N LEU E 222 27.78 -25.57 11.34
CA LEU E 222 27.66 -26.66 12.32
C LEU E 222 26.57 -26.36 13.34
N LEU E 223 25.56 -27.21 13.39
CA LEU E 223 24.47 -26.97 14.33
C LEU E 223 24.55 -28.00 15.43
N ASN E 224 24.84 -27.55 16.65
CA ASN E 224 25.09 -28.49 17.76
C ASN E 224 25.96 -29.66 17.27
N ALA E 225 27.11 -29.35 16.67
CA ALA E 225 28.10 -30.37 16.32
C ALA E 225 28.39 -31.29 17.51
N MET E 226 28.56 -32.57 17.19
CA MET E 226 28.74 -33.60 18.19
C MET E 226 30.24 -33.89 18.41
N PHE E 227 30.68 -33.56 19.62
CA PHE E 227 32.05 -33.76 20.10
C PHE E 227 31.99 -34.25 21.53
N GLY E 228 33.02 -35.02 21.90
CA GLY E 228 33.12 -35.47 23.29
C GLY E 228 34.56 -35.64 23.75
N GLY E 229 34.69 -36.24 24.92
CA GLY E 229 35.99 -36.61 25.47
C GLY E 229 35.75 -37.56 26.62
N THR E 230 36.85 -38.04 27.21
CA THR E 230 36.82 -38.95 28.34
C THR E 230 36.25 -38.31 29.59
N GLU E 231 36.58 -37.04 29.81
CA GLU E 231 36.19 -36.32 31.02
C GLU E 231 34.85 -35.63 30.82
N ARG E 232 34.15 -35.31 31.91
CA ARG E 232 32.92 -34.50 31.84
C ARG E 232 33.28 -33.01 31.83
N THR E 233 32.53 -32.20 31.08
CA THR E 233 32.58 -30.74 31.23
C THR E 233 31.46 -30.32 32.20
N GLU E 234 31.43 -29.06 32.61
CA GLU E 234 30.39 -28.61 33.58
C GLU E 234 28.98 -28.53 32.99
N SER E 235 28.88 -28.27 31.68
CA SER E 235 27.57 -28.28 31.02
C SER E 235 27.02 -29.71 30.96
N GLU E 236 27.89 -30.68 30.65
CA GLU E 236 27.51 -32.10 30.64
C GLU E 236 26.90 -32.53 31.98
N ARG E 237 27.59 -32.21 33.07
CA ARG E 237 27.12 -32.58 34.39
C ARG E 237 25.90 -31.77 34.83
N ARG E 238 25.83 -30.51 34.42
CA ARG E 238 24.69 -29.68 34.81
C ARG E 238 23.40 -29.98 34.02
N LEU E 239 23.53 -30.14 32.71
CA LEU E 239 22.34 -30.27 31.85
C LEU E 239 21.92 -31.72 31.51
N ASP E 240 22.62 -32.69 32.08
CA ASP E 240 22.27 -34.10 31.91
C ASP E 240 20.83 -34.39 32.35
N GLY E 241 20.02 -34.88 31.42
CA GLY E 241 18.68 -35.34 31.71
C GLY E 241 17.61 -34.27 31.85
N LYS E 242 18.00 -33.00 31.73
CA LYS E 242 17.05 -31.88 31.93
C LYS E 242 16.32 -31.47 30.64
N TYR E 243 16.97 -31.68 29.50
CA TYR E 243 16.38 -31.25 28.22
C TYR E 243 16.57 -32.32 27.17
N PHE E 244 15.86 -33.43 27.37
CA PHE E 244 15.85 -34.59 26.45
C PHE E 244 17.11 -35.47 26.49
N VAL E 245 18.28 -34.86 26.46
CA VAL E 245 19.54 -35.59 26.29
C VAL E 245 20.10 -36.09 27.61
N THR E 246 20.68 -37.28 27.60
CA THR E 246 21.35 -37.86 28.79
C THR E 246 22.76 -38.28 28.46
N LEU E 247 23.63 -38.26 29.49
CA LEU E 247 25.00 -38.74 29.35
C LEU E 247 25.10 -40.23 29.01
N GLN E 248 24.19 -41.02 29.59
CA GLN E 248 23.99 -42.43 29.23
C GLN E 248 23.89 -42.64 27.73
N ASP E 249 22.99 -41.88 27.08
CA ASP E 249 22.83 -42.01 25.63
C ASP E 249 24.02 -41.49 24.84
N ARG E 250 24.56 -40.35 25.25
CA ARG E 250 25.75 -39.79 24.61
C ARG E 250 26.90 -40.84 24.60
N ASP E 251 27.18 -41.39 25.77
CA ASP E 251 28.21 -42.44 25.89
C ASP E 251 27.90 -43.62 24.98
N TRP E 252 26.62 -44.01 24.96
CA TRP E 252 26.16 -45.12 24.13
C TRP E 252 26.51 -44.87 22.69
N TYR E 253 26.20 -43.67 22.16
CA TYR E 253 26.43 -43.42 20.74
C TYR E 253 27.91 -43.33 20.37
N TRP E 254 28.69 -42.74 21.26
CA TRP E 254 30.14 -42.67 21.07
C TRP E 254 30.77 -44.08 21.02
N LYS E 255 30.44 -44.90 22.02
CA LYS E 255 30.81 -46.34 22.02
C LYS E 255 30.38 -47.04 20.72
N ALA E 256 29.24 -46.64 20.17
CA ALA E 256 28.76 -47.25 18.93
C ALA E 256 29.53 -46.91 17.65
N TYR E 257 30.03 -45.68 17.53
CA TYR E 257 30.70 -45.23 16.27
C TYR E 257 32.24 -45.44 16.28
N LEU E 258 32.82 -45.26 17.45
CA LEU E 258 34.27 -45.31 17.63
C LEU E 258 34.77 -46.76 17.55
N PRO E 259 36.03 -46.97 17.07
CA PRO E 259 36.51 -48.35 17.02
C PRO E 259 36.36 -49.04 18.39
N GLU E 260 36.16 -50.37 18.38
CA GLU E 260 35.80 -51.08 19.61
C GLU E 260 36.84 -50.98 20.71
N ASP E 261 38.11 -50.87 20.32
CA ASP E 261 39.22 -50.65 21.25
C ASP E 261 39.31 -49.22 21.82
N ALA E 262 38.83 -48.23 21.04
CA ALA E 262 38.98 -46.80 21.34
C ALA E 262 38.18 -46.30 22.56
N ASP E 263 38.49 -45.08 23.00
CA ASP E 263 37.71 -44.40 24.04
C ASP E 263 37.34 -43.00 23.52
N ARG E 264 36.85 -42.12 24.38
CA ARG E 264 36.31 -40.84 23.88
C ARG E 264 37.35 -39.73 23.57
N ASP E 265 38.63 -40.02 23.79
CA ASP E 265 39.65 -39.08 23.34
C ASP E 265 40.20 -39.53 22.00
N HIS E 266 39.49 -40.45 21.38
CA HIS E 266 39.81 -40.74 20.01
C HIS E 266 39.65 -39.43 19.22
N PRO E 267 40.63 -39.11 18.34
CA PRO E 267 40.54 -37.84 17.59
C PRO E 267 39.22 -37.62 16.78
N ALA E 268 38.56 -38.69 16.34
CA ALA E 268 37.23 -38.57 15.71
C ALA E 268 36.23 -37.87 16.65
N CYS E 269 36.32 -38.19 17.95
CA CYS E 269 35.38 -37.73 18.95
C CYS E 269 35.84 -36.45 19.61
N ASN E 270 37.14 -36.44 19.93
CA ASN E 270 37.76 -35.31 20.56
C ASN E 270 38.92 -34.84 19.68
N PRO E 271 38.63 -33.89 18.77
CA PRO E 271 39.60 -33.58 17.72
C PRO E 271 40.70 -32.60 18.14
N PHE E 272 40.53 -31.98 19.31
CA PHE E 272 41.50 -31.07 19.88
C PHE E 272 41.90 -31.53 21.27
N GLY E 273 41.65 -32.81 21.55
CA GLY E 273 42.08 -33.43 22.80
C GLY E 273 43.47 -34.02 22.66
N PRO E 274 43.92 -34.74 23.71
CA PRO E 274 45.23 -35.39 23.80
C PRO E 274 45.72 -36.03 22.48
N ASN E 275 44.81 -36.65 21.74
CA ASN E 275 45.18 -37.39 20.54
C ASN E 275 44.90 -36.57 19.28
N GLY E 276 44.56 -35.31 19.47
CA GLY E 276 44.11 -34.48 18.36
C GLY E 276 45.08 -33.43 17.86
N ARG E 277 45.41 -33.53 16.58
CA ARG E 277 46.24 -32.57 15.85
C ARG E 277 45.70 -31.14 15.91
N ARG E 278 46.60 -30.18 15.69
CA ARG E 278 46.24 -28.79 15.50
C ARG E 278 46.34 -28.50 13.99
N LEU E 279 45.59 -27.49 13.53
CA LEU E 279 45.36 -27.30 12.10
C LEU E 279 46.00 -26.03 11.51
N GLY E 280 46.94 -25.42 12.25
CA GLY E 280 47.64 -24.21 11.81
C GLY E 280 48.20 -24.29 10.39
N GLY E 281 48.05 -23.21 9.64
CA GLY E 281 48.65 -23.11 8.29
C GLY E 281 47.87 -23.76 7.15
N LEU E 282 46.89 -24.60 7.52
CA LEU E 282 46.02 -25.25 6.53
C LEU E 282 45.02 -24.24 5.98
N PRO E 283 44.62 -24.41 4.71
CA PRO E 283 43.56 -23.52 4.21
C PRO E 283 42.19 -24.05 4.67
N PHE E 284 41.96 -24.03 5.99
CA PHE E 284 40.70 -24.49 6.57
C PHE E 284 39.57 -23.50 6.24
N ALA E 285 38.39 -24.06 5.94
CA ALA E 285 37.16 -23.29 5.76
C ALA E 285 36.90 -22.34 6.94
N LYS E 286 36.25 -21.22 6.66
CA LYS E 286 35.68 -20.39 7.73
C LYS E 286 34.47 -21.13 8.32
N SER E 287 34.20 -20.89 9.60
CA SER E 287 33.15 -21.62 10.33
C SER E 287 32.03 -20.76 10.94
N LEU E 288 30.78 -21.19 10.71
CA LEU E 288 29.66 -20.70 11.49
C LEU E 288 29.19 -21.86 12.38
N ILE E 289 29.36 -21.71 13.69
CA ILE E 289 29.04 -22.78 14.60
C ILE E 289 27.93 -22.35 15.54
N ILE E 290 26.79 -23.03 15.45
CA ILE E 290 25.60 -22.64 16.18
C ILE E 290 25.42 -23.58 17.37
N VAL E 291 25.23 -23.00 18.54
CA VAL E 291 25.31 -23.74 19.80
C VAL E 291 24.09 -23.51 20.67
N SER E 292 23.35 -24.57 20.96
CA SER E 292 22.20 -24.52 21.86
C SER E 292 22.67 -24.45 23.29
N GLY E 293 22.18 -23.45 24.01
CA GLY E 293 22.55 -23.25 25.42
C GLY E 293 22.08 -24.40 26.30
N LEU E 294 20.99 -25.07 25.91
CA LEU E 294 20.47 -26.19 26.69
C LEU E 294 20.86 -27.55 26.12
N ASP E 295 21.84 -27.57 25.21
CA ASP E 295 22.50 -28.80 24.78
C ASP E 295 23.64 -29.05 25.76
N LEU E 296 23.61 -30.18 26.45
CA LEU E 296 24.60 -30.42 27.53
C LEU E 296 26.05 -30.40 27.05
N THR E 297 26.28 -30.62 25.74
CA THR E 297 27.65 -30.63 25.21
C THR E 297 28.18 -29.26 24.75
N CYS E 298 27.50 -28.18 25.14
CA CYS E 298 27.83 -26.86 24.60
C CYS E 298 29.29 -26.44 24.85
N ASP E 299 29.75 -26.56 26.11
CA ASP E 299 31.17 -26.35 26.48
C ASP E 299 32.13 -26.88 25.44
N ARG E 300 31.90 -28.12 24.99
CA ARG E 300 32.78 -28.75 24.01
C ARG E 300 32.74 -28.05 22.67
N GLN E 301 31.53 -27.61 22.30
CA GLN E 301 31.32 -26.94 21.03
C GLN E 301 31.99 -25.58 21.09
N LEU E 302 31.88 -24.93 22.24
CA LEU E 302 32.56 -23.66 22.45
C LEU E 302 34.09 -23.86 22.40
N ALA E 303 34.60 -24.83 23.16
CA ALA E 303 36.03 -25.15 23.15
C ALA E 303 36.55 -25.45 21.76
N TYR E 304 35.75 -26.15 20.97
CA TYR E 304 36.06 -26.44 19.55
C TYR E 304 36.22 -25.16 18.72
N ALA E 305 35.37 -24.17 18.96
CA ALA E 305 35.42 -22.90 18.25
C ALA E 305 36.73 -22.17 18.61
N ASP E 306 36.98 -22.01 19.90
CA ASP E 306 38.23 -21.45 20.41
C ASP E 306 39.46 -22.09 19.77
N ALA E 307 39.51 -23.41 19.75
CA ALA E 307 40.62 -24.15 19.18
C ALA E 307 40.88 -23.74 17.75
N LEU E 308 39.81 -23.55 16.97
CA LEU E 308 39.96 -23.10 15.58
C LEU E 308 40.47 -21.65 15.51
N ARG E 309 40.13 -20.86 16.53
CA ARG E 309 40.64 -19.49 16.67
C ARG E 309 42.14 -19.53 16.92
N GLU E 310 42.53 -20.38 17.87
CA GLU E 310 43.92 -20.52 18.30
C GLU E 310 44.78 -21.10 17.17
N ASP E 311 44.20 -21.93 16.31
CA ASP E 311 44.90 -22.37 15.11
C ASP E 311 44.83 -21.32 13.99
N GLY E 312 44.18 -20.20 14.28
CA GLY E 312 44.18 -19.04 13.38
C GLY E 312 43.18 -19.10 12.24
N HIS E 313 42.03 -19.72 12.49
CA HIS E 313 41.01 -19.75 11.46
C HIS E 313 39.84 -18.85 11.88
N HIS E 314 39.01 -18.49 10.90
CA HIS E 314 37.86 -17.62 11.15
C HIS E 314 36.63 -18.42 11.63
N VAL E 315 36.04 -17.96 12.72
CA VAL E 315 34.99 -18.64 13.46
C VAL E 315 33.93 -17.62 13.88
N LYS E 316 32.66 -17.85 13.55
CA LYS E 316 31.57 -17.07 14.13
C LYS E 316 30.65 -17.99 14.93
N VAL E 317 30.53 -17.72 16.22
CA VAL E 317 29.73 -18.52 17.13
C VAL E 317 28.40 -17.84 17.40
N VAL E 318 27.29 -18.58 17.25
CA VAL E 318 25.96 -18.07 17.62
C VAL E 318 25.43 -18.90 18.77
N GLN E 319 25.29 -18.28 19.93
CA GLN E 319 24.85 -18.98 21.11
C GLN E 319 23.38 -18.71 21.30
N CYS E 320 22.59 -19.78 21.39
CA CYS E 320 21.15 -19.66 21.52
C CYS E 320 20.78 -20.14 22.91
N GLU E 321 20.76 -19.20 23.84
CA GLU E 321 20.61 -19.42 25.28
C GLU E 321 19.40 -20.29 25.62
N ASN E 322 18.28 -19.96 24.99
CA ASN E 322 17.01 -20.60 25.33
C ASN E 322 16.69 -21.84 24.49
N ALA E 323 17.65 -22.26 23.67
CA ALA E 323 17.38 -23.33 22.69
C ALA E 323 17.81 -24.70 23.21
N THR E 324 16.96 -25.71 22.97
CA THR E 324 17.30 -27.10 23.26
C THR E 324 17.96 -27.67 22.01
N VAL E 325 18.41 -28.93 22.06
CA VAL E 325 18.73 -29.62 20.81
C VAL E 325 17.51 -29.53 19.90
N GLY E 326 17.76 -29.54 18.60
CA GLY E 326 16.68 -29.73 17.64
C GLY E 326 15.88 -28.50 17.31
N PHE E 327 16.12 -27.38 18.00
CA PHE E 327 15.33 -26.16 17.78
C PHE E 327 15.27 -25.69 16.30
N TYR E 328 16.31 -26.00 15.52
CA TYR E 328 16.37 -25.59 14.11
C TYR E 328 15.41 -26.43 13.24
N LEU E 329 14.67 -27.36 13.85
CA LEU E 329 13.78 -28.23 13.08
C LEU E 329 12.34 -27.72 12.96
N LEU E 330 11.96 -26.77 13.81
CA LEU E 330 10.57 -26.27 13.84
C LEU E 330 10.63 -24.77 13.85
N PRO E 331 9.80 -24.10 13.01
CA PRO E 331 9.84 -22.63 12.99
C PRO E 331 9.03 -22.02 14.11
N ASN E 332 9.42 -22.23 15.36
CA ASN E 332 8.56 -21.83 16.46
C ASN E 332 9.28 -21.15 17.61
N THR E 333 10.50 -20.66 17.38
CA THR E 333 11.16 -19.83 18.38
C THR E 333 11.91 -18.71 17.67
N VAL E 334 12.29 -17.71 18.45
CA VAL E 334 13.08 -16.59 17.99
C VAL E 334 14.44 -17.11 17.53
N HIS E 335 15.03 -17.99 18.34
CA HIS E 335 16.30 -18.61 17.98
C HIS E 335 16.28 -19.27 16.62
N TYR E 336 15.19 -19.95 16.27
CA TYR E 336 15.05 -20.51 14.90
C TYR E 336 15.23 -19.41 13.84
N HIS E 337 14.53 -18.30 14.02
CA HIS E 337 14.59 -17.23 13.02
C HIS E 337 15.97 -16.59 13.02
N GLU E 338 16.54 -16.37 14.21
CA GLU E 338 17.90 -15.80 14.32
C GLU E 338 18.89 -16.62 13.50
N VAL E 339 18.78 -17.93 13.66
CA VAL E 339 19.77 -18.83 13.10
C VAL E 339 19.65 -18.92 11.59
N MET E 340 18.41 -18.97 11.09
CA MET E 340 18.21 -18.99 9.65
C MET E 340 18.81 -17.70 9.01
N GLU E 341 18.66 -16.57 9.68
CA GLU E 341 19.24 -15.32 9.21
C GLU E 341 20.76 -15.40 9.18
N GLU E 342 21.35 -15.84 10.29
CA GLU E 342 22.80 -16.03 10.39
C GLU E 342 23.32 -16.91 9.26
N ILE E 343 22.66 -18.02 9.00
CA ILE E 343 23.07 -18.90 7.92
C ILE E 343 23.00 -18.17 6.57
N SER E 344 21.93 -17.42 6.34
CA SER E 344 21.84 -16.65 5.10
C SER E 344 23.01 -15.65 5.00
N ASP E 345 23.27 -14.91 6.08
CA ASP E 345 24.37 -13.93 6.10
C ASP E 345 25.72 -14.57 5.84
N PHE E 346 25.97 -15.70 6.51
CA PHE E 346 27.22 -16.46 6.35
C PHE E 346 27.43 -16.95 4.90
N LEU E 347 26.40 -17.53 4.31
CA LEU E 347 26.53 -18.01 2.95
C LEU E 347 26.84 -16.85 1.99
N ASN E 348 26.09 -15.74 2.13
CA ASN E 348 26.35 -14.55 1.31
C ASN E 348 27.79 -14.01 1.48
N ALA E 349 28.20 -13.82 2.74
CA ALA E 349 29.53 -13.26 3.08
C ALA E 349 30.73 -14.09 2.63
N ASN E 350 30.48 -15.30 2.14
CA ASN E 350 31.57 -16.22 1.77
C ASN E 350 31.39 -16.88 0.43
N LEU E 351 30.43 -16.38 -0.34
CA LEU E 351 30.09 -16.95 -1.64
C LEU E 351 31.10 -16.52 -2.68
N VAL F 14 -2.84 -39.78 34.17
CA VAL F 14 -3.92 -40.60 33.51
C VAL F 14 -3.50 -41.30 32.20
N VAL F 15 -2.89 -40.53 31.28
CA VAL F 15 -2.46 -41.05 29.98
C VAL F 15 -0.98 -41.45 30.05
N PRO F 16 -0.61 -42.65 29.57
CA PRO F 16 0.82 -43.01 29.46
C PRO F 16 1.57 -41.94 28.67
N LEU F 17 2.78 -41.61 29.14
CA LEU F 17 3.56 -40.55 28.54
C LEU F 17 3.71 -40.71 27.03
N HIS F 18 4.11 -41.92 26.59
CA HIS F 18 4.30 -42.15 25.17
C HIS F 18 3.00 -41.95 24.37
N THR F 19 1.87 -42.33 24.94
CA THR F 19 0.60 -42.12 24.24
C THR F 19 0.32 -40.62 24.10
N TRP F 20 0.52 -39.89 25.19
CA TRP F 20 0.28 -38.46 25.23
C TRP F 20 1.14 -37.75 24.20
N VAL F 21 2.41 -38.13 24.13
CA VAL F 21 3.32 -37.60 23.10
C VAL F 21 2.91 -37.97 21.66
N LEU F 22 2.58 -39.23 21.40
CA LEU F 22 2.23 -39.64 20.03
C LEU F 22 1.00 -38.88 19.56
N ILE F 23 -0.07 -38.96 20.36
CA ILE F 23 -1.35 -38.39 19.93
C ILE F 23 -1.28 -36.86 19.91
N SER F 24 -0.60 -36.22 20.85
CA SER F 24 -0.44 -34.76 20.77
C SER F 24 0.29 -34.33 19.49
N ASN F 25 1.24 -35.14 19.07
CA ASN F 25 2.00 -34.86 17.85
C ASN F 25 1.03 -34.83 16.66
N PHE F 26 0.18 -35.86 16.55
CA PHE F 26 -0.91 -35.85 15.56
C PHE F 26 -1.83 -34.64 15.71
N LYS F 27 -2.28 -34.36 16.95
CA LYS F 27 -3.23 -33.26 17.17
C LYS F 27 -2.67 -31.92 16.71
N LEU F 28 -1.44 -31.63 17.14
CA LEU F 28 -0.77 -30.36 16.82
C LEU F 28 -0.50 -30.21 15.30
N SER F 29 -0.16 -31.32 14.65
CA SER F 29 0.10 -31.30 13.21
C SER F 29 -1.22 -31.03 12.47
N TYR F 30 -2.25 -31.78 12.84
CA TYR F 30 -3.55 -31.70 12.19
C TYR F 30 -4.19 -30.33 12.34
N ASN F 31 -3.96 -29.66 13.46
CA ASN F 31 -4.42 -28.28 13.68
C ASN F 31 -4.03 -27.36 12.53
N ILE F 32 -2.88 -27.59 11.91
CA ILE F 32 -2.43 -26.68 10.85
C ILE F 32 -2.85 -27.11 9.45
N LEU F 33 -3.37 -28.33 9.33
CA LEU F 33 -3.80 -28.85 8.06
C LEU F 33 -5.25 -28.54 7.73
N ARG F 34 -6.12 -28.44 8.74
CA ARG F 34 -7.50 -28.03 8.51
C ARG F 34 -7.51 -26.54 8.24
N ARG F 35 -8.22 -26.12 7.19
CA ARG F 35 -8.45 -24.74 6.90
C ARG F 35 -9.83 -24.33 7.35
N ALA F 36 -9.94 -23.11 7.80
CA ALA F 36 -11.20 -22.54 8.26
C ALA F 36 -12.33 -22.64 7.22
N ASP F 37 -11.99 -22.60 5.93
CA ASP F 37 -13.03 -22.62 4.88
C ASP F 37 -13.44 -24.05 4.49
N GLY F 38 -12.97 -25.04 5.25
CA GLY F 38 -13.37 -26.44 5.06
C GLY F 38 -12.58 -27.17 4.00
N THR F 39 -11.54 -26.52 3.46
CA THR F 39 -10.62 -27.23 2.55
C THR F 39 -9.43 -27.72 3.38
N PHE F 40 -8.51 -28.45 2.75
CA PHE F 40 -7.49 -29.16 3.52
C PHE F 40 -6.11 -28.99 2.89
N GLU F 41 -5.08 -28.88 3.73
CA GLU F 41 -3.70 -28.81 3.25
C GLU F 41 -3.26 -30.20 2.87
N ARG F 42 -3.75 -30.71 1.74
CA ARG F 42 -3.50 -32.09 1.36
C ARG F 42 -2.03 -32.40 1.11
N ASP F 43 -1.35 -31.55 0.32
CA ASP F 43 0.05 -31.80 -0.01
C ASP F 43 0.92 -31.79 1.24
N LEU F 44 0.73 -30.81 2.14
CA LEU F 44 1.47 -30.77 3.40
C LEU F 44 1.16 -32.04 4.26
N GLY F 45 -0.12 -32.41 4.32
CA GLY F 45 -0.55 -33.62 5.05
C GLY F 45 0.17 -34.84 4.57
N GLU F 46 0.15 -35.06 3.25
CA GLU F 46 0.86 -36.17 2.59
C GLU F 46 2.36 -36.14 2.95
N TYR F 47 2.92 -34.94 2.94
CA TYR F 47 4.37 -34.79 3.18
C TYR F 47 4.71 -35.12 4.64
N LEU F 48 3.83 -34.74 5.56
CA LEU F 48 4.13 -34.89 6.98
C LEU F 48 3.70 -36.27 7.55
N ASP F 49 2.97 -37.06 6.77
CA ASP F 49 2.47 -38.36 7.31
C ASP F 49 3.64 -39.32 7.50
N ARG F 50 3.58 -40.09 8.59
CA ARG F 50 4.54 -41.18 8.77
C ARG F 50 4.06 -42.46 8.11
N ARG F 51 4.81 -42.90 7.11
CA ARG F 51 4.40 -44.03 6.26
C ARG F 51 5.54 -45.01 6.06
N VAL F 52 5.18 -46.26 5.73
CA VAL F 52 6.15 -47.31 5.42
C VAL F 52 5.76 -47.97 4.12
N PRO F 53 6.75 -48.50 3.36
CA PRO F 53 6.37 -49.22 2.15
C PRO F 53 5.82 -50.64 2.46
N ALA F 54 5.17 -51.24 1.49
CA ALA F 54 4.89 -52.68 1.51
C ALA F 54 6.22 -53.39 1.35
N ASN F 55 6.34 -54.58 1.91
CA ASN F 55 7.56 -55.38 1.77
C ASN F 55 7.26 -56.87 1.81
N ALA F 56 7.54 -57.54 0.69
CA ALA F 56 7.44 -59.00 0.58
C ALA F 56 8.36 -59.75 1.54
N ARG F 57 9.52 -59.19 1.85
CA ARG F 57 10.38 -59.76 2.89
C ARG F 57 9.71 -59.56 4.23
N PRO F 58 9.50 -60.63 5.01
CA PRO F 58 8.74 -60.49 6.25
C PRO F 58 9.52 -59.79 7.36
N LEU F 59 8.86 -58.87 8.05
CA LEU F 59 9.38 -58.32 9.30
C LEU F 59 8.56 -58.98 10.40
N GLU F 60 9.28 -59.52 11.38
CA GLU F 60 8.72 -60.32 12.47
C GLU F 60 7.56 -61.22 12.05
N GLY F 61 7.70 -61.92 10.94
CA GLY F 61 6.71 -62.92 10.54
C GLY F 61 5.65 -62.52 9.51
N VAL F 62 5.50 -61.21 9.26
CA VAL F 62 4.44 -60.70 8.37
C VAL F 62 5.04 -60.02 7.15
N SER F 63 4.50 -60.35 5.97
CA SER F 63 4.80 -59.70 4.69
C SER F 63 3.61 -58.86 4.24
N SER F 64 3.87 -57.90 3.36
CA SER F 64 2.80 -57.06 2.84
C SER F 64 2.95 -56.79 1.35
N PHE F 65 1.84 -56.47 0.71
CA PHE F 65 1.77 -56.31 -0.74
C PHE F 65 0.74 -55.26 -1.06
N ASP F 66 1.12 -54.28 -1.88
CA ASP F 66 0.19 -53.27 -2.35
C ASP F 66 -0.42 -53.71 -3.66
N HIS F 67 -1.73 -53.55 -3.79
CA HIS F 67 -2.45 -54.03 -4.96
C HIS F 67 -3.63 -53.14 -5.30
N ILE F 68 -3.66 -52.67 -6.55
CA ILE F 68 -4.76 -51.87 -7.05
C ILE F 68 -5.90 -52.81 -7.36
N ILE F 69 -7.03 -52.62 -6.68
CA ILE F 69 -8.20 -53.48 -6.85
C ILE F 69 -9.30 -52.85 -7.72
N ASP F 70 -9.09 -51.61 -8.15
CA ASP F 70 -9.97 -50.94 -9.11
C ASP F 70 -9.30 -49.73 -9.77
N GLN F 71 -9.10 -49.83 -11.08
CA GLN F 71 -8.45 -48.78 -11.86
C GLN F 71 -9.28 -47.50 -11.95
N SER F 72 -10.51 -47.62 -12.46
CA SER F 72 -11.50 -46.53 -12.53
C SER F 72 -11.40 -45.45 -11.42
N VAL F 73 -11.23 -45.87 -10.16
CA VAL F 73 -11.03 -44.93 -9.05
C VAL F 73 -9.59 -44.95 -8.49
N GLY F 74 -8.75 -45.82 -9.04
CA GLY F 74 -7.39 -46.02 -8.53
C GLY F 74 -7.35 -46.62 -7.13
N LEU F 75 -8.33 -47.45 -6.81
CA LEU F 75 -8.45 -47.96 -5.44
C LEU F 75 -7.41 -49.04 -5.14
N GLU F 76 -6.59 -48.77 -4.14
CA GLU F 76 -5.50 -49.67 -3.73
C GLU F 76 -5.72 -50.26 -2.33
N VAL F 77 -5.27 -51.50 -2.14
CA VAL F 77 -5.21 -52.12 -0.79
C VAL F 77 -3.80 -52.55 -0.44
N ARG F 78 -3.51 -52.64 0.85
CA ARG F 78 -2.31 -53.33 1.30
C ARG F 78 -2.74 -54.66 1.93
N ILE F 79 -2.17 -55.75 1.41
CA ILE F 79 -2.49 -57.10 1.87
C ILE F 79 -1.38 -57.59 2.79
N TYR F 80 -1.75 -58.02 4.00
CA TYR F 80 -0.82 -58.59 4.95
C TYR F 80 -1.09 -60.06 5.14
N ARG F 81 -0.02 -60.84 5.25
CA ARG F 81 -0.13 -62.26 5.59
C ARG F 81 1.19 -62.78 6.20
N ALA F 82 1.09 -63.80 7.06
CA ALA F 82 2.31 -64.38 7.65
C ALA F 82 3.17 -64.98 6.56
N ALA F 83 4.48 -64.80 6.69
CA ALA F 83 5.43 -65.35 5.72
C ALA F 83 6.84 -65.23 6.26
N PHE F 112 -9.51 -69.80 7.86
CA PHE F 112 -8.79 -68.61 8.35
C PHE F 112 -9.60 -67.32 8.13
N PRO F 113 -9.44 -66.33 9.03
CA PRO F 113 -10.18 -65.10 8.79
C PRO F 113 -9.52 -64.22 7.71
N VAL F 114 -10.35 -63.41 7.05
CA VAL F 114 -9.87 -62.31 6.24
C VAL F 114 -10.46 -61.07 6.90
N ILE F 115 -9.60 -60.23 7.47
CA ILE F 115 -10.05 -58.98 8.08
C ILE F 115 -9.88 -57.84 7.06
N ILE F 116 -11.01 -57.26 6.63
CA ILE F 116 -10.97 -56.03 5.86
C ILE F 116 -10.90 -54.85 6.81
N PHE F 117 -9.80 -54.11 6.73
CA PHE F 117 -9.55 -53.04 7.69
C PHE F 117 -9.61 -51.63 7.05
N PHE F 118 -10.33 -50.71 7.68
CA PHE F 118 -10.44 -49.31 7.24
C PHE F 118 -9.77 -48.41 8.27
N HIS F 119 -8.66 -47.76 7.90
CA HIS F 119 -8.00 -46.82 8.82
C HIS F 119 -8.85 -45.66 9.33
N GLY F 120 -8.47 -45.14 10.50
CA GLY F 120 -9.05 -43.95 11.09
C GLY F 120 -8.43 -42.69 10.49
N GLY F 121 -8.68 -41.56 11.11
CA GLY F 121 -8.24 -40.29 10.54
C GLY F 121 -9.42 -39.41 10.18
N SER F 122 -10.59 -39.80 10.71
CA SER F 122 -11.76 -38.91 10.66
C SER F 122 -12.20 -38.57 9.24
N PHE F 123 -12.04 -39.55 8.33
CA PHE F 123 -12.39 -39.45 6.94
C PHE F 123 -11.35 -38.68 6.10
N VAL F 124 -10.47 -37.93 6.76
CA VAL F 124 -9.60 -36.96 6.03
C VAL F 124 -8.12 -37.41 5.99
N HIS F 125 -7.65 -37.96 7.11
CA HIS F 125 -6.22 -38.26 7.28
C HIS F 125 -5.86 -39.73 7.09
N SER F 126 -4.56 -39.99 6.94
CA SER F 126 -3.98 -41.33 7.03
C SER F 126 -4.24 -42.15 5.80
N SER F 127 -3.70 -43.35 5.80
CA SER F 127 -3.58 -44.15 4.60
C SER F 127 -3.29 -45.59 5.05
N ALA F 128 -3.53 -46.57 4.18
CA ALA F 128 -3.13 -47.93 4.47
C ALA F 128 -1.62 -48.01 4.76
N SER F 129 -0.83 -47.10 4.19
CA SER F 129 0.61 -47.11 4.37
C SER F 129 1.09 -46.35 5.61
N SER F 130 0.17 -45.64 6.27
CA SER F 130 0.54 -44.96 7.53
C SER F 130 1.08 -45.98 8.52
N THR F 131 2.19 -45.64 9.18
CA THR F 131 2.91 -46.57 10.08
C THR F 131 2.04 -47.02 11.25
N ILE F 132 1.29 -46.11 11.84
CA ILE F 132 0.34 -46.48 12.90
C ILE F 132 -0.61 -47.60 12.45
N TYR F 133 -1.11 -47.54 11.21
CA TYR F 133 -2.02 -48.57 10.69
C TYR F 133 -1.32 -49.78 10.11
N ASP F 134 -0.17 -49.56 9.47
CA ASP F 134 0.65 -50.69 9.04
C ASP F 134 0.99 -51.63 10.19
N SER F 135 1.39 -51.04 11.31
CA SER F 135 1.69 -51.73 12.54
C SER F 135 0.50 -52.49 13.12
N LEU F 136 -0.61 -51.79 13.29
CA LEU F 136 -1.87 -52.44 13.73
C LEU F 136 -2.27 -53.62 12.89
N CYS F 137 -2.17 -53.47 11.57
CA CYS F 137 -2.59 -54.55 10.66
C CYS F 137 -1.67 -55.77 10.79
N ARG F 138 -0.37 -55.53 10.94
CA ARG F 138 0.59 -56.62 11.20
C ARG F 138 0.25 -57.33 12.52
N ARG F 139 -0.08 -56.55 13.55
CA ARG F 139 -0.48 -57.14 14.81
C ARG F 139 -1.74 -58.03 14.64
N PHE F 140 -2.67 -57.58 13.80
CA PHE F 140 -3.87 -58.35 13.48
C PHE F 140 -3.57 -59.66 12.74
N VAL F 141 -2.56 -59.64 11.86
CA VAL F 141 -2.17 -60.89 11.23
C VAL F 141 -1.69 -61.88 12.30
N LYS F 142 -0.86 -61.42 13.21
CA LYS F 142 -0.31 -62.27 14.27
C LYS F 142 -1.42 -62.83 15.18
N LEU F 143 -2.34 -61.95 15.54
CA LEU F 143 -3.54 -62.22 16.33
C LEU F 143 -4.47 -63.27 15.76
N SER F 144 -4.72 -63.17 14.45
CA SER F 144 -5.78 -63.87 13.77
C SER F 144 -5.32 -65.12 13.00
N LYS F 145 -4.02 -65.18 12.71
CA LYS F 145 -3.44 -66.17 11.79
C LYS F 145 -4.16 -66.12 10.46
N GLY F 146 -4.53 -64.93 10.04
CA GLY F 146 -5.26 -64.79 8.79
C GLY F 146 -4.60 -63.80 7.85
N VAL F 147 -5.43 -63.26 6.95
CA VAL F 147 -5.02 -62.24 5.99
C VAL F 147 -5.72 -60.91 6.38
N VAL F 148 -4.95 -59.82 6.39
CA VAL F 148 -5.53 -58.49 6.56
C VAL F 148 -5.47 -57.74 5.24
N VAL F 149 -6.57 -57.08 4.90
CA VAL F 149 -6.65 -56.28 3.67
C VAL F 149 -7.02 -54.86 4.09
N SER F 150 -6.04 -53.96 3.97
CA SER F 150 -6.22 -52.61 4.47
C SER F 150 -6.54 -51.71 3.30
N VAL F 151 -7.65 -51.00 3.42
CA VAL F 151 -8.22 -50.33 2.26
C VAL F 151 -7.84 -48.86 2.27
N ASN F 152 -7.20 -48.44 1.17
CA ASN F 152 -6.92 -47.01 0.94
C ASN F 152 -8.09 -46.28 0.39
N TYR F 153 -9.12 -46.10 1.20
CA TYR F 153 -10.33 -45.45 0.72
C TYR F 153 -10.09 -43.96 0.41
N ARG F 154 -10.84 -43.45 -0.55
CA ARG F 154 -10.76 -42.04 -0.92
C ARG F 154 -11.22 -41.17 0.25
N ARG F 155 -10.47 -40.10 0.48
CA ARG F 155 -10.67 -39.25 1.64
C ARG F 155 -11.33 -37.91 1.32
N ALA F 156 -12.06 -37.43 2.32
CA ALA F 156 -12.57 -36.07 2.41
C ALA F 156 -11.41 -35.10 2.68
N PRO F 157 -11.63 -33.78 2.45
CA PRO F 157 -12.84 -33.17 1.84
C PRO F 157 -12.91 -33.31 0.31
N GLU F 158 -11.84 -33.76 -0.36
CA GLU F 158 -11.87 -33.85 -1.82
C GLU F 158 -12.90 -34.86 -2.32
N HIS F 159 -13.09 -35.92 -1.54
CA HIS F 159 -14.04 -36.98 -1.89
C HIS F 159 -15.01 -37.10 -0.73
N ARG F 160 -16.22 -36.60 -0.94
CA ARG F 160 -17.24 -36.57 0.08
C ARG F 160 -18.03 -37.89 0.06
N TYR F 161 -18.94 -38.03 1.02
CA TYR F 161 -19.95 -39.07 1.01
C TYR F 161 -20.52 -39.22 -0.41
N PRO F 162 -20.69 -40.46 -0.92
CA PRO F 162 -20.42 -41.75 -0.28
C PRO F 162 -19.16 -42.45 -0.73
N CYS F 163 -18.14 -41.70 -1.19
CA CYS F 163 -16.99 -42.34 -1.85
C CYS F 163 -16.32 -43.39 -0.99
N ALA F 164 -16.02 -43.05 0.26
CA ALA F 164 -15.36 -43.99 1.16
C ALA F 164 -16.19 -45.28 1.33
N TYR F 165 -17.52 -45.15 1.42
CA TYR F 165 -18.42 -46.30 1.55
C TYR F 165 -18.43 -47.16 0.29
N ASP F 166 -18.40 -46.50 -0.89
CA ASP F 166 -18.33 -47.18 -2.16
C ASP F 166 -17.03 -47.99 -2.25
N ASP F 167 -15.92 -47.39 -1.80
CA ASP F 167 -14.62 -48.07 -1.85
C ASP F 167 -14.63 -49.29 -0.94
N GLY F 168 -15.31 -49.19 0.19
CA GLY F 168 -15.39 -50.30 1.14
C GLY F 168 -16.16 -51.46 0.52
N TRP F 169 -17.28 -51.12 -0.10
CA TRP F 169 -18.07 -52.12 -0.81
C TRP F 169 -17.27 -52.78 -1.93
N THR F 170 -16.60 -51.95 -2.74
CA THR F 170 -15.69 -52.44 -3.77
C THR F 170 -14.65 -53.39 -3.21
N ALA F 171 -14.13 -53.09 -2.02
CA ALA F 171 -13.15 -53.92 -1.38
C ALA F 171 -13.73 -55.26 -0.92
N LEU F 172 -14.93 -55.24 -0.34
CA LEU F 172 -15.59 -56.47 0.10
C LEU F 172 -15.93 -57.38 -1.07
N LYS F 173 -16.48 -56.80 -2.14
CA LYS F 173 -16.75 -57.54 -3.37
C LYS F 173 -15.49 -58.21 -3.90
N TRP F 174 -14.40 -57.45 -3.96
CA TRP F 174 -13.12 -57.96 -4.46
C TRP F 174 -12.55 -59.15 -3.68
N VAL F 175 -12.48 -59.01 -2.35
CA VAL F 175 -12.05 -60.12 -1.48
C VAL F 175 -12.91 -61.37 -1.73
N MET F 176 -14.23 -61.18 -1.76
CA MET F 176 -15.18 -62.26 -2.02
C MET F 176 -14.91 -63.00 -3.32
N SER F 177 -14.36 -62.28 -4.29
CA SER F 177 -14.12 -62.82 -5.62
C SER F 177 -12.74 -63.47 -5.79
N GLN F 178 -11.93 -63.51 -4.74
CA GLN F 178 -10.59 -64.08 -4.86
C GLN F 178 -10.50 -65.50 -4.31
N PRO F 179 -10.03 -66.45 -5.16
CA PRO F 179 -9.87 -67.84 -4.76
C PRO F 179 -8.87 -67.96 -3.62
N PHE F 180 -7.73 -67.25 -3.74
CA PHE F 180 -6.71 -67.19 -2.68
C PHE F 180 -7.27 -66.81 -1.29
N MET F 181 -8.36 -66.03 -1.27
CA MET F 181 -8.99 -65.59 -0.02
C MET F 181 -9.86 -66.67 0.63
N ARG F 182 -10.12 -67.74 -0.13
CA ARG F 182 -10.95 -68.86 0.33
C ARG F 182 -10.06 -69.96 0.90
N ALA F 189 -14.89 -67.13 1.56
CA ALA F 189 -13.99 -66.35 2.41
C ALA F 189 -14.69 -65.98 3.73
N ARG F 190 -13.98 -66.13 4.85
CA ARG F 190 -14.55 -65.85 6.17
C ARG F 190 -14.23 -64.43 6.68
N VAL F 191 -15.07 -63.50 6.25
CA VAL F 191 -14.71 -62.08 6.28
C VAL F 191 -15.19 -61.33 7.51
N PHE F 192 -14.31 -60.48 8.03
CA PHE F 192 -14.60 -59.59 9.10
C PHE F 192 -14.30 -58.18 8.62
N LEU F 193 -15.22 -57.26 8.89
CA LEU F 193 -15.04 -55.83 8.60
C LEU F 193 -14.61 -55.15 9.88
N SER F 194 -13.60 -54.30 9.78
CA SER F 194 -13.04 -53.67 10.96
C SER F 194 -12.53 -52.27 10.60
N GLY F 195 -12.44 -51.41 11.61
CA GLY F 195 -11.91 -50.06 11.40
C GLY F 195 -11.99 -49.27 12.67
N ASP F 196 -11.15 -48.24 12.79
CA ASP F 196 -11.17 -47.37 13.93
C ASP F 196 -11.61 -45.99 13.41
N SER F 197 -12.20 -45.20 14.31
CA SER F 197 -12.57 -43.82 13.98
C SER F 197 -13.54 -43.88 12.78
N SER F 198 -13.27 -43.07 11.74
CA SER F 198 -14.03 -43.10 10.49
C SER F 198 -14.05 -44.49 9.87
N GLY F 199 -13.01 -45.28 10.09
CA GLY F 199 -12.98 -46.60 9.46
C GLY F 199 -14.01 -47.54 10.08
N GLY F 200 -14.31 -47.32 11.35
CA GLY F 200 -15.35 -48.12 12.00
C GLY F 200 -16.74 -47.72 11.50
N ASN F 201 -16.92 -46.43 11.22
CA ASN F 201 -18.14 -45.94 10.56
C ASN F 201 -18.27 -46.59 9.16
N ILE F 202 -17.19 -46.59 8.41
CA ILE F 202 -17.22 -47.19 7.09
C ILE F 202 -17.59 -48.68 7.18
N ALA F 203 -16.99 -49.34 8.18
CA ALA F 203 -17.21 -50.77 8.41
C ALA F 203 -18.72 -51.04 8.65
N HIS F 204 -19.33 -50.25 9.52
CA HIS F 204 -20.77 -50.33 9.76
C HIS F 204 -21.58 -50.25 8.48
N HIS F 205 -21.35 -49.18 7.69
CA HIS F 205 -22.13 -48.95 6.46
C HIS F 205 -21.92 -50.02 5.42
N VAL F 206 -20.69 -50.52 5.32
CA VAL F 206 -20.41 -51.65 4.43
C VAL F 206 -21.14 -52.94 4.88
N ALA F 207 -21.12 -53.21 6.18
CA ALA F 207 -21.83 -54.38 6.74
C ALA F 207 -23.35 -54.32 6.44
N VAL F 208 -23.90 -53.11 6.53
CA VAL F 208 -25.32 -52.87 6.25
C VAL F 208 -25.60 -53.25 4.80
N ARG F 209 -24.79 -52.73 3.89
CA ARG F 209 -24.96 -53.03 2.49
C ARG F 209 -24.79 -54.53 2.22
N ALA F 210 -23.83 -55.17 2.89
CA ALA F 210 -23.60 -56.63 2.76
C ALA F 210 -24.84 -57.40 3.20
N ALA F 211 -25.42 -57.01 4.33
CA ALA F 211 -26.65 -57.62 4.84
C ALA F 211 -27.82 -57.42 3.88
N ASP F 212 -27.97 -56.20 3.36
CA ASP F 212 -28.99 -55.90 2.34
C ASP F 212 -28.88 -56.77 1.08
N GLU F 213 -27.66 -57.11 0.67
CA GLU F 213 -27.44 -57.81 -0.60
C GLU F 213 -27.10 -59.28 -0.38
N GLY F 214 -27.45 -59.79 0.79
CA GLY F 214 -27.11 -61.16 1.16
C GLY F 214 -25.68 -61.50 0.79
N VAL F 215 -24.73 -60.81 1.43
CA VAL F 215 -23.32 -61.22 1.47
C VAL F 215 -22.98 -61.47 2.94
N LYS F 216 -22.50 -62.68 3.22
CA LYS F 216 -22.23 -63.08 4.60
C LYS F 216 -20.93 -62.46 5.10
N VAL F 217 -21.03 -61.82 6.25
CA VAL F 217 -19.90 -61.24 6.96
C VAL F 217 -19.87 -61.86 8.35
N CYS F 218 -18.74 -62.47 8.71
CA CYS F 218 -18.58 -63.17 9.99
C CYS F 218 -18.64 -62.27 11.22
N GLY F 219 -18.32 -60.99 11.05
CA GLY F 219 -18.35 -60.08 12.18
C GLY F 219 -17.77 -58.73 11.84
N ASN F 220 -18.17 -57.74 12.63
CA ASN F 220 -17.64 -56.39 12.63
C ASN F 220 -16.85 -56.13 13.90
N ILE F 221 -15.67 -55.51 13.72
CA ILE F 221 -14.83 -55.14 14.84
C ILE F 221 -14.67 -53.63 14.71
N LEU F 222 -15.31 -52.89 15.63
CA LEU F 222 -15.27 -51.44 15.60
C LEU F 222 -14.48 -50.90 16.75
N LEU F 223 -13.51 -50.03 16.45
CA LEU F 223 -12.73 -49.41 17.52
C LEU F 223 -12.96 -47.89 17.56
N ASN F 224 -13.64 -47.41 18.60
CA ASN F 224 -13.98 -45.99 18.66
C ASN F 224 -14.59 -45.51 17.33
N ALA F 225 -15.48 -46.31 16.78
CA ALA F 225 -16.21 -45.97 15.55
C ALA F 225 -16.78 -44.57 15.68
N MET F 226 -16.70 -43.82 14.58
CA MET F 226 -17.02 -42.41 14.58
C MET F 226 -18.48 -42.17 14.15
N PHE F 227 -19.25 -41.59 15.04
CA PHE F 227 -20.67 -41.26 14.77
C PHE F 227 -20.95 -39.92 15.39
N GLY F 228 -22.00 -39.24 14.93
CA GLY F 228 -22.32 -37.95 15.52
C GLY F 228 -23.81 -37.62 15.49
N GLY F 229 -24.13 -36.35 15.65
CA GLY F 229 -25.52 -35.89 15.59
C GLY F 229 -25.54 -34.40 15.81
N THR F 230 -26.64 -33.76 15.46
CA THR F 230 -26.75 -32.33 15.62
C THR F 230 -26.60 -31.93 17.07
N GLU F 231 -27.28 -32.63 17.98
CA GLU F 231 -27.22 -32.27 19.42
C GLU F 231 -25.96 -32.82 20.07
N ARG F 232 -25.50 -32.18 21.15
CA ARG F 232 -24.38 -32.70 21.93
C ARG F 232 -24.87 -33.76 22.90
N THR F 233 -24.06 -34.80 23.14
CA THR F 233 -24.33 -35.75 24.20
C THR F 233 -23.65 -35.26 25.48
N GLU F 234 -23.95 -35.88 26.61
CA GLU F 234 -23.29 -35.56 27.87
C GLU F 234 -21.78 -35.71 27.76
N SER F 235 -21.33 -36.85 27.20
CA SER F 235 -19.90 -37.15 27.08
C SER F 235 -19.15 -36.11 26.25
N GLU F 236 -19.81 -35.63 25.19
CA GLU F 236 -19.23 -34.61 24.30
C GLU F 236 -18.98 -33.32 25.07
N ARG F 237 -19.99 -32.85 25.82
CA ARG F 237 -19.84 -31.63 26.63
C ARG F 237 -18.81 -31.85 27.73
N ARG F 238 -18.89 -33.00 28.39
CA ARG F 238 -18.04 -33.32 29.53
C ARG F 238 -16.54 -33.42 29.14
N LEU F 239 -16.25 -34.05 28.01
CA LEU F 239 -14.84 -34.41 27.68
C LEU F 239 -14.16 -33.54 26.60
N ASP F 240 -14.93 -32.61 26.03
CA ASP F 240 -14.43 -31.73 25.00
C ASP F 240 -13.13 -31.09 25.46
N GLY F 241 -12.05 -31.33 24.71
CA GLY F 241 -10.78 -30.64 24.95
C GLY F 241 -9.93 -31.27 26.03
N LYS F 242 -10.41 -32.31 26.70
CA LYS F 242 -9.68 -32.86 27.84
C LYS F 242 -8.68 -33.92 27.42
N TYR F 243 -9.01 -34.68 26.37
CA TYR F 243 -8.17 -35.81 25.95
C TYR F 243 -7.97 -35.78 24.44
N PHE F 244 -7.25 -34.73 23.99
CA PHE F 244 -6.84 -34.57 22.57
C PHE F 244 -7.97 -34.08 21.66
N VAL F 245 -9.14 -34.70 21.73
CA VAL F 245 -10.21 -34.38 20.79
C VAL F 245 -11.02 -33.13 21.21
N THR F 246 -11.39 -32.32 20.23
CA THR F 246 -12.27 -31.20 20.47
C THR F 246 -13.51 -31.33 19.58
N LEU F 247 -14.65 -30.84 20.09
CA LEU F 247 -15.87 -30.75 19.32
C LEU F 247 -15.69 -29.84 18.10
N GLN F 248 -14.82 -28.82 18.22
CA GLN F 248 -14.52 -27.99 17.05
C GLN F 248 -14.01 -28.86 15.90
N ASP F 249 -13.02 -29.73 16.17
CA ASP F 249 -12.48 -30.59 15.11
C ASP F 249 -13.48 -31.70 14.69
N ARG F 250 -14.18 -32.28 15.65
CA ARG F 250 -15.24 -33.24 15.33
C ARG F 250 -16.20 -32.64 14.29
N ASP F 251 -16.76 -31.47 14.59
CA ASP F 251 -17.68 -30.81 13.65
C ASP F 251 -17.00 -30.59 12.29
N TRP F 252 -15.72 -30.22 12.33
CA TRP F 252 -14.99 -29.92 11.09
C TRP F 252 -14.94 -31.14 10.18
N TYR F 253 -14.60 -32.32 10.75
CA TYR F 253 -14.45 -33.53 9.92
C TYR F 253 -15.78 -34.00 9.37
N TRP F 254 -16.83 -33.93 10.18
CA TRP F 254 -18.17 -34.25 9.66
C TRP F 254 -18.55 -33.31 8.51
N LYS F 255 -18.24 -32.03 8.66
CA LYS F 255 -18.60 -31.07 7.60
C LYS F 255 -17.81 -31.41 6.37
N ALA F 256 -16.57 -31.86 6.55
CA ALA F 256 -15.69 -32.24 5.45
C ALA F 256 -16.16 -33.48 4.64
N TYR F 257 -16.70 -34.48 5.33
CA TYR F 257 -17.16 -35.71 4.69
C TYR F 257 -18.61 -35.67 4.14
N LEU F 258 -19.50 -35.11 4.95
CA LEU F 258 -20.91 -35.10 4.56
C LEU F 258 -21.18 -34.20 3.33
N PRO F 259 -22.32 -34.47 2.64
CA PRO F 259 -22.74 -33.59 1.56
C PRO F 259 -22.75 -32.12 2.01
N GLU F 260 -22.42 -31.20 1.12
CA GLU F 260 -22.40 -29.77 1.47
C GLU F 260 -23.73 -29.28 2.07
N ASP F 261 -24.83 -29.84 1.60
CA ASP F 261 -26.15 -29.46 2.07
C ASP F 261 -26.51 -30.05 3.45
N ALA F 262 -25.82 -31.14 3.85
CA ALA F 262 -26.21 -31.96 5.03
C ALA F 262 -25.88 -31.38 6.40
N ASP F 263 -26.48 -31.94 7.45
CA ASP F 263 -26.03 -31.69 8.82
C ASP F 263 -25.68 -33.02 9.50
N ARG F 264 -25.38 -33.03 10.79
CA ARG F 264 -24.85 -34.26 11.42
C ARG F 264 -25.95 -35.27 11.73
N ASP F 265 -27.20 -34.95 11.37
CA ASP F 265 -28.27 -35.95 11.46
C ASP F 265 -28.45 -36.68 10.15
N HIS F 266 -27.57 -36.41 9.19
CA HIS F 266 -27.46 -37.24 8.00
C HIS F 266 -27.22 -38.68 8.47
N PRO F 267 -27.87 -39.67 7.83
CA PRO F 267 -27.71 -41.09 8.23
C PRO F 267 -26.30 -41.67 8.19
N ALA F 268 -25.40 -41.08 7.38
CA ALA F 268 -23.99 -41.50 7.35
C ALA F 268 -23.36 -41.29 8.72
N CYS F 269 -23.69 -40.14 9.31
CA CYS F 269 -23.20 -39.69 10.59
C CYS F 269 -24.00 -40.26 11.80
N ASN F 270 -25.34 -40.28 11.66
CA ASN F 270 -26.21 -40.60 12.79
C ASN F 270 -27.17 -41.70 12.33
N PRO F 271 -26.67 -42.95 12.21
CA PRO F 271 -27.37 -44.01 11.50
C PRO F 271 -28.66 -44.47 12.22
N PHE F 272 -28.79 -44.14 13.50
CA PHE F 272 -30.02 -44.47 14.25
C PHE F 272 -30.74 -43.23 14.80
N GLY F 273 -30.41 -42.05 14.27
CA GLY F 273 -31.12 -40.81 14.63
C GLY F 273 -32.33 -40.56 13.71
N PRO F 274 -32.84 -39.31 13.70
CA PRO F 274 -34.11 -38.95 13.04
C PRO F 274 -34.24 -39.37 11.59
N ASN F 275 -33.14 -39.46 10.85
CA ASN F 275 -33.18 -39.83 9.43
C ASN F 275 -32.63 -41.21 9.22
N GLY F 276 -32.49 -41.93 10.33
CA GLY F 276 -31.88 -43.25 10.31
C GLY F 276 -32.77 -44.35 9.81
N ARG F 277 -32.34 -45.57 10.10
CA ARG F 277 -32.95 -46.76 9.55
C ARG F 277 -32.70 -47.83 10.60
N ARG F 278 -33.76 -48.43 11.13
CA ARG F 278 -33.57 -49.52 12.07
C ARG F 278 -33.21 -50.76 11.26
N LEU F 279 -32.48 -51.68 11.88
CA LEU F 279 -31.90 -52.80 11.14
C LEU F 279 -32.48 -54.19 11.49
N GLY F 280 -33.57 -54.20 12.26
CA GLY F 280 -34.32 -55.43 12.53
C GLY F 280 -34.67 -56.16 11.24
N GLY F 281 -34.63 -57.49 11.28
CA GLY F 281 -34.90 -58.23 10.06
C GLY F 281 -33.70 -58.40 9.14
N LEU F 282 -32.79 -57.42 9.07
CA LEU F 282 -31.53 -57.62 8.33
C LEU F 282 -30.64 -58.67 8.99
N PRO F 283 -30.08 -59.59 8.18
CA PRO F 283 -29.10 -60.59 8.62
C PRO F 283 -27.72 -59.91 8.86
N PHE F 284 -27.72 -58.95 9.77
CA PHE F 284 -26.53 -58.15 10.05
C PHE F 284 -25.50 -58.97 10.82
N ALA F 285 -24.23 -58.60 10.67
CA ALA F 285 -23.12 -59.28 11.33
C ALA F 285 -23.18 -59.12 12.83
N LYS F 286 -22.51 -60.05 13.53
CA LYS F 286 -22.21 -59.92 14.95
C LYS F 286 -21.23 -58.74 15.15
N SER F 287 -21.38 -58.02 16.25
CA SER F 287 -20.55 -56.85 16.51
C SER F 287 -19.70 -56.95 17.74
N LEU F 288 -18.41 -56.61 17.56
CA LEU F 288 -17.54 -56.32 18.68
C LEU F 288 -17.27 -54.81 18.65
N ILE F 289 -17.69 -54.13 19.68
CA ILE F 289 -17.68 -52.69 19.72
C ILE F 289 -16.83 -52.23 20.88
N ILE F 290 -15.70 -51.62 20.55
CA ILE F 290 -14.72 -51.24 21.53
C ILE F 290 -14.81 -49.74 21.73
N VAL F 291 -14.91 -49.31 22.96
CA VAL F 291 -15.19 -47.92 23.25
C VAL F 291 -14.25 -47.37 24.32
N SER F 292 -13.50 -46.34 23.96
CA SER F 292 -12.70 -45.60 24.94
C SER F 292 -13.55 -44.72 25.82
N GLY F 293 -13.44 -44.90 27.13
CA GLY F 293 -14.18 -44.05 28.07
C GLY F 293 -13.79 -42.57 28.02
N LEU F 294 -12.58 -42.26 27.54
CA LEU F 294 -12.13 -40.86 27.47
C LEU F 294 -12.18 -40.29 26.04
N ASP F 295 -12.90 -40.98 25.17
CA ASP F 295 -13.28 -40.45 23.87
C ASP F 295 -14.61 -39.72 24.12
N LEU F 296 -14.65 -38.43 23.79
CA LEU F 296 -15.86 -37.64 24.04
C LEU F 296 -17.13 -38.18 23.36
N THR F 297 -16.96 -39.02 22.35
CA THR F 297 -18.12 -39.55 21.65
C THR F 297 -18.58 -40.91 22.19
N CYS F 298 -18.10 -41.30 23.36
CA CYS F 298 -18.45 -42.62 23.88
C CYS F 298 -19.98 -42.82 24.04
N ASP F 299 -20.69 -41.79 24.48
CA ASP F 299 -22.16 -41.87 24.57
C ASP F 299 -22.74 -42.38 23.27
N ARG F 300 -22.31 -41.81 22.14
CA ARG F 300 -22.89 -42.15 20.86
C ARG F 300 -22.55 -43.57 20.41
N GLN F 301 -21.35 -44.05 20.78
CA GLN F 301 -20.96 -45.40 20.38
C GLN F 301 -21.78 -46.43 21.16
N LEU F 302 -21.95 -46.16 22.44
CA LEU F 302 -22.79 -46.97 23.32
C LEU F 302 -24.26 -46.98 22.84
N ALA F 303 -24.78 -45.81 22.46
CA ALA F 303 -26.15 -45.69 21.93
C ALA F 303 -26.29 -46.44 20.62
N TYR F 304 -25.23 -46.45 19.82
CA TYR F 304 -25.17 -47.27 18.61
C TYR F 304 -25.23 -48.76 18.99
N ALA F 305 -24.48 -49.14 20.03
CA ALA F 305 -24.46 -50.56 20.45
C ALA F 305 -25.88 -50.94 20.90
N ASP F 306 -26.47 -50.10 21.76
CA ASP F 306 -27.82 -50.34 22.28
C ASP F 306 -28.83 -50.51 21.17
N ALA F 307 -28.79 -49.61 20.18
CA ALA F 307 -29.71 -49.66 19.06
C ALA F 307 -29.62 -50.99 18.32
N LEU F 308 -28.40 -51.44 18.08
CA LEU F 308 -28.17 -52.78 17.49
C LEU F 308 -28.82 -53.89 18.32
N ARG F 309 -28.58 -53.87 19.63
CA ARG F 309 -29.18 -54.84 20.54
C ARG F 309 -30.71 -54.78 20.45
N GLU F 310 -31.25 -53.57 20.60
CA GLU F 310 -32.69 -53.35 20.38
C GLU F 310 -33.17 -53.94 19.08
N ASP F 311 -32.38 -53.84 18.00
CA ASP F 311 -32.81 -54.36 16.72
C ASP F 311 -32.65 -55.87 16.61
N GLY F 312 -32.31 -56.54 17.73
CA GLY F 312 -32.22 -58.01 17.77
C GLY F 312 -30.87 -58.59 17.38
N HIS F 313 -29.88 -57.71 17.22
CA HIS F 313 -28.59 -58.14 16.74
C HIS F 313 -27.59 -58.46 17.85
N HIS F 314 -26.56 -59.23 17.50
CA HIS F 314 -25.61 -59.77 18.45
C HIS F 314 -24.45 -58.78 18.62
N VAL F 315 -24.22 -58.37 19.87
CA VAL F 315 -23.35 -57.25 20.19
C VAL F 315 -22.56 -57.57 21.45
N LYS F 316 -21.25 -57.35 21.38
CA LYS F 316 -20.38 -57.38 22.56
C LYS F 316 -19.70 -56.02 22.66
N VAL F 317 -19.87 -55.35 23.79
CA VAL F 317 -19.22 -54.06 24.02
C VAL F 317 -18.08 -54.24 24.99
N VAL F 318 -16.91 -53.74 24.58
CA VAL F 318 -15.75 -53.69 25.46
C VAL F 318 -15.52 -52.22 25.78
N GLN F 319 -15.87 -51.82 27.00
CA GLN F 319 -15.66 -50.45 27.43
C GLN F 319 -14.35 -50.37 28.17
N CYS F 320 -13.52 -49.44 27.75
CA CYS F 320 -12.18 -49.28 28.32
C CYS F 320 -12.19 -47.94 29.03
N GLU F 321 -12.58 -47.97 30.29
CA GLU F 321 -12.90 -46.75 31.04
C GLU F 321 -11.74 -45.72 31.10
N ASN F 322 -10.50 -46.21 31.09
CA ASN F 322 -9.34 -45.34 31.25
C ASN F 322 -8.64 -45.03 29.91
N ALA F 323 -9.22 -45.47 28.79
CA ALA F 323 -8.57 -45.31 27.49
C ALA F 323 -8.96 -44.00 26.82
N THR F 324 -8.00 -43.41 26.09
CA THR F 324 -8.20 -42.22 25.27
C THR F 324 -8.36 -42.76 23.86
N VAL F 325 -8.63 -41.90 22.87
CA VAL F 325 -8.51 -42.32 21.48
C VAL F 325 -7.10 -42.88 21.19
N GLY F 326 -6.99 -43.77 20.19
CA GLY F 326 -5.70 -44.31 19.74
C GLY F 326 -4.98 -45.29 20.66
N PHE F 327 -5.61 -45.70 21.77
CA PHE F 327 -4.90 -46.56 22.74
C PHE F 327 -4.48 -47.90 22.13
N TYR F 328 -5.19 -48.35 21.08
CA TYR F 328 -4.91 -49.64 20.42
C TYR F 328 -3.67 -49.54 19.51
N LEU F 329 -3.05 -48.36 19.45
CA LEU F 329 -1.90 -48.12 18.58
C LEU F 329 -0.54 -48.36 19.24
N LEU F 330 -0.53 -48.37 20.56
CA LEU F 330 0.68 -48.53 21.35
C LEU F 330 0.46 -49.59 22.42
N PRO F 331 1.38 -50.57 22.49
CA PRO F 331 1.24 -51.69 23.43
C PRO F 331 1.68 -51.36 24.85
N ASN F 332 0.98 -50.42 25.49
CA ASN F 332 1.46 -49.83 26.73
C ASN F 332 0.40 -49.57 27.81
N THR F 333 -0.78 -50.18 27.67
CA THR F 333 -1.83 -50.08 28.70
C THR F 333 -2.50 -51.44 28.87
N VAL F 334 -3.16 -51.62 30.00
CA VAL F 334 -3.96 -52.85 30.21
C VAL F 334 -5.04 -52.95 29.12
N HIS F 335 -5.61 -51.80 28.71
CA HIS F 335 -6.68 -51.80 27.71
C HIS F 335 -6.22 -52.31 26.36
N TYR F 336 -5.01 -51.95 25.94
CA TYR F 336 -4.44 -52.51 24.73
C TYR F 336 -4.48 -54.04 24.77
N HIS F 337 -3.98 -54.62 25.87
CA HIS F 337 -3.90 -56.09 25.95
C HIS F 337 -5.29 -56.72 26.00
N GLU F 338 -6.15 -56.14 26.81
CA GLU F 338 -7.55 -56.54 26.88
C GLU F 338 -8.19 -56.62 25.51
N VAL F 339 -8.01 -55.58 24.71
CA VAL F 339 -8.65 -55.48 23.40
C VAL F 339 -8.09 -56.46 22.38
N MET F 340 -6.76 -56.65 22.35
CA MET F 340 -6.20 -57.62 21.40
C MET F 340 -6.75 -59.02 21.72
N GLU F 341 -6.85 -59.37 22.99
CA GLU F 341 -7.45 -60.66 23.38
C GLU F 341 -8.93 -60.78 22.96
N GLU F 342 -9.74 -59.75 23.31
CA GLU F 342 -11.17 -59.72 22.90
C GLU F 342 -11.30 -59.90 21.40
N ILE F 343 -10.42 -59.21 20.66
CA ILE F 343 -10.40 -59.39 19.22
C ILE F 343 -10.05 -60.80 18.79
N SER F 344 -8.99 -61.34 19.39
CA SER F 344 -8.61 -62.70 19.08
C SER F 344 -9.76 -63.68 19.38
N ASP F 345 -10.36 -63.53 20.56
CA ASP F 345 -11.50 -64.37 20.96
C ASP F 345 -12.66 -64.31 19.96
N PHE F 346 -13.01 -63.10 19.53
CA PHE F 346 -14.13 -62.87 18.60
C PHE F 346 -13.88 -63.54 17.25
N LEU F 347 -12.64 -63.44 16.75
CA LEU F 347 -12.26 -64.02 15.47
C LEU F 347 -12.32 -65.54 15.57
N ASN F 348 -11.77 -66.06 16.66
CA ASN F 348 -11.79 -67.52 16.92
C ASN F 348 -13.22 -68.06 17.04
N ALA F 349 -14.03 -67.41 17.88
CA ALA F 349 -15.42 -67.83 18.08
C ALA F 349 -16.26 -67.85 16.79
N ASN F 350 -15.86 -67.05 15.80
CA ASN F 350 -16.68 -66.79 14.62
C ASN F 350 -16.11 -67.30 13.33
N LEU F 351 -15.11 -68.15 13.47
CA LEU F 351 -14.54 -68.84 12.32
C LEU F 351 -15.35 -70.14 12.06
N TYR F 352 -15.87 -70.73 13.14
CA TYR F 352 -16.77 -71.91 13.08
C TYR F 352 -16.12 -73.12 12.38
#